data_2LC5
#
_entry.id   2LC5
#
loop_
_entity.id
_entity.type
_entity.pdbx_description
1 polymer 'Calmodulin, putative'
2 non-polymer 'CALCIUM ION'
#
_entity_poly.entity_id   1
_entity_poly.type   'polypeptide(L)'
_entity_poly.pdbx_seq_one_letter_code
;MSEQKKVLTAEEQQEYKEAFQLFDKDNDNKLTAEELGTVMRALGANPTKQKISEIVKDYDKDNSGKFDQETFLTIMLEYG
QEVDSTEDIKKAFEIFDKEKNGYISASELKHVLTTLGEKLTEQEVDDLLKEIGVEEGLINVDDFVKLITSK
;
_entity_poly.pdbx_strand_id   A
#
loop_
_chem_comp.id
_chem_comp.type
_chem_comp.name
_chem_comp.formula
CA non-polymer 'CALCIUM ION' 'Ca 2'
#
# COMPACT_ATOMS: atom_id res chain seq x y z
N MET A 1 27.11 -4.87 1.29
CA MET A 1 26.65 -3.52 1.55
C MET A 1 26.23 -3.36 3.01
N SER A 2 26.79 -2.34 3.67
CA SER A 2 26.48 -2.09 5.07
C SER A 2 25.13 -1.39 5.22
N GLU A 3 24.87 -0.43 4.34
CA GLU A 3 23.61 0.31 4.36
C GLU A 3 22.57 -0.35 3.46
N GLN A 4 21.31 -0.05 3.72
CA GLN A 4 20.21 -0.62 2.94
C GLN A 4 19.04 0.36 2.85
N LYS A 5 18.35 0.33 1.72
CA LYS A 5 17.20 1.22 1.51
C LYS A 5 15.94 0.40 1.21
N LYS A 6 14.95 0.53 2.08
CA LYS A 6 13.68 -0.18 1.90
C LYS A 6 12.62 0.74 1.33
N VAL A 7 13.04 1.71 0.52
CA VAL A 7 12.11 2.65 -0.09
C VAL A 7 12.64 3.12 -1.45
N LEU A 8 11.74 3.16 -2.43
CA LEU A 8 12.10 3.60 -3.78
C LEU A 8 13.25 2.75 -4.32
N THR A 9 13.37 1.53 -3.82
CA THR A 9 14.43 0.62 -4.26
C THR A 9 13.88 -0.79 -4.48
N ALA A 10 14.70 -1.65 -5.05
CA ALA A 10 14.29 -3.04 -5.32
C ALA A 10 13.74 -3.69 -4.06
N GLU A 11 14.32 -3.35 -2.91
CA GLU A 11 13.87 -3.91 -1.64
C GLU A 11 12.40 -3.59 -1.39
N GLU A 12 11.99 -2.38 -1.75
CA GLU A 12 10.61 -1.94 -1.56
C GLU A 12 9.68 -2.67 -2.52
N GLN A 13 10.15 -2.86 -3.75
CA GLN A 13 9.36 -3.55 -4.77
C GLN A 13 9.05 -4.98 -4.35
N GLN A 14 10.10 -5.71 -3.95
CA GLN A 14 9.93 -7.09 -3.53
C GLN A 14 9.15 -7.18 -2.22
N GLU A 15 9.44 -6.27 -1.30
CA GLU A 15 8.75 -6.25 -0.02
C GLU A 15 7.25 -6.11 -0.20
N TYR A 16 6.85 -5.19 -1.06
CA TYR A 16 5.43 -4.95 -1.33
C TYR A 16 4.84 -6.09 -2.16
N LYS A 17 5.63 -6.61 -3.09
CA LYS A 17 5.18 -7.70 -3.95
C LYS A 17 4.76 -8.90 -3.12
N GLU A 18 5.59 -9.28 -2.15
CA GLU A 18 5.30 -10.41 -1.29
C GLU A 18 4.23 -10.06 -0.27
N ALA A 19 4.21 -8.80 0.15
CA ALA A 19 3.23 -8.34 1.13
C ALA A 19 1.81 -8.47 0.59
N PHE A 20 1.59 -7.95 -0.61
CA PHE A 20 0.27 -8.02 -1.23
C PHE A 20 -0.02 -9.43 -1.75
N GLN A 21 1.02 -10.13 -2.18
CA GLN A 21 0.88 -11.48 -2.70
C GLN A 21 0.44 -12.43 -1.59
N LEU A 22 1.09 -12.33 -0.44
CA LEU A 22 0.76 -13.19 0.70
C LEU A 22 -0.64 -12.87 1.24
N PHE A 23 -1.03 -11.61 1.13
CA PHE A 23 -2.34 -11.19 1.61
C PHE A 23 -3.38 -11.23 0.49
N ASP A 24 -3.05 -11.97 -0.57
CA ASP A 24 -3.94 -12.11 -1.72
C ASP A 24 -3.94 -13.53 -2.25
N LYS A 25 -4.49 -14.45 -1.46
CA LYS A 25 -4.55 -15.85 -1.84
C LYS A 25 -5.60 -16.08 -2.92
N ASP A 26 -6.58 -15.19 -2.98
CA ASP A 26 -7.65 -15.29 -3.96
C ASP A 26 -7.11 -15.07 -5.37
N ASN A 27 -5.90 -14.54 -5.45
CA ASN A 27 -5.26 -14.28 -6.74
C ASN A 27 -6.04 -13.23 -7.53
N ASP A 28 -6.31 -12.10 -6.89
CA ASP A 28 -7.06 -11.01 -7.52
C ASP A 28 -6.11 -9.90 -7.96
N ASN A 29 -4.86 -9.98 -7.52
CA ASN A 29 -3.86 -8.97 -7.86
C ASN A 29 -4.21 -7.62 -7.25
N LYS A 30 -5.15 -7.63 -6.31
CA LYS A 30 -5.58 -6.40 -5.64
C LYS A 30 -6.00 -6.69 -4.20
N LEU A 31 -6.11 -5.63 -3.41
CA LEU A 31 -6.51 -5.76 -2.01
C LEU A 31 -7.64 -4.80 -1.66
N THR A 32 -8.65 -5.30 -0.96
CA THR A 32 -9.79 -4.49 -0.57
C THR A 32 -9.42 -3.53 0.57
N ALA A 33 -10.35 -2.66 0.93
CA ALA A 33 -10.13 -1.70 2.00
C ALA A 33 -9.58 -2.39 3.25
N GLU A 34 -10.27 -3.44 3.68
CA GLU A 34 -9.86 -4.18 4.87
C GLU A 34 -8.41 -4.67 4.74
N GLU A 35 -8.11 -5.28 3.59
CA GLU A 35 -6.77 -5.79 3.33
C GLU A 35 -5.74 -4.66 3.36
N LEU A 36 -6.05 -3.57 2.66
CA LEU A 36 -5.16 -2.42 2.60
C LEU A 36 -4.88 -1.87 4.00
N GLY A 37 -5.91 -1.89 4.85
CA GLY A 37 -5.75 -1.39 6.21
C GLY A 37 -4.72 -2.16 7.00
N THR A 38 -4.60 -3.46 6.70
CA THR A 38 -3.64 -4.31 7.39
C THR A 38 -2.22 -3.98 6.97
N VAL A 39 -2.00 -3.85 5.67
CA VAL A 39 -0.68 -3.53 5.14
C VAL A 39 -0.30 -2.08 5.43
N MET A 40 -1.30 -1.20 5.42
CA MET A 40 -1.07 0.21 5.68
C MET A 40 -0.64 0.43 7.14
N ARG A 41 -1.17 -0.40 8.03
CA ARG A 41 -0.85 -0.29 9.45
C ARG A 41 0.65 -0.36 9.67
N ALA A 42 1.33 -1.14 8.85
CA ALA A 42 2.78 -1.29 8.96
C ALA A 42 3.49 0.01 8.59
N LEU A 43 2.83 0.84 7.80
CA LEU A 43 3.40 2.12 7.37
C LEU A 43 3.07 3.22 8.38
N GLY A 44 1.91 3.11 9.01
CA GLY A 44 1.49 4.09 9.98
C GLY A 44 1.64 3.60 11.41
N ALA A 45 0.51 3.39 12.09
CA ALA A 45 0.52 2.92 13.46
C ALA A 45 -0.52 1.82 13.68
N ASN A 46 -1.79 2.22 13.75
CA ASN A 46 -2.87 1.27 13.95
C ASN A 46 -4.22 1.98 13.91
N PRO A 47 -4.59 2.47 12.72
CA PRO A 47 -5.87 3.16 12.51
C PRO A 47 -7.07 2.23 12.62
N THR A 48 -8.27 2.80 12.50
CA THR A 48 -9.49 2.01 12.59
C THR A 48 -9.98 1.62 11.20
N LYS A 49 -10.74 0.52 11.13
CA LYS A 49 -11.27 0.03 9.87
C LYS A 49 -12.20 1.05 9.24
N GLN A 50 -12.94 1.77 10.08
CA GLN A 50 -13.88 2.79 9.60
C GLN A 50 -13.13 3.97 8.98
N LYS A 51 -11.98 4.30 9.56
CA LYS A 51 -11.17 5.41 9.07
C LYS A 51 -10.54 5.07 7.73
N ILE A 52 -9.90 3.91 7.66
CA ILE A 52 -9.26 3.46 6.43
C ILE A 52 -10.28 3.21 5.33
N SER A 53 -11.45 2.71 5.72
CA SER A 53 -12.51 2.43 4.77
C SER A 53 -13.02 3.71 4.11
N GLU A 54 -13.00 4.80 4.87
CA GLU A 54 -13.45 6.09 4.37
C GLU A 54 -12.45 6.68 3.38
N ILE A 55 -11.17 6.44 3.65
CA ILE A 55 -10.10 6.94 2.79
C ILE A 55 -10.02 6.15 1.49
N VAL A 56 -10.32 4.85 1.57
CA VAL A 56 -10.30 3.98 0.40
C VAL A 56 -11.45 4.28 -0.54
N LYS A 57 -12.62 4.54 0.04
CA LYS A 57 -13.82 4.84 -0.75
C LYS A 57 -13.72 6.24 -1.35
N ASP A 58 -12.96 7.11 -0.70
CA ASP A 58 -12.79 8.48 -1.18
C ASP A 58 -11.62 8.58 -2.15
N TYR A 59 -10.61 7.75 -1.94
CA TYR A 59 -9.42 7.74 -2.78
C TYR A 59 -9.64 6.86 -4.00
N ASP A 60 -10.50 5.86 -3.86
CA ASP A 60 -10.79 4.94 -4.95
C ASP A 60 -12.28 4.96 -5.30
N LYS A 61 -12.71 6.06 -5.93
CA LYS A 61 -14.10 6.22 -6.31
C LYS A 61 -14.24 6.18 -7.84
N ASP A 62 -13.17 6.49 -8.53
CA ASP A 62 -13.16 6.48 -10.00
C ASP A 62 -12.79 5.11 -10.54
N ASN A 63 -12.71 4.13 -9.64
CA ASN A 63 -12.35 2.78 -10.03
C ASN A 63 -13.20 1.75 -9.28
N SER A 64 -12.89 1.56 -8.00
CA SER A 64 -13.63 0.61 -7.16
C SER A 64 -13.12 0.65 -5.73
N GLY A 65 -13.55 -0.32 -4.92
CA GLY A 65 -13.14 -0.39 -3.54
C GLY A 65 -11.96 -1.32 -3.32
N LYS A 66 -11.13 -1.47 -4.35
CA LYS A 66 -9.97 -2.34 -4.27
C LYS A 66 -8.68 -1.55 -4.52
N PHE A 67 -7.55 -2.17 -4.20
CA PHE A 67 -6.26 -1.53 -4.37
C PHE A 67 -5.37 -2.32 -5.32
N ASP A 68 -4.70 -1.63 -6.23
CA ASP A 68 -3.82 -2.27 -7.20
C ASP A 68 -2.36 -1.93 -6.92
N GLN A 69 -1.49 -2.94 -7.01
CA GLN A 69 -0.07 -2.74 -6.76
C GLN A 69 0.46 -1.54 -7.54
N GLU A 70 0.01 -1.41 -8.79
CA GLU A 70 0.44 -0.30 -9.64
C GLU A 70 0.16 1.04 -8.96
N THR A 71 -0.97 1.13 -8.27
CA THR A 71 -1.35 2.36 -7.58
C THR A 71 -0.39 2.66 -6.44
N PHE A 72 -0.05 1.63 -5.67
CA PHE A 72 0.87 1.79 -4.55
C PHE A 72 2.28 2.11 -5.03
N LEU A 73 2.68 1.43 -6.10
CA LEU A 73 4.02 1.64 -6.67
C LEU A 73 4.15 3.04 -7.26
N THR A 74 3.06 3.53 -7.86
CA THR A 74 3.07 4.86 -8.46
C THR A 74 3.10 5.95 -7.40
N ILE A 75 2.32 5.76 -6.33
CA ILE A 75 2.28 6.73 -5.25
C ILE A 75 3.61 6.80 -4.50
N MET A 76 4.16 5.64 -4.19
CA MET A 76 5.44 5.55 -3.49
C MET A 76 6.58 6.06 -4.37
N LEU A 77 6.42 5.90 -5.68
CA LEU A 77 7.43 6.34 -6.64
C LEU A 77 7.39 7.86 -6.82
N GLU A 78 6.18 8.41 -6.81
CA GLU A 78 6.00 9.84 -6.98
C GLU A 78 6.41 10.60 -5.73
N TYR A 79 6.27 9.94 -4.57
CA TYR A 79 6.63 10.56 -3.30
C TYR A 79 8.15 10.60 -3.13
N GLY A 80 8.83 9.60 -3.67
CA GLY A 80 10.28 9.54 -3.57
C GLY A 80 10.74 8.77 -2.35
N GLN A 81 9.85 8.60 -1.38
CA GLN A 81 10.18 7.88 -0.16
C GLN A 81 8.96 7.79 0.77
N GLU A 82 8.15 8.84 0.77
CA GLU A 82 6.96 8.89 1.61
C GLU A 82 7.34 9.01 3.09
N VAL A 83 7.79 7.90 3.66
CA VAL A 83 8.19 7.87 5.05
C VAL A 83 9.64 8.30 5.23
N ASP A 84 9.92 9.01 6.32
CA ASP A 84 11.27 9.47 6.61
C ASP A 84 11.94 8.61 7.67
N SER A 85 11.13 8.02 8.55
CA SER A 85 11.64 7.17 9.61
C SER A 85 11.74 5.71 9.13
CA CA B . -7.63 -10.48 -1.97
CA CA C . -8.54 3.42 -7.96
N MET A 1 29.44 2.93 8.45
CA MET A 1 30.11 1.79 7.85
C MET A 1 29.56 1.49 6.46
N SER A 2 28.25 1.28 6.39
CA SER A 2 27.59 0.99 5.11
C SER A 2 26.12 1.41 5.14
N GLU A 3 25.79 2.41 4.33
CA GLU A 3 24.42 2.91 4.27
C GLU A 3 23.51 1.93 3.53
N GLN A 4 22.21 2.12 3.66
CA GLN A 4 21.23 1.26 3.00
C GLN A 4 19.98 2.03 2.61
N LYS A 5 19.39 1.65 1.49
CA LYS A 5 18.18 2.31 1.00
C LYS A 5 17.02 1.33 0.89
N LYS A 6 15.97 1.57 1.67
CA LYS A 6 14.79 0.71 1.66
C LYS A 6 13.66 1.35 0.86
N VAL A 7 14.01 2.19 -0.09
CA VAL A 7 13.03 2.86 -0.93
C VAL A 7 13.52 3.01 -2.37
N LEU A 8 12.59 2.98 -3.31
CA LEU A 8 12.93 3.10 -4.73
C LEU A 8 14.02 2.11 -5.11
N THR A 9 14.05 0.97 -4.43
CA THR A 9 15.04 -0.06 -4.71
C THR A 9 14.40 -1.44 -4.76
N ALA A 10 15.17 -2.43 -5.19
CA ALA A 10 14.68 -3.80 -5.30
C ALA A 10 14.03 -4.25 -3.99
N GLU A 11 14.61 -3.83 -2.87
CA GLU A 11 14.09 -4.19 -1.55
C GLU A 11 12.65 -3.72 -1.39
N GLU A 12 12.41 -2.44 -1.71
CA GLU A 12 11.07 -1.87 -1.60
C GLU A 12 10.09 -2.59 -2.53
N GLN A 13 10.56 -2.89 -3.74
CA GLN A 13 9.73 -3.57 -4.72
C GLN A 13 9.23 -4.91 -4.18
N GLN A 14 10.17 -5.74 -3.72
CA GLN A 14 9.82 -7.05 -3.17
C GLN A 14 9.01 -6.92 -1.89
N GLU A 15 9.26 -5.85 -1.15
CA GLU A 15 8.55 -5.60 0.10
C GLU A 15 7.07 -5.39 -0.14
N TYR A 16 6.75 -4.54 -1.12
CA TYR A 16 5.36 -4.26 -1.46
C TYR A 16 4.74 -5.41 -2.25
N LYS A 17 5.57 -6.10 -3.03
CA LYS A 17 5.11 -7.22 -3.84
C LYS A 17 4.63 -8.37 -2.95
N GLU A 18 5.45 -8.72 -1.96
CA GLU A 18 5.11 -9.79 -1.04
C GLU A 18 4.03 -9.36 -0.06
N ALA A 19 4.03 -8.08 0.30
CA ALA A 19 3.06 -7.54 1.23
C ALA A 19 1.64 -7.67 0.67
N PHE A 20 1.45 -7.23 -0.56
CA PHE A 20 0.15 -7.30 -1.21
C PHE A 20 -0.18 -8.74 -1.62
N GLN A 21 0.81 -9.43 -2.17
CA GLN A 21 0.63 -10.81 -2.59
C GLN A 21 0.22 -11.70 -1.43
N LEU A 22 0.95 -11.58 -0.32
CA LEU A 22 0.68 -12.37 0.87
C LEU A 22 -0.72 -12.10 1.39
N PHE A 23 -1.15 -10.85 1.30
CA PHE A 23 -2.48 -10.46 1.75
C PHE A 23 -3.52 -10.70 0.67
N ASP A 24 -3.09 -11.27 -0.44
CA ASP A 24 -3.99 -11.56 -1.55
C ASP A 24 -4.11 -13.06 -1.79
N LYS A 25 -4.75 -13.75 -0.85
CA LYS A 25 -4.93 -15.19 -0.96
C LYS A 25 -5.53 -15.57 -2.31
N ASP A 26 -6.33 -14.67 -2.87
CA ASP A 26 -6.96 -14.90 -4.16
C ASP A 26 -6.00 -14.59 -5.30
N ASN A 27 -6.53 -14.56 -6.52
CA ASN A 27 -5.71 -14.28 -7.70
C ASN A 27 -6.12 -12.95 -8.33
N ASP A 28 -6.71 -12.08 -7.54
CA ASP A 28 -7.16 -10.78 -8.01
C ASP A 28 -5.97 -9.82 -8.17
N ASN A 29 -4.88 -10.13 -7.47
CA ASN A 29 -3.68 -9.30 -7.53
C ASN A 29 -3.96 -7.91 -6.97
N LYS A 30 -5.01 -7.80 -6.16
CA LYS A 30 -5.38 -6.52 -5.56
C LYS A 30 -5.77 -6.70 -4.10
N LEU A 31 -5.89 -5.59 -3.38
CA LEU A 31 -6.26 -5.63 -1.97
C LEU A 31 -7.39 -4.64 -1.68
N THR A 32 -8.48 -5.15 -1.13
CA THR A 32 -9.63 -4.31 -0.80
C THR A 32 -9.36 -3.47 0.44
N ALA A 33 -10.31 -2.60 0.78
CA ALA A 33 -10.18 -1.74 1.94
C ALA A 33 -9.71 -2.53 3.16
N GLU A 34 -10.32 -3.69 3.38
CA GLU A 34 -9.97 -4.54 4.51
C GLU A 34 -8.50 -4.96 4.44
N GLU A 35 -8.09 -5.44 3.27
CA GLU A 35 -6.72 -5.89 3.06
C GLU A 35 -5.75 -4.73 3.22
N LEU A 36 -6.15 -3.55 2.74
CA LEU A 36 -5.32 -2.36 2.83
C LEU A 36 -5.05 -1.99 4.28
N GLY A 37 -6.06 -2.15 5.13
CA GLY A 37 -5.92 -1.83 6.53
C GLY A 37 -4.88 -2.69 7.22
N THR A 38 -4.79 -3.96 6.80
CA THR A 38 -3.84 -4.89 7.39
C THR A 38 -2.40 -4.54 6.98
N VAL A 39 -2.22 -4.24 5.69
CA VAL A 39 -0.91 -3.89 5.17
C VAL A 39 -0.48 -2.50 5.64
N MET A 40 -1.45 -1.60 5.71
CA MET A 40 -1.18 -0.23 6.15
C MET A 40 -0.83 -0.18 7.63
N ARG A 41 -1.44 -1.07 8.40
CA ARG A 41 -1.18 -1.13 9.84
C ARG A 41 0.31 -1.27 10.12
N ALA A 42 1.00 -2.02 9.27
CA ALA A 42 2.43 -2.23 9.43
C ALA A 42 3.21 -0.94 9.20
N LEU A 43 2.62 -0.03 8.42
CA LEU A 43 3.25 1.24 8.12
C LEU A 43 2.85 2.31 9.13
N GLY A 44 1.65 2.19 9.67
CA GLY A 44 1.17 3.14 10.65
C GLY A 44 1.25 2.61 12.07
N ALA A 45 0.09 2.37 12.68
CA ALA A 45 0.04 1.85 14.04
C ALA A 45 -1.03 0.78 14.18
N ASN A 46 -2.29 1.21 14.23
CA ASN A 46 -3.41 0.28 14.36
C ASN A 46 -4.74 1.02 14.29
N PRO A 47 -5.05 1.55 13.10
CA PRO A 47 -6.29 2.30 12.86
C PRO A 47 -7.53 1.39 12.89
N THR A 48 -8.67 1.95 12.51
CA THR A 48 -9.91 1.19 12.49
C THR A 48 -10.35 0.89 11.06
N LYS A 49 -11.13 -0.17 10.89
CA LYS A 49 -11.62 -0.56 9.59
C LYS A 49 -12.51 0.52 8.99
N GLN A 50 -13.28 1.19 9.84
CA GLN A 50 -14.16 2.25 9.40
C GLN A 50 -13.37 3.44 8.86
N LYS A 51 -12.27 3.76 9.53
CA LYS A 51 -11.43 4.88 9.12
C LYS A 51 -10.75 4.59 7.78
N ILE A 52 -10.24 3.37 7.64
CA ILE A 52 -9.57 2.97 6.41
C ILE A 52 -10.56 2.90 5.25
N SER A 53 -11.77 2.42 5.54
CA SER A 53 -12.80 2.29 4.52
C SER A 53 -13.17 3.66 3.95
N GLU A 54 -13.09 4.69 4.78
CA GLU A 54 -13.41 6.04 4.36
C GLU A 54 -12.32 6.60 3.47
N ILE A 55 -11.07 6.24 3.76
CA ILE A 55 -9.94 6.72 2.97
C ILE A 55 -9.86 6.01 1.63
N VAL A 56 -10.28 4.74 1.61
CA VAL A 56 -10.26 3.95 0.38
C VAL A 56 -11.25 4.51 -0.64
N LYS A 57 -12.43 4.89 -0.17
CA LYS A 57 -13.46 5.44 -1.04
C LYS A 57 -13.10 6.86 -1.49
N ASP A 58 -12.33 7.56 -0.66
CA ASP A 58 -11.92 8.92 -0.97
C ASP A 58 -10.67 8.91 -1.86
N TYR A 59 -9.89 7.84 -1.78
CA TYR A 59 -8.67 7.72 -2.57
C TYR A 59 -8.97 7.03 -3.90
N ASP A 60 -9.90 6.08 -3.88
CA ASP A 60 -10.26 5.34 -5.08
C ASP A 60 -11.77 5.37 -5.30
N LYS A 61 -12.25 6.43 -5.95
CA LYS A 61 -13.68 6.59 -6.22
C LYS A 61 -13.96 6.48 -7.71
N ASP A 62 -12.92 6.67 -8.52
CA ASP A 62 -13.06 6.59 -9.97
C ASP A 62 -12.83 5.16 -10.45
N ASN A 63 -12.72 4.23 -9.51
CA ASN A 63 -12.50 2.83 -9.83
C ASN A 63 -13.28 1.91 -8.89
N SER A 64 -12.79 1.79 -7.66
CA SER A 64 -13.45 0.95 -6.66
C SER A 64 -12.69 0.99 -5.34
N GLY A 65 -13.05 0.10 -4.43
CA GLY A 65 -12.41 0.05 -3.13
C GLY A 65 -11.30 -0.99 -3.07
N LYS A 66 -10.60 -1.17 -4.19
CA LYS A 66 -9.53 -2.15 -4.25
C LYS A 66 -8.20 -1.47 -4.60
N PHE A 67 -7.10 -2.10 -4.20
CA PHE A 67 -5.77 -1.56 -4.47
C PHE A 67 -5.01 -2.44 -5.45
N ASP A 68 -4.34 -1.81 -6.41
CA ASP A 68 -3.58 -2.52 -7.41
C ASP A 68 -2.08 -2.31 -7.22
N GLN A 69 -1.30 -3.38 -7.36
CA GLN A 69 0.14 -3.30 -7.20
C GLN A 69 0.72 -2.11 -7.97
N GLU A 70 0.26 -1.93 -9.21
CA GLU A 70 0.72 -0.84 -10.04
C GLU A 70 0.36 0.52 -9.44
N THR A 71 -0.87 0.61 -8.93
CA THR A 71 -1.35 1.84 -8.32
C THR A 71 -0.51 2.22 -7.10
N PHE A 72 -0.21 1.22 -6.27
CA PHE A 72 0.59 1.45 -5.07
C PHE A 72 2.01 1.87 -5.43
N LEU A 73 2.59 1.21 -6.42
CA LEU A 73 3.94 1.53 -6.87
C LEU A 73 4.01 2.93 -7.47
N THR A 74 2.92 3.33 -8.14
CA THR A 74 2.87 4.65 -8.76
C THR A 74 2.74 5.75 -7.71
N ILE A 75 2.00 5.47 -6.65
CA ILE A 75 1.80 6.43 -5.57
C ILE A 75 3.08 6.63 -4.78
N MET A 76 3.72 5.54 -4.39
CA MET A 76 4.96 5.59 -3.62
C MET A 76 6.09 6.14 -4.48
N LEU A 77 5.99 5.96 -5.80
CA LEU A 77 7.00 6.44 -6.72
C LEU A 77 6.86 7.93 -6.98
N GLU A 78 5.61 8.39 -7.07
CA GLU A 78 5.33 9.80 -7.31
C GLU A 78 5.60 10.63 -6.06
N TYR A 79 5.49 9.98 -4.90
CA TYR A 79 5.73 10.66 -3.63
C TYR A 79 7.21 10.84 -3.37
N GLY A 80 8.02 9.97 -3.95
CA GLY A 80 9.45 10.05 -3.77
C GLY A 80 9.87 9.95 -2.32
N GLN A 81 10.17 8.73 -1.87
CA GLN A 81 10.58 8.52 -0.49
C GLN A 81 12.00 9.00 -0.25
N GLU A 82 12.98 8.24 -0.74
CA GLU A 82 14.38 8.60 -0.58
C GLU A 82 14.79 8.57 0.89
N VAL A 83 13.94 7.97 1.72
CA VAL A 83 14.20 7.87 3.15
C VAL A 83 14.71 6.48 3.52
N ASP A 84 15.23 6.35 4.73
CA ASP A 84 15.74 5.07 5.22
C ASP A 84 15.05 4.65 6.50
N SER A 85 14.74 3.36 6.61
CA SER A 85 14.06 2.83 7.79
C SER A 85 12.80 3.63 8.09
CA CA B . -8.63 -11.00 -3.91
CA CA C . -8.27 3.25 -8.40
N MET A 1 10.11 -8.57 14.10
CA MET A 1 10.12 -8.35 12.67
C MET A 1 8.94 -7.48 12.24
N SER A 2 9.23 -6.43 11.48
CA SER A 2 8.19 -5.51 11.02
C SER A 2 8.59 -4.88 9.68
N GLU A 3 7.70 -4.04 9.15
CA GLU A 3 7.96 -3.39 7.87
C GLU A 3 8.17 -1.88 8.08
N GLN A 4 9.18 -1.35 7.39
CA GLN A 4 9.49 0.07 7.49
C GLN A 4 10.06 0.61 6.19
N LYS A 5 9.72 1.85 5.85
CA LYS A 5 10.21 2.47 4.62
C LYS A 5 11.19 3.60 4.94
N LYS A 6 12.45 3.38 4.60
CA LYS A 6 13.48 4.39 4.84
C LYS A 6 14.08 4.87 3.53
N VAL A 7 14.07 4.00 2.51
CA VAL A 7 14.60 4.35 1.21
C VAL A 7 13.85 3.64 0.10
N LEU A 8 13.99 4.13 -1.13
CA LEU A 8 13.32 3.54 -2.28
C LEU A 8 14.30 2.73 -3.12
N THR A 9 14.30 1.41 -2.93
CA THR A 9 15.18 0.53 -3.67
C THR A 9 14.43 -0.69 -4.18
N ALA A 10 15.09 -1.47 -5.04
CA ALA A 10 14.49 -2.67 -5.60
C ALA A 10 13.91 -3.56 -4.51
N GLU A 11 14.58 -3.61 -3.37
CA GLU A 11 14.14 -4.42 -2.24
C GLU A 11 12.77 -3.97 -1.75
N GLU A 12 12.56 -2.66 -1.73
CA GLU A 12 11.29 -2.08 -1.28
C GLU A 12 10.17 -2.42 -2.26
N GLN A 13 10.46 -2.29 -3.55
CA GLN A 13 9.47 -2.58 -4.58
C GLN A 13 9.02 -4.04 -4.52
N GLN A 14 9.99 -4.95 -4.52
CA GLN A 14 9.69 -6.38 -4.46
C GLN A 14 9.03 -6.73 -3.14
N GLU A 15 9.47 -6.08 -2.05
CA GLU A 15 8.91 -6.35 -0.73
C GLU A 15 7.43 -5.95 -0.67
N TYR A 16 7.10 -4.84 -1.33
CA TYR A 16 5.73 -4.35 -1.35
C TYR A 16 4.86 -5.20 -2.26
N LYS A 17 5.42 -5.60 -3.40
CA LYS A 17 4.69 -6.43 -4.35
C LYS A 17 4.36 -7.79 -3.76
N GLU A 18 5.32 -8.37 -3.03
CA GLU A 18 5.12 -9.67 -2.40
C GLU A 18 4.20 -9.57 -1.19
N ALA A 19 4.27 -8.43 -0.50
CA ALA A 19 3.44 -8.19 0.67
C ALA A 19 1.96 -8.19 0.31
N PHE A 20 1.62 -7.48 -0.76
CA PHE A 20 0.25 -7.39 -1.22
C PHE A 20 -0.23 -8.71 -1.80
N GLN A 21 0.63 -9.34 -2.59
CA GLN A 21 0.30 -10.62 -3.21
C GLN A 21 0.10 -11.70 -2.15
N LEU A 22 0.98 -11.72 -1.16
CA LEU A 22 0.90 -12.70 -0.08
C LEU A 22 -0.40 -12.54 0.71
N PHE A 23 -0.87 -11.30 0.81
CA PHE A 23 -2.11 -11.01 1.54
C PHE A 23 -3.32 -11.23 0.65
N ASP A 24 -3.08 -11.57 -0.61
CA ASP A 24 -4.15 -11.82 -1.55
C ASP A 24 -4.13 -13.26 -2.05
N LYS A 25 -4.59 -14.18 -1.20
CA LYS A 25 -4.61 -15.59 -1.56
C LYS A 25 -5.50 -15.84 -2.77
N ASP A 26 -6.45 -14.94 -2.99
CA ASP A 26 -7.38 -15.06 -4.12
C ASP A 26 -6.65 -14.78 -5.43
N ASN A 27 -7.43 -14.64 -6.50
CA ASN A 27 -6.87 -14.37 -7.82
C ASN A 27 -7.25 -12.99 -8.30
N ASP A 28 -7.58 -12.11 -7.37
CA ASP A 28 -7.98 -10.74 -7.70
C ASP A 28 -6.75 -9.88 -7.97
N ASN A 29 -5.61 -10.27 -7.41
CA ASN A 29 -4.36 -9.54 -7.59
C ASN A 29 -4.47 -8.14 -7.00
N LYS A 30 -5.35 -7.99 -6.01
CA LYS A 30 -5.55 -6.70 -5.36
C LYS A 30 -5.93 -6.90 -3.89
N LEU A 31 -5.94 -5.80 -3.14
CA LEU A 31 -6.29 -5.84 -1.73
C LEU A 31 -7.50 -4.96 -1.43
N THR A 32 -8.53 -5.55 -0.84
CA THR A 32 -9.75 -4.82 -0.51
C THR A 32 -9.54 -3.92 0.70
N ALA A 33 -10.54 -3.13 1.02
CA ALA A 33 -10.46 -2.21 2.16
C ALA A 33 -9.97 -2.94 3.41
N GLU A 34 -10.36 -4.21 3.55
CA GLU A 34 -9.96 -5.01 4.69
C GLU A 34 -8.46 -5.31 4.65
N GLU A 35 -7.99 -5.78 3.49
CA GLU A 35 -6.59 -6.11 3.32
C GLU A 35 -5.71 -4.86 3.40
N LEU A 36 -6.23 -3.75 2.89
CA LEU A 36 -5.50 -2.49 2.90
C LEU A 36 -5.33 -1.98 4.33
N GLY A 37 -6.40 -2.07 5.12
CA GLY A 37 -6.34 -1.62 6.50
C GLY A 37 -5.28 -2.35 7.31
N THR A 38 -5.04 -3.62 6.97
CA THR A 38 -4.06 -4.42 7.66
C THR A 38 -2.64 -3.96 7.33
N VAL A 39 -2.38 -3.76 6.04
CA VAL A 39 -1.07 -3.32 5.59
C VAL A 39 -0.81 -1.87 5.96
N MET A 40 -1.88 -1.06 5.94
CA MET A 40 -1.76 0.35 6.28
C MET A 40 -1.48 0.54 7.77
N ARG A 41 -2.03 -0.36 8.58
CA ARG A 41 -1.84 -0.28 10.03
C ARG A 41 -0.35 -0.25 10.38
N ALA A 42 0.45 -0.95 9.60
CA ALA A 42 1.89 -0.99 9.82
C ALA A 42 2.54 0.33 9.44
N LEU A 43 1.90 1.07 8.56
CA LEU A 43 2.42 2.36 8.11
C LEU A 43 1.89 3.49 8.98
N GLY A 44 0.73 3.27 9.58
CA GLY A 44 0.14 4.28 10.44
C GLY A 44 0.08 3.85 11.89
N ALA A 45 -0.93 3.06 12.23
CA ALA A 45 -1.09 2.57 13.59
C ALA A 45 -1.36 3.72 14.55
N ASN A 46 -2.63 4.13 14.64
CA ASN A 46 -3.01 5.23 15.52
C ASN A 46 -4.51 5.50 15.41
N PRO A 47 -4.96 5.87 14.21
CA PRO A 47 -6.36 6.17 13.95
C PRO A 47 -7.25 4.93 14.01
N THR A 48 -8.51 5.07 13.60
CA THR A 48 -9.44 3.96 13.60
C THR A 48 -9.66 3.42 12.19
N LYS A 49 -10.04 2.14 12.11
CA LYS A 49 -10.28 1.50 10.83
C LYS A 49 -11.42 2.19 10.07
N GLN A 50 -12.41 2.66 10.82
CA GLN A 50 -13.55 3.35 10.23
C GLN A 50 -13.13 4.67 9.59
N LYS A 51 -12.15 5.32 10.20
CA LYS A 51 -11.65 6.59 9.68
C LYS A 51 -10.88 6.39 8.39
N ILE A 52 -9.93 5.46 8.40
CA ILE A 52 -9.13 5.17 7.23
C ILE A 52 -9.98 4.63 6.09
N SER A 53 -11.00 3.84 6.45
CA SER A 53 -11.90 3.26 5.45
C SER A 53 -12.70 4.35 4.74
N GLU A 54 -13.00 5.42 5.46
CA GLU A 54 -13.76 6.53 4.90
C GLU A 54 -12.91 7.34 3.93
N ILE A 55 -11.62 7.41 4.21
CA ILE A 55 -10.69 8.15 3.37
C ILE A 55 -10.39 7.40 2.07
N VAL A 56 -10.17 6.10 2.20
CA VAL A 56 -9.87 5.26 1.04
C VAL A 56 -11.11 5.10 0.15
N LYS A 57 -12.27 4.96 0.79
CA LYS A 57 -13.52 4.79 0.07
C LYS A 57 -13.97 6.11 -0.56
N ASP A 58 -13.47 7.21 -0.02
CA ASP A 58 -13.81 8.53 -0.53
C ASP A 58 -12.79 9.00 -1.55
N TYR A 59 -11.56 8.52 -1.42
CA TYR A 59 -10.49 8.89 -2.33
C TYR A 59 -10.43 7.94 -3.53
N ASP A 60 -10.82 6.69 -3.30
CA ASP A 60 -10.82 5.69 -4.35
C ASP A 60 -12.24 5.42 -4.85
N LYS A 61 -12.84 6.44 -5.45
CA LYS A 61 -14.20 6.31 -5.98
C LYS A 61 -14.19 6.29 -7.50
N ASP A 62 -13.05 6.61 -8.08
CA ASP A 62 -12.90 6.62 -9.54
C ASP A 62 -12.49 5.24 -10.06
N ASN A 63 -12.50 4.26 -9.17
CA ASN A 63 -12.14 2.88 -9.53
C ASN A 63 -12.89 1.87 -8.69
N SER A 64 -12.48 1.74 -7.42
CA SER A 64 -13.12 0.80 -6.51
C SER A 64 -12.48 0.87 -5.13
N GLY A 65 -12.82 -0.08 -4.27
CA GLY A 65 -12.27 -0.11 -2.93
C GLY A 65 -11.16 -1.14 -2.78
N LYS A 66 -10.41 -1.36 -3.85
CA LYS A 66 -9.31 -2.32 -3.82
C LYS A 66 -7.99 -1.64 -4.13
N PHE A 67 -6.89 -2.34 -3.87
CA PHE A 67 -5.56 -1.81 -4.12
C PHE A 67 -4.79 -2.69 -5.10
N ASP A 68 -4.11 -2.05 -6.05
CA ASP A 68 -3.34 -2.78 -7.05
C ASP A 68 -1.84 -2.53 -6.86
N GLN A 69 -1.06 -3.60 -6.97
CA GLN A 69 0.38 -3.50 -6.81
C GLN A 69 0.96 -2.36 -7.64
N GLU A 70 0.38 -2.15 -8.83
CA GLU A 70 0.83 -1.10 -9.72
C GLU A 70 0.51 0.28 -9.15
N THR A 71 -0.68 0.40 -8.54
CA THR A 71 -1.10 1.66 -7.96
C THR A 71 -0.17 2.08 -6.81
N PHE A 72 0.20 1.12 -5.99
CA PHE A 72 1.09 1.38 -4.86
C PHE A 72 2.50 1.71 -5.34
N LEU A 73 2.95 0.99 -6.35
CA LEU A 73 4.28 1.21 -6.92
C LEU A 73 4.36 2.55 -7.64
N THR A 74 3.22 3.00 -8.18
CA THR A 74 3.16 4.26 -8.90
C THR A 74 3.15 5.44 -7.94
N ILE A 75 2.36 5.32 -6.87
CA ILE A 75 2.27 6.37 -5.87
C ILE A 75 3.53 6.47 -5.04
N MET A 76 4.15 5.32 -4.77
CA MET A 76 5.38 5.27 -3.98
C MET A 76 6.57 5.73 -4.82
N LEU A 77 6.50 5.50 -6.12
CA LEU A 77 7.57 5.89 -7.04
C LEU A 77 7.51 7.38 -7.36
N GLU A 78 6.29 7.89 -7.53
CA GLU A 78 6.10 9.30 -7.84
C GLU A 78 6.32 10.16 -6.59
N TYR A 79 6.07 9.58 -5.42
CA TYR A 79 6.24 10.29 -4.17
C TYR A 79 7.70 10.28 -3.73
N GLY A 80 8.43 9.25 -4.14
CA GLY A 80 9.83 9.15 -3.77
C GLY A 80 10.75 9.66 -4.87
N GLN A 81 10.23 10.55 -5.72
CA GLN A 81 11.01 11.10 -6.81
C GLN A 81 11.93 12.20 -6.31
N GLU A 82 11.55 12.84 -5.21
CA GLU A 82 12.35 13.91 -4.63
C GLU A 82 13.78 13.46 -4.40
N VAL A 83 13.96 12.17 -4.11
CA VAL A 83 15.29 11.62 -3.88
C VAL A 83 15.86 11.00 -5.16
N ASP A 84 17.18 11.06 -5.29
CA ASP A 84 17.85 10.50 -6.47
C ASP A 84 17.59 8.99 -6.58
N SER A 85 17.44 8.34 -5.42
CA SER A 85 17.20 6.91 -5.39
C SER A 85 18.27 6.16 -6.18
CA CA B . -9.13 -10.91 -2.31
CA CA C . -7.99 3.26 -7.88
N MET A 1 9.12 13.06 13.36
CA MET A 1 7.67 13.02 13.47
C MET A 1 7.01 13.68 12.27
N SER A 2 7.32 13.19 11.08
CA SER A 2 6.76 13.73 9.85
C SER A 2 6.12 12.63 9.00
N GLU A 3 5.16 13.02 8.16
CA GLU A 3 4.48 12.06 7.29
C GLU A 3 4.98 12.18 5.86
N GLN A 4 6.10 11.53 5.56
CA GLN A 4 6.68 11.57 4.23
C GLN A 4 7.32 10.23 3.88
N LYS A 5 7.30 9.89 2.60
CA LYS A 5 7.88 8.63 2.12
C LYS A 5 9.18 8.88 1.39
N LYS A 6 10.29 8.46 2.02
CA LYS A 6 11.61 8.64 1.43
C LYS A 6 12.28 7.29 1.18
N VAL A 7 11.51 6.34 0.63
CA VAL A 7 12.03 5.02 0.34
C VAL A 7 11.68 4.58 -1.08
N LEU A 8 12.63 3.97 -1.76
CA LEU A 8 12.42 3.51 -3.13
C LEU A 8 13.59 2.64 -3.60
N THR A 9 13.65 1.41 -3.09
CA THR A 9 14.71 0.48 -3.46
C THR A 9 14.15 -0.91 -3.73
N ALA A 10 15.00 -1.78 -4.25
CA ALA A 10 14.59 -3.15 -4.57
C ALA A 10 13.93 -3.81 -3.36
N GLU A 11 14.46 -3.54 -2.18
CA GLU A 11 13.92 -4.11 -0.95
C GLU A 11 12.44 -3.76 -0.79
N GLU A 12 12.10 -2.51 -1.09
CA GLU A 12 10.71 -2.06 -0.99
C GLU A 12 9.84 -2.73 -2.04
N GLN A 13 10.38 -2.89 -3.24
CA GLN A 13 9.64 -3.52 -4.33
C GLN A 13 9.24 -4.94 -3.97
N GLN A 14 10.22 -5.74 -3.55
CA GLN A 14 9.97 -7.12 -3.17
C GLN A 14 9.07 -7.20 -1.94
N GLU A 15 9.34 -6.33 -0.97
CA GLU A 15 8.56 -6.30 0.27
C GLU A 15 7.08 -6.09 -0.04
N TYR A 16 6.79 -5.17 -0.95
CA TYR A 16 5.41 -4.87 -1.32
C TYR A 16 4.82 -6.00 -2.15
N LYS A 17 5.61 -6.55 -3.06
CA LYS A 17 5.17 -7.65 -3.91
C LYS A 17 4.68 -8.82 -3.08
N GLU A 18 5.43 -9.15 -2.04
CA GLU A 18 5.08 -10.26 -1.16
C GLU A 18 3.93 -9.87 -0.23
N ALA A 19 3.87 -8.60 0.13
CA ALA A 19 2.82 -8.10 1.01
C ALA A 19 1.44 -8.29 0.38
N PHE A 20 1.30 -7.83 -0.85
CA PHE A 20 0.03 -7.94 -1.56
C PHE A 20 -0.20 -9.37 -2.05
N GLN A 21 0.89 -10.06 -2.38
CA GLN A 21 0.81 -11.43 -2.84
C GLN A 21 0.33 -12.37 -1.73
N LEU A 22 0.90 -12.21 -0.55
CA LEU A 22 0.54 -13.03 0.60
C LEU A 22 -0.89 -12.74 1.04
N PHE A 23 -1.32 -11.50 0.86
CA PHE A 23 -2.67 -11.09 1.24
C PHE A 23 -3.63 -11.23 0.06
N ASP A 24 -3.20 -11.96 -0.96
CA ASP A 24 -4.01 -12.16 -2.15
C ASP A 24 -4.15 -13.64 -2.46
N LYS A 25 -4.75 -14.39 -1.52
CA LYS A 25 -4.95 -15.82 -1.70
C LYS A 25 -5.99 -16.09 -2.78
N ASP A 26 -6.91 -15.16 -2.95
CA ASP A 26 -7.97 -15.30 -3.94
C ASP A 26 -7.41 -15.12 -5.35
N ASN A 27 -6.16 -14.69 -5.43
CA ASN A 27 -5.51 -14.48 -6.72
C ASN A 27 -6.20 -13.37 -7.50
N ASP A 28 -6.60 -12.32 -6.81
CA ASP A 28 -7.29 -11.19 -7.43
C ASP A 28 -6.29 -10.15 -7.93
N ASN A 29 -5.03 -10.31 -7.52
CA ASN A 29 -3.97 -9.39 -7.92
C ASN A 29 -4.24 -7.99 -7.37
N LYS A 30 -5.13 -7.90 -6.40
CA LYS A 30 -5.47 -6.62 -5.78
C LYS A 30 -5.85 -6.81 -4.31
N LEU A 31 -5.75 -5.72 -3.54
CA LEU A 31 -6.07 -5.76 -2.13
C LEU A 31 -7.23 -4.81 -1.80
N THR A 32 -8.28 -5.34 -1.18
CA THR A 32 -9.44 -4.53 -0.83
C THR A 32 -9.13 -3.65 0.38
N ALA A 33 -10.08 -2.78 0.72
CA ALA A 33 -9.92 -1.89 1.86
C ALA A 33 -9.43 -2.64 3.09
N GLU A 34 -9.92 -3.87 3.26
CA GLU A 34 -9.54 -4.69 4.39
C GLU A 34 -8.05 -5.02 4.35
N GLU A 35 -7.59 -5.48 3.20
CA GLU A 35 -6.18 -5.83 3.02
C GLU A 35 -5.29 -4.59 3.10
N LEU A 36 -5.67 -3.55 2.36
CA LEU A 36 -4.91 -2.31 2.34
C LEU A 36 -4.71 -1.77 3.76
N GLY A 37 -5.78 -1.79 4.55
CA GLY A 37 -5.70 -1.31 5.91
C GLY A 37 -4.70 -2.09 6.74
N THR A 38 -4.56 -3.37 6.45
CA THR A 38 -3.64 -4.23 7.18
C THR A 38 -2.19 -3.90 6.83
N VAL A 39 -1.92 -3.75 5.54
CA VAL A 39 -0.58 -3.43 5.07
C VAL A 39 -0.20 -1.99 5.39
N MET A 40 -1.20 -1.11 5.35
CA MET A 40 -0.97 0.30 5.65
C MET A 40 -0.71 0.52 7.13
N ARG A 41 -1.36 -0.29 7.97
CA ARG A 41 -1.20 -0.20 9.41
C ARG A 41 0.27 -0.35 9.80
N ALA A 42 0.99 -1.18 9.07
CA ALA A 42 2.39 -1.42 9.34
C ALA A 42 3.20 -0.12 9.28
N LEU A 43 2.65 0.87 8.57
CA LEU A 43 3.31 2.16 8.42
C LEU A 43 2.61 3.23 9.26
N GLY A 44 1.32 3.00 9.54
CA GLY A 44 0.55 3.94 10.32
C GLY A 44 -0.16 3.30 11.48
N ALA A 45 -1.41 2.91 11.28
CA ALA A 45 -2.20 2.27 12.32
C ALA A 45 -2.42 3.21 13.49
N ASN A 46 -2.22 4.51 13.26
CA ASN A 46 -2.40 5.52 14.29
C ASN A 46 -3.88 5.67 14.64
N PRO A 47 -4.68 6.07 13.64
CA PRO A 47 -6.12 6.27 13.82
C PRO A 47 -6.87 4.95 14.03
N THR A 48 -8.20 5.02 14.01
CA THR A 48 -9.03 3.84 14.19
C THR A 48 -9.42 3.22 12.86
N LYS A 49 -9.73 1.93 12.88
CA LYS A 49 -10.13 1.23 11.66
C LYS A 49 -11.28 1.95 10.96
N GLN A 50 -12.19 2.50 11.75
CA GLN A 50 -13.33 3.22 11.20
C GLN A 50 -12.88 4.49 10.49
N LYS A 51 -11.87 5.15 11.04
CA LYS A 51 -11.35 6.37 10.46
C LYS A 51 -10.66 6.09 9.12
N ILE A 52 -9.75 5.11 9.13
CA ILE A 52 -9.02 4.74 7.92
C ILE A 52 -9.96 4.21 6.85
N SER A 53 -10.99 3.48 7.29
CA SER A 53 -11.97 2.90 6.36
C SER A 53 -12.73 4.00 5.63
N GLU A 54 -12.96 5.13 6.31
CA GLU A 54 -13.67 6.25 5.72
C GLU A 54 -12.80 6.97 4.70
N ILE A 55 -11.49 6.97 4.94
CA ILE A 55 -10.55 7.62 4.04
C ILE A 55 -10.34 6.81 2.77
N VAL A 56 -10.21 5.49 2.94
CA VAL A 56 -9.99 4.60 1.81
C VAL A 56 -11.26 4.48 0.97
N LYS A 57 -12.41 4.43 1.63
CA LYS A 57 -13.69 4.32 0.94
C LYS A 57 -14.07 5.65 0.28
N ASP A 58 -13.48 6.73 0.77
CA ASP A 58 -13.76 8.06 0.21
C ASP A 58 -12.73 8.43 -0.85
N TYR A 59 -11.53 7.85 -0.73
CA TYR A 59 -10.46 8.13 -1.68
C TYR A 59 -10.52 7.17 -2.86
N ASP A 60 -10.96 5.93 -2.59
CA ASP A 60 -11.07 4.93 -3.64
C ASP A 60 -12.51 4.81 -4.14
N LYS A 61 -13.07 5.93 -4.56
CA LYS A 61 -14.44 5.96 -5.05
C LYS A 61 -14.47 6.23 -6.55
N ASP A 62 -13.32 6.59 -7.10
CA ASP A 62 -13.22 6.88 -8.53
C ASP A 62 -12.93 5.61 -9.33
N ASN A 63 -12.99 4.47 -8.65
CA ASN A 63 -12.73 3.18 -9.30
C ASN A 63 -13.48 2.06 -8.58
N SER A 64 -13.06 1.75 -7.37
CA SER A 64 -13.69 0.69 -6.59
C SER A 64 -13.02 0.54 -5.22
N GLY A 65 -13.36 -0.53 -4.52
CA GLY A 65 -12.78 -0.77 -3.21
C GLY A 65 -11.62 -1.74 -3.26
N LYS A 66 -10.89 -1.73 -4.37
CA LYS A 66 -9.73 -2.62 -4.54
C LYS A 66 -8.46 -1.81 -4.77
N PHE A 67 -7.32 -2.41 -4.45
CA PHE A 67 -6.03 -1.76 -4.62
C PHE A 67 -5.15 -2.54 -5.59
N ASP A 68 -4.49 -1.82 -6.49
CA ASP A 68 -3.61 -2.45 -7.47
C ASP A 68 -2.15 -2.08 -7.21
N GLN A 69 -1.27 -3.07 -7.31
CA GLN A 69 0.16 -2.85 -7.09
C GLN A 69 0.64 -1.63 -7.86
N GLU A 70 0.24 -1.54 -9.12
CA GLU A 70 0.65 -0.42 -9.97
C GLU A 70 0.31 0.91 -9.31
N THR A 71 -0.83 0.97 -8.63
CA THR A 71 -1.26 2.18 -7.95
C THR A 71 -0.28 2.57 -6.85
N PHE A 72 0.10 1.60 -6.03
CA PHE A 72 1.04 1.85 -4.94
C PHE A 72 2.41 2.21 -5.47
N LEU A 73 2.85 1.51 -6.52
CA LEU A 73 4.15 1.77 -7.13
C LEU A 73 4.19 3.16 -7.76
N THR A 74 3.06 3.59 -8.29
CA THR A 74 2.98 4.91 -8.92
C THR A 74 3.00 6.02 -7.88
N ILE A 75 2.33 5.78 -6.76
CA ILE A 75 2.28 6.77 -5.69
C ILE A 75 3.65 6.95 -5.04
N MET A 76 4.29 5.84 -4.71
CA MET A 76 5.61 5.87 -4.09
C MET A 76 6.66 6.39 -5.06
N LEU A 77 6.42 6.19 -6.35
CA LEU A 77 7.34 6.64 -7.38
C LEU A 77 7.22 8.14 -7.61
N GLU A 78 5.99 8.65 -7.56
CA GLU A 78 5.74 10.07 -7.75
C GLU A 78 6.17 10.87 -6.52
N TYR A 79 6.14 10.22 -5.37
CA TYR A 79 6.53 10.88 -4.13
C TYR A 79 8.04 10.87 -3.95
N GLY A 80 8.69 9.88 -4.56
CA GLY A 80 10.14 9.78 -4.46
C GLY A 80 10.72 8.81 -5.48
N GLN A 81 11.01 9.31 -6.67
CA GLN A 81 11.57 8.48 -7.73
C GLN A 81 13.11 8.49 -7.68
N GLU A 82 13.66 9.58 -7.17
CA GLU A 82 15.12 9.72 -7.06
C GLU A 82 15.77 9.61 -8.44
N VAL A 83 17.10 9.66 -8.46
CA VAL A 83 17.84 9.57 -9.71
C VAL A 83 18.51 8.20 -9.85
N ASP A 84 18.83 7.59 -8.72
CA ASP A 84 19.47 6.27 -8.72
C ASP A 84 18.49 5.19 -9.19
N SER A 85 17.22 5.40 -8.92
CA SER A 85 16.18 4.45 -9.30
C SER A 85 14.79 5.09 -9.22
CA CA B . -7.69 -11.89 -3.15
CA CA C . -8.24 3.25 -7.25
N MET A 1 22.39 -5.07 9.38
CA MET A 1 22.58 -5.25 10.81
C MET A 1 23.01 -3.94 11.48
N SER A 2 22.50 -2.82 10.96
CA SER A 2 22.83 -1.52 11.50
C SER A 2 21.89 -0.44 10.94
N GLU A 3 21.82 -0.36 9.62
CA GLU A 3 20.96 0.63 8.96
C GLU A 3 20.58 0.16 7.56
N GLN A 4 19.28 0.23 7.26
CA GLN A 4 18.79 -0.18 5.95
C GLN A 4 17.62 0.68 5.51
N LYS A 5 17.50 0.91 4.21
CA LYS A 5 16.43 1.72 3.66
C LYS A 5 15.47 0.87 2.82
N LYS A 6 14.24 0.72 3.30
CA LYS A 6 13.24 -0.07 2.58
C LYS A 6 12.24 0.85 1.88
N VAL A 7 12.76 1.82 1.14
CA VAL A 7 11.91 2.76 0.42
C VAL A 7 12.54 3.16 -0.91
N LEU A 8 11.74 3.18 -1.97
CA LEU A 8 12.22 3.55 -3.29
C LEU A 8 13.40 2.68 -3.71
N THR A 9 13.46 1.47 -3.15
CA THR A 9 14.54 0.54 -3.46
C THR A 9 14.00 -0.87 -3.69
N ALA A 10 14.86 -1.76 -4.17
CA ALA A 10 14.48 -3.14 -4.42
C ALA A 10 13.79 -3.75 -3.21
N GLU A 11 14.28 -3.42 -2.02
CA GLU A 11 13.71 -3.94 -0.78
C GLU A 11 12.23 -3.61 -0.68
N GLU A 12 11.87 -2.39 -1.08
CA GLU A 12 10.49 -1.94 -1.04
C GLU A 12 9.65 -2.65 -2.09
N GLN A 13 10.19 -2.77 -3.30
CA GLN A 13 9.49 -3.44 -4.38
C GLN A 13 9.09 -4.86 -4.00
N GLN A 14 10.06 -5.64 -3.53
CA GLN A 14 9.81 -7.01 -3.12
C GLN A 14 8.93 -7.06 -1.87
N GLU A 15 9.20 -6.16 -0.93
CA GLU A 15 8.44 -6.10 0.31
C GLU A 15 6.95 -5.96 0.02
N TYR A 16 6.61 -5.13 -0.96
CA TYR A 16 5.22 -4.91 -1.34
C TYR A 16 4.67 -6.10 -2.13
N LYS A 17 5.46 -6.56 -3.10
CA LYS A 17 5.06 -7.69 -3.93
C LYS A 17 4.60 -8.87 -3.08
N GLU A 18 5.42 -9.21 -2.08
CA GLU A 18 5.10 -10.32 -1.19
C GLU A 18 4.00 -9.92 -0.20
N ALA A 19 3.97 -8.65 0.17
CA ALA A 19 2.97 -8.15 1.10
C ALA A 19 1.56 -8.32 0.54
N PHE A 20 1.36 -7.86 -0.70
CA PHE A 20 0.05 -7.96 -1.34
C PHE A 20 -0.21 -9.39 -1.81
N GLN A 21 0.85 -10.09 -2.19
CA GLN A 21 0.73 -11.47 -2.66
C GLN A 21 0.31 -12.39 -1.52
N LEU A 22 0.99 -12.26 -0.39
CA LEU A 22 0.69 -13.08 0.79
C LEU A 22 -0.72 -12.79 1.31
N PHE A 23 -1.14 -11.53 1.19
CA PHE A 23 -2.45 -11.12 1.65
C PHE A 23 -3.52 -11.43 0.60
N ASP A 24 -3.07 -11.69 -0.62
CA ASP A 24 -3.99 -11.99 -1.72
C ASP A 24 -3.76 -13.41 -2.24
N LYS A 25 -4.07 -14.40 -1.42
CA LYS A 25 -3.90 -15.80 -1.81
C LYS A 25 -4.55 -16.08 -3.16
N ASP A 26 -5.61 -15.34 -3.45
CA ASP A 26 -6.33 -15.52 -4.72
C ASP A 26 -5.50 -15.01 -5.89
N ASN A 27 -6.12 -14.89 -7.05
CA ASN A 27 -5.45 -14.42 -8.25
C ASN A 27 -5.95 -13.04 -8.66
N ASP A 28 -6.59 -12.35 -7.72
CA ASP A 28 -7.12 -11.01 -7.97
C ASP A 28 -5.99 -10.00 -8.13
N ASN A 29 -4.85 -10.28 -7.51
CA ASN A 29 -3.70 -9.40 -7.59
C ASN A 29 -4.04 -8.01 -7.04
N LYS A 30 -5.10 -7.95 -6.23
CA LYS A 30 -5.52 -6.68 -5.64
C LYS A 30 -5.96 -6.89 -4.20
N LEU A 31 -5.80 -5.84 -3.38
CA LEU A 31 -6.18 -5.91 -1.98
C LEU A 31 -7.33 -4.96 -1.68
N THR A 32 -8.37 -5.48 -1.03
CA THR A 32 -9.55 -4.69 -0.69
C THR A 32 -9.25 -3.74 0.47
N ALA A 33 -10.21 -2.88 0.79
CA ALA A 33 -10.05 -1.92 1.87
C ALA A 33 -9.57 -2.62 3.14
N GLU A 34 -10.04 -3.85 3.36
CA GLU A 34 -9.67 -4.61 4.54
C GLU A 34 -8.19 -5.02 4.47
N GLU A 35 -7.79 -5.58 3.33
CA GLU A 35 -6.42 -6.02 3.14
C GLU A 35 -5.46 -4.84 3.15
N LEU A 36 -5.91 -3.72 2.58
CA LEU A 36 -5.09 -2.51 2.52
C LEU A 36 -4.85 -1.94 3.91
N GLY A 37 -5.91 -1.93 4.73
CA GLY A 37 -5.80 -1.41 6.08
C GLY A 37 -4.78 -2.16 6.91
N THR A 38 -4.62 -3.45 6.63
CA THR A 38 -3.67 -4.27 7.35
C THR A 38 -2.23 -3.93 6.97
N VAL A 39 -1.98 -3.79 5.68
CA VAL A 39 -0.65 -3.46 5.18
C VAL A 39 -0.30 -2.00 5.47
N MET A 40 -1.32 -1.15 5.43
CA MET A 40 -1.13 0.28 5.69
C MET A 40 -0.76 0.52 7.14
N ARG A 41 -1.31 -0.30 8.03
CA ARG A 41 -1.05 -0.18 9.46
C ARG A 41 0.46 -0.20 9.73
N ALA A 42 1.19 -0.98 8.94
CA ALA A 42 2.64 -1.09 9.10
C ALA A 42 3.30 0.28 9.02
N LEU A 43 2.63 1.22 8.35
CA LEU A 43 3.17 2.57 8.20
C LEU A 43 2.50 3.53 9.17
N GLY A 44 1.27 3.20 9.57
CA GLY A 44 0.55 4.05 10.50
C GLY A 44 -0.64 3.33 11.12
N ALA A 45 -0.41 2.67 12.25
CA ALA A 45 -1.46 1.95 12.94
C ALA A 45 -2.02 2.77 14.10
N ASN A 46 -2.03 4.09 13.93
CA ASN A 46 -2.55 4.99 14.95
C ASN A 46 -4.06 4.86 15.08
N PRO A 47 -4.78 5.15 14.00
CA PRO A 47 -6.24 5.06 13.96
C PRO A 47 -6.74 3.63 14.03
N THR A 48 -8.05 3.45 13.89
CA THR A 48 -8.65 2.13 13.95
C THR A 48 -8.96 1.61 12.55
N LYS A 49 -9.28 0.32 12.45
CA LYS A 49 -9.59 -0.30 11.18
C LYS A 49 -10.83 0.33 10.54
N GLN A 50 -11.78 0.72 11.39
CA GLN A 50 -13.01 1.34 10.92
C GLN A 50 -12.73 2.74 10.37
N LYS A 51 -11.78 3.43 10.98
CA LYS A 51 -11.42 4.77 10.56
C LYS A 51 -10.68 4.74 9.22
N ILE A 52 -9.73 3.83 9.10
CA ILE A 52 -8.95 3.69 7.87
C ILE A 52 -9.80 3.15 6.74
N SER A 53 -10.73 2.25 7.07
CA SER A 53 -11.61 1.65 6.08
C SER A 53 -12.53 2.69 5.47
N GLU A 54 -12.93 3.66 6.29
CA GLU A 54 -13.83 4.72 5.83
C GLU A 54 -13.09 5.70 4.92
N ILE A 55 -11.81 5.91 5.21
CA ILE A 55 -10.98 6.82 4.43
C ILE A 55 -10.63 6.21 3.07
N VAL A 56 -10.47 4.90 3.05
CA VAL A 56 -10.12 4.19 1.82
C VAL A 56 -11.30 4.19 0.84
N LYS A 57 -12.51 4.03 1.38
CA LYS A 57 -13.71 4.01 0.55
C LYS A 57 -14.05 5.42 0.06
N ASP A 58 -13.76 6.41 0.89
CA ASP A 58 -14.04 7.80 0.54
C ASP A 58 -12.95 8.35 -0.39
N TYR A 59 -11.75 7.80 -0.27
CA TYR A 59 -10.63 8.24 -1.09
C TYR A 59 -10.64 7.54 -2.45
N ASP A 60 -11.11 6.30 -2.47
CA ASP A 60 -11.18 5.53 -3.70
C ASP A 60 -12.61 5.44 -4.21
N LYS A 61 -13.13 6.57 -4.68
CA LYS A 61 -14.49 6.62 -5.20
C LYS A 61 -14.50 6.85 -6.71
N ASP A 62 -13.35 7.23 -7.25
CA ASP A 62 -13.21 7.47 -8.68
C ASP A 62 -12.83 6.19 -9.41
N ASN A 63 -12.85 5.07 -8.69
CA ASN A 63 -12.50 3.78 -9.27
C ASN A 63 -13.29 2.65 -8.59
N SER A 64 -12.93 2.36 -7.34
CA SER A 64 -13.59 1.30 -6.60
C SER A 64 -13.00 1.18 -5.19
N GLY A 65 -13.37 0.13 -4.48
CA GLY A 65 -12.87 -0.08 -3.13
C GLY A 65 -11.79 -1.14 -3.07
N LYS A 66 -11.02 -1.25 -4.15
CA LYS A 66 -9.94 -2.24 -4.20
C LYS A 66 -8.59 -1.56 -4.40
N PHE A 67 -7.51 -2.30 -4.20
CA PHE A 67 -6.17 -1.78 -4.35
C PHE A 67 -5.39 -2.56 -5.40
N ASP A 68 -4.79 -1.85 -6.35
CA ASP A 68 -4.01 -2.48 -7.41
C ASP A 68 -2.52 -2.17 -7.25
N GLN A 69 -1.69 -3.19 -7.47
CA GLN A 69 -0.25 -3.03 -7.36
C GLN A 69 0.23 -1.79 -8.10
N GLU A 70 -0.27 -1.60 -9.32
CA GLU A 70 0.11 -0.46 -10.14
C GLU A 70 -0.13 0.84 -9.39
N THR A 71 -1.23 0.89 -8.63
CA THR A 71 -1.58 2.08 -7.86
C THR A 71 -0.52 2.37 -6.80
N PHE A 72 -0.14 1.35 -6.04
CA PHE A 72 0.86 1.51 -4.99
C PHE A 72 2.23 1.83 -5.60
N LEU A 73 2.55 1.18 -6.70
CA LEU A 73 3.83 1.39 -7.38
C LEU A 73 3.91 2.81 -7.95
N THR A 74 2.77 3.32 -8.39
CA THR A 74 2.72 4.67 -8.96
C THR A 74 2.86 5.73 -7.87
N ILE A 75 2.23 5.49 -6.73
CA ILE A 75 2.28 6.43 -5.62
C ILE A 75 3.69 6.49 -5.02
N MET A 76 4.28 5.32 -4.80
CA MET A 76 5.62 5.25 -4.24
C MET A 76 6.65 5.75 -5.23
N LEU A 77 6.36 5.61 -6.52
CA LEU A 77 7.27 6.05 -7.57
C LEU A 77 7.19 7.56 -7.75
N GLU A 78 5.99 8.11 -7.62
CA GLU A 78 5.78 9.55 -7.75
C GLU A 78 6.32 10.31 -6.54
N TYR A 79 6.30 9.64 -5.38
CA TYR A 79 6.80 10.25 -4.15
C TYR A 79 8.31 10.29 -4.14
N GLY A 80 8.94 9.35 -4.84
CA GLY A 80 10.39 9.30 -4.89
C GLY A 80 10.98 10.48 -5.64
N GLN A 81 11.31 10.27 -6.90
CA GLN A 81 11.90 11.33 -7.73
C GLN A 81 10.82 12.09 -8.48
N GLU A 82 10.26 11.47 -9.51
CA GLU A 82 9.22 12.10 -10.31
C GLU A 82 8.70 11.14 -11.39
N VAL A 83 7.75 11.62 -12.18
CA VAL A 83 7.17 10.81 -13.25
C VAL A 83 6.78 11.67 -14.44
N ASP A 84 6.36 11.03 -15.52
CA ASP A 84 5.95 11.74 -16.73
C ASP A 84 4.82 12.72 -16.42
N SER A 85 4.02 12.38 -15.42
CA SER A 85 2.89 13.24 -15.04
C SER A 85 1.92 13.42 -16.20
CA CA B . -8.13 -12.44 -2.72
CA CA C . -8.37 3.89 -7.33
N MET A 1 12.78 -6.18 13.84
CA MET A 1 13.33 -4.83 13.73
C MET A 1 12.73 -4.10 12.53
N SER A 2 11.63 -3.39 12.76
CA SER A 2 10.97 -2.65 11.69
C SER A 2 9.94 -1.68 12.27
N GLU A 3 10.13 -0.39 12.00
CA GLU A 3 9.22 0.64 12.50
C GLU A 3 8.70 1.50 11.35
N GLN A 4 9.61 2.22 10.69
CA GLN A 4 9.23 3.07 9.57
C GLN A 4 10.32 3.07 8.51
N LYS A 5 9.90 3.19 7.25
CA LYS A 5 10.84 3.20 6.13
C LYS A 5 10.96 4.60 5.54
N LYS A 6 12.11 5.23 5.76
CA LYS A 6 12.36 6.57 5.25
C LYS A 6 13.26 6.53 4.02
N VAL A 7 13.21 5.43 3.29
CA VAL A 7 14.01 5.26 2.08
C VAL A 7 13.29 4.38 1.06
N LEU A 8 13.45 4.73 -0.21
CA LEU A 8 12.82 3.97 -1.29
C LEU A 8 13.84 3.16 -2.07
N THR A 9 13.83 1.85 -1.87
CA THR A 9 14.77 0.96 -2.54
C THR A 9 14.06 -0.27 -3.09
N ALA A 10 14.78 -1.05 -3.89
CA ALA A 10 14.21 -2.25 -4.49
C ALA A 10 13.58 -3.14 -3.42
N GLU A 11 14.23 -3.25 -2.28
CA GLU A 11 13.72 -4.07 -1.18
C GLU A 11 12.30 -3.64 -0.80
N GLU A 12 12.05 -2.34 -0.83
CA GLU A 12 10.74 -1.81 -0.49
C GLU A 12 9.69 -2.24 -1.52
N GLN A 13 10.05 -2.15 -2.79
CA GLN A 13 9.15 -2.54 -3.87
C GLN A 13 8.75 -4.01 -3.75
N GLN A 14 9.76 -4.88 -3.66
CA GLN A 14 9.52 -6.31 -3.55
C GLN A 14 8.71 -6.63 -2.29
N GLU A 15 9.04 -5.96 -1.19
CA GLU A 15 8.35 -6.17 0.07
C GLU A 15 6.87 -5.85 -0.06
N TYR A 16 6.56 -4.73 -0.72
CA TYR A 16 5.19 -4.29 -0.91
C TYR A 16 4.44 -5.26 -1.82
N LYS A 17 5.02 -5.52 -2.99
CA LYS A 17 4.40 -6.43 -3.96
C LYS A 17 4.10 -7.79 -3.33
N GLU A 18 5.01 -8.24 -2.46
CA GLU A 18 4.85 -9.52 -1.79
C GLU A 18 3.77 -9.43 -0.70
N ALA A 19 3.66 -8.26 -0.08
CA ALA A 19 2.69 -8.04 0.97
C ALA A 19 1.27 -8.21 0.44
N PHE A 20 0.97 -7.56 -0.68
CA PHE A 20 -0.36 -7.64 -1.29
C PHE A 20 -0.56 -8.99 -1.96
N GLN A 21 0.52 -9.53 -2.53
CA GLN A 21 0.46 -10.82 -3.21
C GLN A 21 0.18 -11.94 -2.22
N LEU A 22 0.91 -11.96 -1.12
CA LEU A 22 0.75 -12.98 -0.10
C LEU A 22 -0.62 -12.87 0.57
N PHE A 23 -1.12 -11.64 0.67
CA PHE A 23 -2.42 -11.40 1.28
C PHE A 23 -3.54 -11.61 0.28
N ASP A 24 -3.19 -11.64 -1.00
CA ASP A 24 -4.17 -11.83 -2.06
C ASP A 24 -4.31 -13.31 -2.41
N LYS A 25 -4.81 -14.09 -1.44
CA LYS A 25 -5.00 -15.52 -1.65
C LYS A 25 -5.79 -15.78 -2.92
N ASP A 26 -6.67 -14.85 -3.27
CA ASP A 26 -7.50 -14.98 -4.47
C ASP A 26 -6.67 -14.76 -5.73
N ASN A 27 -7.34 -14.64 -6.87
CA ASN A 27 -6.67 -14.43 -8.15
C ASN A 27 -6.95 -13.03 -8.68
N ASP A 28 -7.28 -12.11 -7.78
CA ASP A 28 -7.57 -10.74 -8.17
C ASP A 28 -6.31 -9.88 -8.17
N ASN A 29 -5.32 -10.30 -7.39
CA ASN A 29 -4.05 -9.58 -7.30
C ASN A 29 -4.27 -8.18 -6.74
N LYS A 30 -5.20 -8.05 -5.80
CA LYS A 30 -5.50 -6.76 -5.19
C LYS A 30 -5.90 -6.94 -3.72
N LEU A 31 -6.01 -5.82 -3.01
CA LEU A 31 -6.38 -5.84 -1.60
C LEU A 31 -7.49 -4.85 -1.31
N THR A 32 -8.53 -5.31 -0.62
CA THR A 32 -9.66 -4.46 -0.27
C THR A 32 -9.30 -3.50 0.85
N ALA A 33 -10.22 -2.59 1.16
CA ALA A 33 -10.00 -1.61 2.22
C ALA A 33 -9.49 -2.28 3.49
N GLU A 34 -10.14 -3.38 3.86
CA GLU A 34 -9.75 -4.12 5.07
C GLU A 34 -8.32 -4.63 4.95
N GLU A 35 -8.02 -5.27 3.83
CA GLU A 35 -6.69 -5.82 3.59
C GLU A 35 -5.63 -4.72 3.62
N LEU A 36 -5.93 -3.60 2.95
CA LEU A 36 -5.01 -2.48 2.91
C LEU A 36 -4.72 -1.94 4.30
N GLY A 37 -5.75 -1.96 5.15
CA GLY A 37 -5.59 -1.48 6.52
C GLY A 37 -4.57 -2.27 7.30
N THR A 38 -4.49 -3.57 7.02
CA THR A 38 -3.56 -4.45 7.71
C THR A 38 -2.12 -4.18 7.27
N VAL A 39 -1.91 -4.04 5.96
CA VAL A 39 -0.59 -3.78 5.41
C VAL A 39 -0.15 -2.35 5.71
N MET A 40 -1.12 -1.43 5.71
CA MET A 40 -0.83 -0.02 5.97
C MET A 40 -0.48 0.20 7.43
N ARG A 41 -1.21 -0.46 8.33
CA ARG A 41 -0.97 -0.34 9.75
C ARG A 41 0.31 -1.07 10.16
N ALA A 42 0.60 -2.16 9.46
CA ALA A 42 1.79 -2.95 9.75
C ALA A 42 3.06 -2.15 9.45
N LEU A 43 2.90 -1.02 8.77
CA LEU A 43 4.03 -0.17 8.42
C LEU A 43 3.91 1.20 9.10
N GLY A 44 2.69 1.74 9.11
CA GLY A 44 2.47 3.03 9.72
C GLY A 44 1.59 2.94 10.95
N ALA A 45 0.29 2.74 10.73
CA ALA A 45 -0.66 2.64 11.82
C ALA A 45 -0.76 3.95 12.60
N ASN A 46 -0.33 5.04 11.96
CA ASN A 46 -0.36 6.36 12.59
C ASN A 46 -1.78 6.85 12.72
N PRO A 47 -2.48 7.00 11.59
CA PRO A 47 -3.87 7.47 11.56
C PRO A 47 -4.83 6.44 12.13
N THR A 48 -6.14 6.70 11.96
CA THR A 48 -7.16 5.80 12.47
C THR A 48 -7.87 5.09 11.32
N LYS A 49 -8.73 4.14 11.67
CA LYS A 49 -9.49 3.38 10.67
C LYS A 49 -10.38 4.30 9.85
N GLN A 50 -10.99 5.27 10.53
CA GLN A 50 -11.90 6.22 9.87
C GLN A 50 -11.10 7.15 8.95
N LYS A 51 -9.86 7.43 9.32
CA LYS A 51 -9.00 8.31 8.53
C LYS A 51 -8.52 7.60 7.27
N ILE A 52 -8.10 6.35 7.42
CA ILE A 52 -7.61 5.57 6.29
C ILE A 52 -8.75 5.19 5.35
N SER A 53 -9.92 4.93 5.92
CA SER A 53 -11.09 4.56 5.13
C SER A 53 -11.56 5.73 4.27
N GLU A 54 -11.42 6.93 4.80
CA GLU A 54 -11.83 8.14 4.07
C GLU A 54 -10.85 8.44 2.94
N ILE A 55 -9.58 8.14 3.16
CA ILE A 55 -8.55 8.38 2.16
C ILE A 55 -8.67 7.40 1.00
N VAL A 56 -8.92 6.14 1.33
CA VAL A 56 -9.06 5.10 0.31
C VAL A 56 -10.34 5.29 -0.50
N LYS A 57 -11.38 5.80 0.15
CA LYS A 57 -12.65 6.04 -0.51
C LYS A 57 -12.56 7.24 -1.45
N ASP A 58 -11.66 8.17 -1.14
CA ASP A 58 -11.47 9.35 -1.96
C ASP A 58 -10.38 9.13 -3.00
N TYR A 59 -9.46 8.22 -2.70
CA TYR A 59 -8.36 7.92 -3.62
C TYR A 59 -8.77 6.87 -4.63
N ASP A 60 -9.73 6.03 -4.24
CA ASP A 60 -10.21 4.97 -5.12
C ASP A 60 -11.73 5.07 -5.31
N LYS A 61 -12.17 6.13 -5.98
CA LYS A 61 -13.59 6.34 -6.23
C LYS A 61 -13.90 6.18 -7.72
N ASP A 62 -12.89 6.33 -8.55
CA ASP A 62 -13.06 6.20 -9.99
C ASP A 62 -12.88 4.75 -10.44
N ASN A 63 -12.77 3.85 -9.46
CA ASN A 63 -12.60 2.43 -9.75
C ASN A 63 -13.39 1.57 -8.77
N SER A 64 -12.89 1.48 -7.54
CA SER A 64 -13.54 0.68 -6.51
C SER A 64 -12.78 0.77 -5.19
N GLY A 65 -13.15 -0.09 -4.25
CA GLY A 65 -12.50 -0.08 -2.95
C GLY A 65 -11.42 -1.14 -2.85
N LYS A 66 -10.64 -1.30 -3.92
CA LYS A 66 -9.57 -2.27 -3.95
C LYS A 66 -8.22 -1.61 -4.18
N PHE A 67 -7.14 -2.35 -3.95
CA PHE A 67 -5.80 -1.82 -4.13
C PHE A 67 -4.99 -2.70 -5.08
N ASP A 68 -4.34 -2.07 -6.05
CA ASP A 68 -3.54 -2.79 -7.03
C ASP A 68 -2.05 -2.46 -6.87
N GLN A 69 -1.21 -3.48 -6.97
CA GLN A 69 0.23 -3.29 -6.84
C GLN A 69 0.72 -2.13 -7.69
N GLU A 70 0.18 -2.03 -8.90
CA GLU A 70 0.55 -0.95 -9.81
C GLU A 70 0.31 0.41 -9.18
N THR A 71 -0.79 0.53 -8.45
CA THR A 71 -1.15 1.79 -7.80
C THR A 71 -0.05 2.23 -6.84
N PHE A 72 0.45 1.29 -6.04
CA PHE A 72 1.50 1.58 -5.06
C PHE A 72 2.78 2.02 -5.78
N LEU A 73 3.17 1.25 -6.78
CA LEU A 73 4.39 1.55 -7.54
C LEU A 73 4.28 2.92 -8.21
N THR A 74 3.06 3.30 -8.60
CA THR A 74 2.83 4.58 -9.25
C THR A 74 2.95 5.72 -8.26
N ILE A 75 2.44 5.51 -7.05
CA ILE A 75 2.48 6.53 -6.00
C ILE A 75 3.92 6.78 -5.56
N MET A 76 4.65 5.72 -5.29
CA MET A 76 6.04 5.83 -4.85
C MET A 76 6.92 6.36 -5.97
N LEU A 77 6.53 6.07 -7.22
CA LEU A 77 7.28 6.51 -8.38
C LEU A 77 7.02 7.99 -8.67
N GLU A 78 5.78 8.42 -8.45
CA GLU A 78 5.40 9.81 -8.68
C GLU A 78 5.97 10.71 -7.59
N TYR A 79 6.14 10.17 -6.40
CA TYR A 79 6.67 10.92 -5.28
C TYR A 79 8.20 10.94 -5.30
N GLY A 80 8.79 9.92 -5.91
CA GLY A 80 10.22 9.84 -5.99
C GLY A 80 10.70 9.02 -7.18
N GLN A 81 10.85 9.68 -8.33
CA GLN A 81 11.29 9.01 -9.54
C GLN A 81 12.67 8.38 -9.35
N GLU A 82 13.44 8.93 -8.42
CA GLU A 82 14.78 8.43 -8.14
C GLU A 82 14.73 6.93 -7.83
N VAL A 83 15.85 6.25 -8.08
CA VAL A 83 15.95 4.82 -7.82
C VAL A 83 15.01 4.04 -8.74
N ASP A 84 15.37 2.80 -9.03
CA ASP A 84 14.57 1.94 -9.89
C ASP A 84 15.17 0.54 -10.00
N SER A 85 14.38 -0.40 -10.51
CA SER A 85 14.83 -1.78 -10.64
C SER A 85 15.35 -2.32 -9.31
CA CA B . -8.60 -10.31 -2.97
CA CA C . -8.22 3.09 -8.10
N MET A 1 29.33 -3.68 7.13
CA MET A 1 27.89 -3.96 7.19
C MET A 1 27.30 -3.47 8.50
N SER A 2 26.50 -2.40 8.42
CA SER A 2 25.87 -1.83 9.60
C SER A 2 24.58 -1.11 9.23
N GLU A 3 24.72 0.03 8.55
CA GLU A 3 23.55 0.82 8.14
C GLU A 3 22.97 0.28 6.83
N GLN A 4 21.65 0.31 6.72
CA GLN A 4 20.96 -0.17 5.53
C GLN A 4 19.74 0.67 5.21
N LYS A 5 19.43 0.81 3.93
CA LYS A 5 18.29 1.60 3.49
C LYS A 5 17.18 0.70 2.95
N LYS A 6 16.08 0.61 3.69
CA LYS A 6 14.95 -0.21 3.29
C LYS A 6 13.80 0.65 2.78
N VAL A 7 14.13 1.84 2.28
CA VAL A 7 13.12 2.76 1.78
C VAL A 7 13.52 3.30 0.41
N LEU A 8 12.54 3.41 -0.49
CA LEU A 8 12.80 3.92 -1.84
C LEU A 8 13.83 3.06 -2.56
N THR A 9 13.94 1.80 -2.16
CA THR A 9 14.89 0.87 -2.76
C THR A 9 14.18 -0.39 -3.26
N ALA A 10 14.92 -1.21 -4.00
CA ALA A 10 14.38 -2.45 -4.54
C ALA A 10 13.73 -3.29 -3.44
N GLU A 11 14.37 -3.31 -2.26
CA GLU A 11 13.87 -4.07 -1.13
C GLU A 11 12.45 -3.62 -0.75
N GLU A 12 12.18 -2.33 -0.93
CA GLU A 12 10.88 -1.77 -0.61
C GLU A 12 9.83 -2.22 -1.62
N GLN A 13 10.19 -2.20 -2.90
CA GLN A 13 9.30 -2.61 -3.96
C GLN A 13 8.90 -4.08 -3.81
N GLN A 14 9.90 -4.95 -3.70
CA GLN A 14 9.65 -6.38 -3.55
C GLN A 14 8.89 -6.67 -2.26
N GLU A 15 9.25 -5.95 -1.19
CA GLU A 15 8.60 -6.13 0.09
C GLU A 15 7.11 -5.85 0.00
N TYR A 16 6.76 -4.73 -0.64
CA TYR A 16 5.37 -4.33 -0.80
C TYR A 16 4.64 -5.28 -1.76
N LYS A 17 5.26 -5.54 -2.90
CA LYS A 17 4.67 -6.42 -3.90
C LYS A 17 4.29 -7.77 -3.28
N GLU A 18 5.19 -8.32 -2.48
CA GLU A 18 4.94 -9.60 -1.83
C GLU A 18 3.88 -9.46 -0.74
N ALA A 19 3.85 -8.30 -0.10
CA ALA A 19 2.89 -8.03 0.96
C ALA A 19 1.46 -8.21 0.46
N PHE A 20 1.15 -7.60 -0.68
CA PHE A 20 -0.18 -7.70 -1.26
C PHE A 20 -0.42 -9.08 -1.87
N GLN A 21 0.63 -9.65 -2.45
CA GLN A 21 0.55 -10.97 -3.07
C GLN A 21 0.21 -12.03 -2.02
N LEU A 22 0.91 -11.98 -0.89
CA LEU A 22 0.69 -12.95 0.19
C LEU A 22 -0.70 -12.78 0.78
N PHE A 23 -1.19 -11.55 0.80
CA PHE A 23 -2.50 -11.26 1.35
C PHE A 23 -3.60 -11.51 0.31
N ASP A 24 -3.19 -11.63 -0.95
CA ASP A 24 -4.13 -11.87 -2.04
C ASP A 24 -4.24 -13.36 -2.33
N LYS A 25 -4.75 -14.12 -1.37
CA LYS A 25 -4.92 -15.55 -1.52
C LYS A 25 -5.66 -15.88 -2.81
N ASP A 26 -6.54 -14.98 -3.23
CA ASP A 26 -7.31 -15.17 -4.45
C ASP A 26 -6.45 -14.93 -5.68
N ASN A 27 -7.10 -14.86 -6.84
CA ASN A 27 -6.39 -14.64 -8.09
C ASN A 27 -6.70 -13.26 -8.66
N ASP A 28 -7.09 -12.34 -7.78
CA ASP A 28 -7.42 -10.98 -8.19
C ASP A 28 -6.19 -10.09 -8.18
N ASN A 29 -5.20 -10.47 -7.37
CA ASN A 29 -3.96 -9.71 -7.27
C ASN A 29 -4.23 -8.31 -6.72
N LYS A 30 -5.28 -8.18 -5.91
CA LYS A 30 -5.64 -6.89 -5.33
C LYS A 30 -6.00 -7.04 -3.86
N LEU A 31 -6.16 -5.92 -3.17
CA LEU A 31 -6.50 -5.93 -1.75
C LEU A 31 -7.61 -4.92 -1.45
N THR A 32 -8.65 -5.39 -0.78
CA THR A 32 -9.78 -4.53 -0.42
C THR A 32 -9.42 -3.59 0.73
N ALA A 33 -10.33 -2.69 1.06
CA ALA A 33 -10.11 -1.73 2.13
C ALA A 33 -9.62 -2.44 3.39
N GLU A 34 -10.21 -3.59 3.69
CA GLU A 34 -9.84 -4.36 4.88
C GLU A 34 -8.41 -4.89 4.75
N GLU A 35 -8.12 -5.50 3.60
CA GLU A 35 -6.79 -6.05 3.35
C GLU A 35 -5.73 -4.95 3.39
N LEU A 36 -6.04 -3.80 2.81
CA LEU A 36 -5.11 -2.67 2.80
C LEU A 36 -4.85 -2.16 4.21
N GLY A 37 -5.88 -2.19 5.05
CA GLY A 37 -5.74 -1.73 6.42
C GLY A 37 -4.72 -2.54 7.20
N THR A 38 -4.62 -3.84 6.87
CA THR A 38 -3.68 -4.72 7.55
C THR A 38 -2.24 -4.41 7.15
N VAL A 39 -2.02 -4.25 5.85
CA VAL A 39 -0.68 -3.96 5.33
C VAL A 39 -0.28 -2.52 5.65
N MET A 40 -1.25 -1.62 5.64
CA MET A 40 -0.99 -0.22 5.94
C MET A 40 -0.68 -0.02 7.42
N ARG A 41 -1.36 -0.78 8.26
CA ARG A 41 -1.16 -0.69 9.71
C ARG A 41 0.32 -0.87 10.06
N ALA A 42 1.00 -1.71 9.30
CA ALA A 42 2.42 -1.96 9.53
C ALA A 42 3.23 -0.67 9.46
N LEU A 43 2.68 0.33 8.78
CA LEU A 43 3.35 1.61 8.63
C LEU A 43 2.64 2.70 9.44
N GLY A 44 1.33 2.56 9.58
CA GLY A 44 0.55 3.53 10.33
C GLY A 44 0.98 3.59 11.79
N ALA A 45 0.38 2.74 12.61
CA ALA A 45 0.70 2.71 14.04
C ALA A 45 0.56 4.09 14.66
N ASN A 46 -0.64 4.64 14.62
CA ASN A 46 -0.92 5.95 15.18
C ASN A 46 -2.38 6.34 14.99
N PRO A 47 -2.82 6.42 13.73
CA PRO A 47 -4.20 6.78 13.39
C PRO A 47 -5.19 5.68 13.77
N THR A 48 -6.47 6.00 13.70
CA THR A 48 -7.53 5.05 14.04
C THR A 48 -8.04 4.34 12.79
N LYS A 49 -8.58 3.13 12.97
CA LYS A 49 -9.11 2.35 11.86
C LYS A 49 -10.26 3.08 11.19
N GLN A 50 -11.05 3.79 11.98
CA GLN A 50 -12.19 4.54 11.45
C GLN A 50 -11.73 5.73 10.62
N LYS A 51 -10.61 6.32 11.02
CA LYS A 51 -10.06 7.47 10.32
C LYS A 51 -9.45 7.05 8.99
N ILE A 52 -8.68 5.97 9.01
CA ILE A 52 -8.05 5.46 7.79
C ILE A 52 -9.08 4.86 6.85
N SER A 53 -10.10 4.24 7.41
CA SER A 53 -11.16 3.62 6.61
C SER A 53 -11.94 4.67 5.84
N GLU A 54 -12.12 5.85 6.46
CA GLU A 54 -12.86 6.93 5.84
C GLU A 54 -12.04 7.57 4.72
N ILE A 55 -10.72 7.61 4.90
CA ILE A 55 -9.83 8.19 3.91
C ILE A 55 -9.66 7.27 2.70
N VAL A 56 -9.67 5.96 2.95
CA VAL A 56 -9.53 4.99 1.89
C VAL A 56 -10.80 4.91 1.04
N LYS A 57 -11.95 5.00 1.69
CA LYS A 57 -13.24 4.94 1.00
C LYS A 57 -13.49 6.24 0.24
N ASP A 58 -12.88 7.32 0.71
CA ASP A 58 -13.05 8.62 0.08
C ASP A 58 -12.00 8.86 -0.99
N TYR A 59 -10.83 8.24 -0.81
CA TYR A 59 -9.73 8.37 -1.76
C TYR A 59 -9.85 7.33 -2.88
N ASP A 60 -10.40 6.18 -2.54
CA ASP A 60 -10.57 5.10 -3.51
C ASP A 60 -11.98 5.11 -4.08
N LYS A 61 -12.42 6.27 -4.54
CA LYS A 61 -13.76 6.40 -5.12
C LYS A 61 -13.68 6.67 -6.62
N ASP A 62 -12.50 7.09 -7.08
CA ASP A 62 -12.30 7.37 -8.50
C ASP A 62 -11.84 6.12 -9.25
N ASN A 63 -11.88 4.99 -8.55
CA ASN A 63 -11.46 3.71 -9.14
C ASN A 63 -12.38 2.58 -8.69
N SER A 64 -12.24 2.18 -7.43
CA SER A 64 -13.05 1.10 -6.88
C SER A 64 -12.71 0.86 -5.41
N GLY A 65 -13.22 -0.23 -4.86
CA GLY A 65 -12.96 -0.56 -3.47
C GLY A 65 -11.86 -1.59 -3.31
N LYS A 66 -10.90 -1.58 -4.23
CA LYS A 66 -9.78 -2.51 -4.19
C LYS A 66 -8.46 -1.80 -4.44
N PHE A 67 -7.36 -2.49 -4.14
CA PHE A 67 -6.03 -1.92 -4.33
C PHE A 67 -5.19 -2.80 -5.24
N ASP A 68 -4.52 -2.18 -6.21
CA ASP A 68 -3.67 -2.91 -7.15
C ASP A 68 -2.21 -2.56 -6.94
N GLN A 69 -1.35 -3.57 -6.99
CA GLN A 69 0.09 -3.37 -6.80
C GLN A 69 0.59 -2.22 -7.68
N GLU A 70 0.07 -2.15 -8.90
CA GLU A 70 0.47 -1.09 -9.84
C GLU A 70 0.21 0.29 -9.25
N THR A 71 -0.91 0.42 -8.55
CA THR A 71 -1.28 1.69 -7.94
C THR A 71 -0.23 2.15 -6.94
N PHE A 72 0.24 1.22 -6.11
CA PHE A 72 1.25 1.53 -5.11
C PHE A 72 2.56 1.93 -5.77
N LEU A 73 2.99 1.15 -6.75
CA LEU A 73 4.23 1.42 -7.47
C LEU A 73 4.16 2.77 -8.18
N THR A 74 2.97 3.13 -8.65
CA THR A 74 2.77 4.39 -9.36
C THR A 74 2.84 5.57 -8.39
N ILE A 75 2.26 5.40 -7.21
CA ILE A 75 2.26 6.45 -6.21
C ILE A 75 3.68 6.73 -5.69
N MET A 76 4.39 5.66 -5.35
CA MET A 76 5.75 5.79 -4.84
C MET A 76 6.70 6.27 -5.94
N LEU A 77 6.36 5.94 -7.19
CA LEU A 77 7.18 6.35 -8.33
C LEU A 77 6.94 7.81 -8.68
N GLU A 78 5.70 8.25 -8.53
CA GLU A 78 5.34 9.64 -8.82
C GLU A 78 5.86 10.58 -7.74
N TYR A 79 5.96 10.07 -6.51
CA TYR A 79 6.43 10.86 -5.39
C TYR A 79 7.94 10.70 -5.21
N GLY A 80 8.47 9.57 -5.67
CA GLY A 80 9.89 9.31 -5.56
C GLY A 80 10.73 10.35 -6.29
N GLN A 81 10.10 11.07 -7.20
CA GLN A 81 10.79 12.10 -7.97
C GLN A 81 11.53 13.07 -7.05
N GLU A 82 11.00 13.25 -5.85
CA GLU A 82 11.61 14.15 -4.87
C GLU A 82 12.71 13.44 -4.08
N VAL A 83 13.54 14.21 -3.40
CA VAL A 83 14.63 13.66 -2.61
C VAL A 83 14.11 12.62 -1.62
N ASP A 84 14.95 11.62 -1.32
CA ASP A 84 14.57 10.57 -0.38
C ASP A 84 14.58 11.09 1.05
N SER A 85 14.08 10.27 1.98
CA SER A 85 14.03 10.65 3.38
C SER A 85 13.30 11.97 3.56
CA CA B . -8.68 -10.85 -3.39
CA CA C . -8.07 3.48 -7.30
N MET A 1 9.49 11.81 14.30
CA MET A 1 9.69 11.17 13.00
C MET A 1 8.76 11.74 11.95
N SER A 2 7.58 12.17 12.38
CA SER A 2 6.59 12.74 11.48
C SER A 2 6.19 11.73 10.41
N GLU A 3 5.36 12.17 9.47
CA GLU A 3 4.90 11.31 8.39
C GLU A 3 5.44 11.78 7.04
N GLN A 4 6.43 11.06 6.52
CA GLN A 4 7.04 11.40 5.24
C GLN A 4 7.49 10.15 4.50
N LYS A 5 7.43 10.20 3.17
CA LYS A 5 7.83 9.07 2.34
C LYS A 5 9.17 9.34 1.66
N LYS A 6 10.20 8.62 2.09
CA LYS A 6 11.53 8.78 1.53
C LYS A 6 12.19 7.42 1.28
N VAL A 7 11.48 6.54 0.59
CA VAL A 7 11.99 5.21 0.29
C VAL A 7 11.63 4.79 -1.13
N LEU A 8 12.57 4.14 -1.81
CA LEU A 8 12.35 3.69 -3.18
C LEU A 8 13.52 2.84 -3.66
N THR A 9 13.60 1.61 -3.17
CA THR A 9 14.68 0.70 -3.56
C THR A 9 14.13 -0.70 -3.85
N ALA A 10 14.98 -1.56 -4.39
CA ALA A 10 14.59 -2.92 -4.71
C ALA A 10 13.95 -3.60 -3.50
N GLU A 11 14.52 -3.38 -2.33
CA GLU A 11 14.00 -3.97 -1.10
C GLU A 11 12.51 -3.64 -0.92
N GLU A 12 12.15 -2.40 -1.24
CA GLU A 12 10.76 -1.96 -1.11
C GLU A 12 9.87 -2.65 -2.14
N GLN A 13 10.38 -2.75 -3.37
CA GLN A 13 9.63 -3.40 -4.44
C GLN A 13 9.26 -4.83 -4.08
N GLN A 14 10.27 -5.61 -3.69
CA GLN A 14 10.05 -7.00 -3.32
C GLN A 14 9.19 -7.10 -2.05
N GLU A 15 9.47 -6.25 -1.08
CA GLU A 15 8.73 -6.23 0.17
C GLU A 15 7.23 -6.09 -0.10
N TYR A 16 6.88 -5.18 -1.01
CA TYR A 16 5.49 -4.95 -1.35
C TYR A 16 4.91 -6.10 -2.16
N LYS A 17 5.70 -6.59 -3.12
CA LYS A 17 5.27 -7.70 -3.97
C LYS A 17 4.82 -8.89 -3.12
N GLU A 18 5.62 -9.22 -2.10
CA GLU A 18 5.29 -10.34 -1.22
C GLU A 18 4.17 -9.96 -0.26
N ALA A 19 4.12 -8.68 0.12
CA ALA A 19 3.10 -8.19 1.04
C ALA A 19 1.71 -8.37 0.45
N PHE A 20 1.52 -7.89 -0.78
CA PHE A 20 0.23 -8.00 -1.45
C PHE A 20 -0.01 -9.43 -1.93
N GLN A 21 1.06 -10.11 -2.30
CA GLN A 21 0.95 -11.49 -2.78
C GLN A 21 0.51 -12.43 -1.66
N LEU A 22 1.13 -12.28 -0.49
CA LEU A 22 0.80 -13.10 0.66
C LEU A 22 -0.63 -12.82 1.15
N PHE A 23 -1.05 -11.57 0.99
CA PHE A 23 -2.39 -11.16 1.42
C PHE A 23 -3.38 -11.28 0.26
N ASP A 24 -3.00 -12.03 -0.77
CA ASP A 24 -3.86 -12.21 -1.93
C ASP A 24 -3.95 -13.69 -2.31
N LYS A 25 -4.50 -14.49 -1.41
CA LYS A 25 -4.64 -15.93 -1.64
C LYS A 25 -5.69 -16.19 -2.71
N ASP A 26 -6.62 -15.26 -2.88
CA ASP A 26 -7.68 -15.40 -3.87
C ASP A 26 -7.13 -15.18 -5.28
N ASN A 27 -5.91 -14.64 -5.36
CA ASN A 27 -5.28 -14.38 -6.65
C ASN A 27 -6.07 -13.34 -7.43
N ASP A 28 -6.34 -12.20 -6.81
CA ASP A 28 -7.09 -11.13 -7.45
C ASP A 28 -6.14 -10.01 -7.89
N ASN A 29 -4.89 -10.08 -7.46
CA ASN A 29 -3.90 -9.08 -7.82
C ASN A 29 -4.27 -7.72 -7.23
N LYS A 30 -5.19 -7.73 -6.27
CA LYS A 30 -5.63 -6.50 -5.62
C LYS A 30 -6.03 -6.76 -4.17
N LEU A 31 -6.17 -5.69 -3.40
CA LEU A 31 -6.55 -5.81 -2.00
C LEU A 31 -7.70 -4.85 -1.66
N THR A 32 -8.69 -5.35 -0.95
CA THR A 32 -9.84 -4.53 -0.55
C THR A 32 -9.47 -3.57 0.57
N ALA A 33 -10.41 -2.70 0.92
CA ALA A 33 -10.19 -1.72 1.97
C ALA A 33 -9.62 -2.39 3.23
N GLU A 34 -10.29 -3.44 3.69
CA GLU A 34 -9.85 -4.17 4.88
C GLU A 34 -8.41 -4.65 4.72
N GLU A 35 -8.13 -5.27 3.58
CA GLU A 35 -6.79 -5.78 3.31
C GLU A 35 -5.76 -4.65 3.32
N LEU A 36 -6.08 -3.56 2.63
CA LEU A 36 -5.19 -2.42 2.56
C LEU A 36 -4.87 -1.88 3.95
N GLY A 37 -5.89 -1.86 4.81
CA GLY A 37 -5.70 -1.37 6.16
C GLY A 37 -4.66 -2.17 6.93
N THR A 38 -4.56 -3.46 6.61
CA THR A 38 -3.60 -4.33 7.28
C THR A 38 -2.17 -4.01 6.85
N VAL A 39 -1.97 -3.85 5.54
CA VAL A 39 -0.66 -3.54 5.00
C VAL A 39 -0.27 -2.10 5.31
N MET A 40 -1.26 -1.22 5.32
CA MET A 40 -1.01 0.20 5.59
C MET A 40 -0.67 0.41 7.07
N ARG A 41 -1.27 -0.40 7.93
CA ARG A 41 -1.04 -0.30 9.36
C ARG A 41 0.41 -0.67 9.71
N ALA A 42 0.96 -1.61 8.95
CA ALA A 42 2.33 -2.06 9.16
C ALA A 42 3.31 -0.90 9.03
N LEU A 43 2.89 0.15 8.35
CA LEU A 43 3.74 1.32 8.16
C LEU A 43 3.23 2.51 8.98
N GLY A 44 1.92 2.50 9.27
CA GLY A 44 1.33 3.57 10.03
C GLY A 44 0.55 3.06 11.24
N ALA A 45 -0.71 2.70 11.02
CA ALA A 45 -1.56 2.20 12.09
C ALA A 45 -1.78 3.27 13.16
N ASN A 46 -1.50 4.52 12.81
CA ASN A 46 -1.67 5.63 13.74
C ASN A 46 -3.16 5.90 13.99
N PRO A 47 -3.90 6.22 12.93
CA PRO A 47 -5.33 6.51 13.02
C PRO A 47 -6.15 5.26 13.32
N THR A 48 -7.46 5.39 13.23
CA THR A 48 -8.36 4.27 13.50
C THR A 48 -8.81 3.60 12.20
N LYS A 49 -9.34 2.38 12.33
CA LYS A 49 -9.81 1.64 11.16
C LYS A 49 -10.94 2.38 10.46
N GLN A 50 -11.81 3.00 11.24
CA GLN A 50 -12.94 3.75 10.68
C GLN A 50 -12.46 5.00 9.95
N LYS A 51 -11.38 5.59 10.46
CA LYS A 51 -10.82 6.79 9.84
C LYS A 51 -10.11 6.46 8.54
N ILE A 52 -9.27 5.43 8.57
CA ILE A 52 -8.53 5.01 7.39
C ILE A 52 -9.47 4.45 6.33
N SER A 53 -10.53 3.78 6.77
CA SER A 53 -11.50 3.19 5.86
C SER A 53 -12.29 4.27 5.13
N GLU A 54 -12.49 5.40 5.80
CA GLU A 54 -13.23 6.52 5.22
C GLU A 54 -12.40 7.22 4.15
N ILE A 55 -11.09 7.31 4.38
CA ILE A 55 -10.19 7.95 3.44
C ILE A 55 -9.95 7.06 2.22
N VAL A 56 -9.90 5.76 2.44
CA VAL A 56 -9.67 4.81 1.36
C VAL A 56 -10.91 4.69 0.47
N LYS A 57 -12.08 4.63 1.09
CA LYS A 57 -13.33 4.52 0.35
C LYS A 57 -13.69 5.84 -0.31
N ASP A 58 -13.16 6.94 0.23
CA ASP A 58 -13.42 8.27 -0.33
C ASP A 58 -12.38 8.62 -1.39
N TYR A 59 -11.20 8.04 -1.27
CA TYR A 59 -10.12 8.30 -2.22
C TYR A 59 -10.23 7.37 -3.43
N ASP A 60 -10.77 6.18 -3.21
CA ASP A 60 -10.92 5.20 -4.27
C ASP A 60 -12.37 5.13 -4.74
N LYS A 61 -12.87 6.23 -5.29
CA LYS A 61 -14.25 6.30 -5.77
C LYS A 61 -14.28 6.39 -7.30
N ASP A 62 -13.17 6.82 -7.89
CA ASP A 62 -13.07 6.95 -9.34
C ASP A 62 -12.60 5.63 -9.97
N ASN A 63 -12.54 4.59 -9.17
CA ASN A 63 -12.10 3.28 -9.65
C ASN A 63 -12.96 2.17 -9.05
N SER A 64 -12.75 1.88 -7.77
CA SER A 64 -13.50 0.84 -7.08
C SER A 64 -13.10 0.76 -5.61
N GLY A 65 -13.55 -0.30 -4.94
CA GLY A 65 -13.23 -0.48 -3.54
C GLY A 65 -12.04 -1.41 -3.33
N LYS A 66 -11.22 -1.56 -4.36
CA LYS A 66 -10.06 -2.44 -4.29
C LYS A 66 -8.78 -1.63 -4.55
N PHE A 67 -7.64 -2.24 -4.23
CA PHE A 67 -6.35 -1.60 -4.42
C PHE A 67 -5.47 -2.41 -5.37
N ASP A 68 -4.81 -1.72 -6.30
CA ASP A 68 -3.94 -2.37 -7.26
C ASP A 68 -2.47 -2.02 -7.01
N GLN A 69 -1.61 -3.02 -7.09
CA GLN A 69 -0.18 -2.80 -6.86
C GLN A 69 0.33 -1.62 -7.67
N GLU A 70 -0.14 -1.51 -8.92
CA GLU A 70 0.28 -0.42 -9.79
C GLU A 70 0.01 0.94 -9.13
N THR A 71 -1.10 1.03 -8.42
CA THR A 71 -1.46 2.27 -7.74
C THR A 71 -0.44 2.63 -6.66
N PHE A 72 -0.06 1.63 -5.86
CA PHE A 72 0.91 1.85 -4.80
C PHE A 72 2.28 2.18 -5.37
N LEU A 73 2.67 1.49 -6.43
CA LEU A 73 3.96 1.71 -7.07
C LEU A 73 4.02 3.11 -7.69
N THR A 74 2.88 3.56 -8.22
CA THR A 74 2.81 4.88 -8.84
C THR A 74 2.89 5.99 -7.81
N ILE A 75 2.24 5.78 -6.67
CA ILE A 75 2.24 6.76 -5.59
C ILE A 75 3.64 6.90 -4.99
N MET A 76 4.25 5.78 -4.66
CA MET A 76 5.59 5.78 -4.08
C MET A 76 6.63 6.27 -5.08
N LEU A 77 6.33 6.09 -6.37
CA LEU A 77 7.23 6.51 -7.43
C LEU A 77 7.16 8.02 -7.63
N GLU A 78 5.96 8.57 -7.55
CA GLU A 78 5.76 10.01 -7.73
C GLU A 78 6.25 10.78 -6.51
N TYR A 79 6.20 10.12 -5.35
CA TYR A 79 6.64 10.75 -4.11
C TYR A 79 8.15 10.63 -3.94
N GLY A 80 8.72 9.54 -4.46
CA GLY A 80 10.14 9.33 -4.35
C GLY A 80 10.95 10.42 -5.02
N GLN A 81 10.35 11.07 -6.01
CA GLN A 81 11.03 12.16 -6.72
C GLN A 81 12.26 11.65 -7.45
N GLU A 82 12.26 10.35 -7.76
CA GLU A 82 13.39 9.74 -8.45
C GLU A 82 12.92 8.89 -9.63
N VAL A 83 13.73 8.82 -10.68
CA VAL A 83 13.39 8.04 -11.86
C VAL A 83 14.64 7.57 -12.58
N ASP A 84 14.59 6.33 -13.09
CA ASP A 84 15.73 5.76 -13.80
C ASP A 84 15.45 5.69 -15.30
N SER A 85 14.18 5.51 -15.65
CA SER A 85 13.77 5.42 -17.05
C SER A 85 12.26 5.29 -17.17
CA CA B . -7.31 -10.77 -2.00
CA CA C . -8.54 3.58 -7.63
N MET A 1 17.43 12.46 1.30
CA MET A 1 18.69 13.02 0.79
C MET A 1 19.53 13.57 1.93
N SER A 2 20.51 12.78 2.37
CA SER A 2 21.39 13.19 3.46
C SER A 2 22.62 12.29 3.53
N GLU A 3 22.39 10.99 3.64
CA GLU A 3 23.48 10.01 3.72
C GLU A 3 23.05 8.67 3.16
N GLN A 4 21.85 8.22 3.53
CA GLN A 4 21.33 6.95 3.07
C GLN A 4 19.82 7.03 2.86
N LYS A 5 19.33 6.37 1.81
CA LYS A 5 17.91 6.36 1.51
C LYS A 5 17.31 4.98 1.76
N LYS A 6 16.48 4.86 2.79
CA LYS A 6 15.85 3.60 3.13
C LYS A 6 14.43 3.54 2.56
N VAL A 7 14.24 4.17 1.41
CA VAL A 7 12.93 4.19 0.76
C VAL A 7 13.07 4.23 -0.75
N LEU A 8 12.01 3.85 -1.46
CA LEU A 8 12.01 3.85 -2.91
C LEU A 8 13.15 2.97 -3.45
N THR A 9 13.30 1.79 -2.87
CA THR A 9 14.34 0.86 -3.29
C THR A 9 13.74 -0.50 -3.66
N ALA A 10 14.56 -1.35 -4.26
CA ALA A 10 14.12 -2.68 -4.67
C ALA A 10 13.49 -3.43 -3.50
N GLU A 11 14.10 -3.30 -2.32
CA GLU A 11 13.60 -3.96 -1.13
C GLU A 11 12.14 -3.58 -0.85
N GLU A 12 11.82 -2.32 -1.11
CA GLU A 12 10.47 -1.81 -0.89
C GLU A 12 9.49 -2.47 -1.86
N GLN A 13 9.89 -2.57 -3.13
CA GLN A 13 9.05 -3.17 -4.15
C GLN A 13 8.74 -4.63 -3.82
N GLN A 14 9.78 -5.40 -3.55
CA GLN A 14 9.63 -6.82 -3.22
C GLN A 14 8.80 -6.98 -1.95
N GLU A 15 9.07 -6.14 -0.97
CA GLU A 15 8.34 -6.19 0.31
C GLU A 15 6.85 -5.99 0.08
N TYR A 16 6.50 -5.00 -0.73
CA TYR A 16 5.10 -4.70 -1.03
C TYR A 16 4.49 -5.78 -1.92
N LYS A 17 5.25 -6.22 -2.90
CA LYS A 17 4.79 -7.24 -3.84
C LYS A 17 4.38 -8.51 -3.09
N GLU A 18 5.19 -8.92 -2.12
CA GLU A 18 4.90 -10.11 -1.33
C GLU A 18 3.79 -9.84 -0.32
N ALA A 19 3.72 -8.60 0.15
CA ALA A 19 2.70 -8.21 1.12
C ALA A 19 1.30 -8.38 0.54
N PHE A 20 1.08 -7.82 -0.64
CA PHE A 20 -0.22 -7.90 -1.30
C PHE A 20 -0.43 -9.29 -1.89
N GLN A 21 0.65 -9.91 -2.33
CA GLN A 21 0.59 -11.24 -2.93
C GLN A 21 0.20 -12.29 -1.89
N LEU A 22 0.81 -12.21 -0.71
CA LEU A 22 0.53 -13.14 0.37
C LEU A 22 -0.90 -12.94 0.90
N PHE A 23 -1.37 -11.70 0.86
CA PHE A 23 -2.71 -11.37 1.34
C PHE A 23 -3.75 -11.63 0.25
N ASP A 24 -3.28 -11.78 -0.98
CA ASP A 24 -4.17 -12.03 -2.12
C ASP A 24 -3.48 -12.90 -3.16
N LYS A 25 -3.14 -14.13 -2.78
CA LYS A 25 -2.47 -15.05 -3.68
C LYS A 25 -3.50 -15.86 -4.49
N ASP A 26 -4.75 -15.81 -4.05
CA ASP A 26 -5.82 -16.53 -4.72
C ASP A 26 -5.81 -16.25 -6.21
N ASN A 27 -6.35 -15.09 -6.61
CA ASN A 27 -6.40 -14.71 -8.00
C ASN A 27 -7.12 -13.37 -8.18
N ASP A 28 -6.95 -12.48 -7.20
CA ASP A 28 -7.58 -11.18 -7.24
C ASP A 28 -6.58 -10.09 -7.63
N ASN A 29 -5.31 -10.30 -7.26
CA ASN A 29 -4.26 -9.35 -7.58
C ASN A 29 -4.59 -7.97 -7.04
N LYS A 30 -5.45 -7.93 -6.03
CA LYS A 30 -5.86 -6.66 -5.42
C LYS A 30 -6.15 -6.84 -3.93
N LEU A 31 -6.26 -5.72 -3.22
CA LEU A 31 -6.54 -5.76 -1.78
C LEU A 31 -7.62 -4.75 -1.42
N THR A 32 -8.68 -5.23 -0.76
CA THR A 32 -9.78 -4.38 -0.35
C THR A 32 -9.39 -3.51 0.84
N ALA A 33 -10.28 -2.59 1.22
CA ALA A 33 -10.03 -1.70 2.34
C ALA A 33 -9.56 -2.48 3.57
N GLU A 34 -10.09 -3.69 3.72
CA GLU A 34 -9.72 -4.55 4.86
C GLU A 34 -8.27 -5.02 4.74
N GLU A 35 -7.92 -5.53 3.56
CA GLU A 35 -6.57 -6.03 3.32
C GLU A 35 -5.56 -4.89 3.37
N LEU A 36 -5.93 -3.75 2.80
CA LEU A 36 -5.05 -2.59 2.77
C LEU A 36 -4.84 -2.05 4.18
N GLY A 37 -5.88 -2.07 4.98
CA GLY A 37 -5.78 -1.58 6.35
C GLY A 37 -4.77 -2.35 7.17
N THR A 38 -4.64 -3.64 6.89
CA THR A 38 -3.70 -4.49 7.60
C THR A 38 -2.26 -4.16 7.24
N VAL A 39 -2.00 -4.00 5.94
CA VAL A 39 -0.67 -3.69 5.45
C VAL A 39 -0.30 -2.24 5.76
N MET A 40 -1.30 -1.36 5.72
CA MET A 40 -1.09 0.07 5.99
C MET A 40 -0.73 0.28 7.46
N ARG A 41 -1.30 -0.55 8.33
CA ARG A 41 -1.04 -0.45 9.76
C ARG A 41 0.45 -0.50 10.05
N ALA A 42 1.18 -1.28 9.26
CA ALA A 42 2.61 -1.41 9.43
C ALA A 42 3.30 -0.06 9.36
N LEU A 43 2.66 0.89 8.70
CA LEU A 43 3.22 2.25 8.57
C LEU A 43 2.44 3.24 9.43
N GLY A 44 1.18 2.93 9.69
CA GLY A 44 0.35 3.81 10.50
C GLY A 44 0.55 3.58 11.98
N ALA A 45 -0.19 2.63 12.53
CA ALA A 45 -0.11 2.31 13.95
C ALA A 45 -0.54 3.49 14.80
N ASN A 46 -1.84 3.79 14.79
CA ASN A 46 -2.39 4.89 15.57
C ASN A 46 -3.88 5.01 15.36
N PRO A 47 -4.30 5.25 14.11
CA PRO A 47 -5.72 5.38 13.75
C PRO A 47 -6.47 4.06 13.86
N THR A 48 -7.80 4.12 13.75
CA THR A 48 -8.63 2.94 13.83
C THR A 48 -8.95 2.38 12.45
N LYS A 49 -9.36 1.12 12.40
CA LYS A 49 -9.69 0.47 11.13
C LYS A 49 -10.85 1.19 10.45
N GLN A 50 -11.79 1.70 11.24
CA GLN A 50 -12.94 2.41 10.71
C GLN A 50 -12.54 3.75 10.11
N LYS A 51 -11.53 4.38 10.71
CA LYS A 51 -11.04 5.66 10.25
C LYS A 51 -10.27 5.51 8.95
N ILE A 52 -9.41 4.51 8.89
CA ILE A 52 -8.61 4.26 7.69
C ILE A 52 -9.49 3.72 6.55
N SER A 53 -10.49 2.93 6.90
CA SER A 53 -11.39 2.36 5.91
C SER A 53 -12.22 3.44 5.24
N GLU A 54 -12.56 4.48 5.99
CA GLU A 54 -13.35 5.58 5.47
C GLU A 54 -12.51 6.47 4.54
N ILE A 55 -11.22 6.59 4.86
CA ILE A 55 -10.31 7.40 4.06
C ILE A 55 -9.95 6.69 2.76
N VAL A 56 -9.84 5.36 2.82
CA VAL A 56 -9.50 4.56 1.65
C VAL A 56 -10.67 4.51 0.67
N LYS A 57 -11.87 4.31 1.20
CA LYS A 57 -13.07 4.24 0.37
C LYS A 57 -13.47 5.62 -0.15
N ASP A 58 -13.06 6.65 0.58
CA ASP A 58 -13.36 8.02 0.19
C ASP A 58 -12.37 8.53 -0.85
N TYR A 59 -11.13 8.04 -0.78
CA TYR A 59 -10.10 8.43 -1.71
C TYR A 59 -10.15 7.59 -2.99
N ASP A 60 -10.64 6.37 -2.85
CA ASP A 60 -10.75 5.45 -3.98
C ASP A 60 -12.18 5.41 -4.51
N LYS A 61 -12.64 6.54 -5.04
CA LYS A 61 -13.99 6.62 -5.58
C LYS A 61 -13.96 6.74 -7.11
N ASP A 62 -12.80 7.09 -7.64
CA ASP A 62 -12.63 7.24 -9.09
C ASP A 62 -12.24 5.92 -9.73
N ASN A 63 -12.28 4.85 -8.94
CA ASN A 63 -11.93 3.53 -9.42
C ASN A 63 -12.79 2.45 -8.77
N SER A 64 -12.53 2.19 -7.50
CA SER A 64 -13.28 1.19 -6.75
C SER A 64 -12.79 1.10 -5.30
N GLY A 65 -13.25 0.07 -4.59
CA GLY A 65 -12.85 -0.11 -3.21
C GLY A 65 -11.73 -1.13 -3.06
N LYS A 66 -10.92 -1.27 -4.09
CA LYS A 66 -9.80 -2.20 -4.07
C LYS A 66 -8.47 -1.49 -4.26
N PHE A 67 -7.38 -2.19 -3.98
CA PHE A 67 -6.04 -1.62 -4.12
C PHE A 67 -5.14 -2.54 -4.92
N ASP A 68 -4.47 -1.98 -5.92
CA ASP A 68 -3.57 -2.75 -6.77
C ASP A 68 -2.12 -2.33 -6.55
N GLN A 69 -1.22 -3.31 -6.47
CA GLN A 69 0.19 -3.04 -6.27
C GLN A 69 0.69 -1.97 -7.23
N GLU A 70 0.15 -1.98 -8.44
CA GLU A 70 0.56 -1.00 -9.45
C GLU A 70 0.30 0.42 -8.96
N THR A 71 -0.79 0.61 -8.23
CA THR A 71 -1.14 1.92 -7.71
C THR A 71 -0.11 2.40 -6.70
N PHE A 72 0.28 1.52 -5.78
CA PHE A 72 1.26 1.85 -4.76
C PHE A 72 2.63 2.11 -5.38
N LEU A 73 2.97 1.32 -6.40
CA LEU A 73 4.25 1.46 -7.08
C LEU A 73 4.28 2.73 -7.92
N THR A 74 3.11 3.14 -8.42
CA THR A 74 3.00 4.34 -9.23
C THR A 74 3.07 5.60 -8.36
N ILE A 75 2.36 5.58 -7.24
CA ILE A 75 2.34 6.72 -6.33
C ILE A 75 3.68 6.86 -5.60
N MET A 76 4.30 5.73 -5.29
CA MET A 76 5.59 5.74 -4.59
C MET A 76 6.71 6.11 -5.55
N LEU A 77 6.55 5.77 -6.82
CA LEU A 77 7.55 6.07 -7.83
C LEU A 77 7.47 7.53 -8.27
N GLU A 78 6.25 8.03 -8.39
CA GLU A 78 6.03 9.42 -8.80
C GLU A 78 6.35 10.38 -7.67
N TYR A 79 6.19 9.91 -6.43
CA TYR A 79 6.46 10.73 -5.25
C TYR A 79 7.95 10.73 -4.93
N GLY A 80 8.61 9.60 -5.18
CA GLY A 80 10.03 9.49 -4.92
C GLY A 80 10.32 8.59 -3.73
N GLN A 81 9.31 8.37 -2.89
CA GLN A 81 9.47 7.53 -1.71
C GLN A 81 8.17 7.43 -0.94
N GLU A 82 7.41 8.52 -0.92
CA GLU A 82 6.14 8.56 -0.21
C GLU A 82 6.34 8.37 1.29
N VAL A 83 5.27 8.54 2.05
CA VAL A 83 5.33 8.39 3.50
C VAL A 83 5.77 6.97 3.88
N ASP A 84 5.45 6.02 3.03
CA ASP A 84 5.82 4.63 3.28
C ASP A 84 7.31 4.48 3.50
N SER A 85 7.71 3.41 4.18
CA SER A 85 9.12 3.15 4.46
C SER A 85 9.57 1.85 3.83
CA CA B . -7.65 -12.36 -2.60
CA CA C . -8.07 3.64 -7.40
N MET A 1 25.98 -5.99 5.12
CA MET A 1 26.89 -5.54 6.17
C MET A 1 26.67 -4.07 6.49
N SER A 2 27.07 -3.66 7.69
CA SER A 2 26.92 -2.27 8.11
C SER A 2 25.48 -1.80 7.94
N GLU A 3 24.58 -2.34 8.75
CA GLU A 3 23.17 -1.98 8.68
C GLU A 3 22.59 -2.32 7.31
N GLN A 4 21.29 -2.05 7.14
CA GLN A 4 20.62 -2.32 5.88
C GLN A 4 19.49 -1.32 5.64
N LYS A 5 19.32 -0.92 4.39
CA LYS A 5 18.27 0.02 4.03
C LYS A 5 17.13 -0.68 3.29
N LYS A 6 15.99 -0.78 3.96
CA LYS A 6 14.81 -1.42 3.37
C LYS A 6 13.74 -0.41 3.04
N VAL A 7 14.16 0.83 2.79
CA VAL A 7 13.23 1.91 2.46
C VAL A 7 13.65 2.62 1.18
N LEU A 8 12.67 2.97 0.35
CA LEU A 8 12.94 3.67 -0.90
C LEU A 8 13.92 2.87 -1.76
N THR A 9 13.96 1.57 -1.55
CA THR A 9 14.85 0.69 -2.30
C THR A 9 14.08 -0.46 -2.94
N ALA A 10 14.76 -1.21 -3.81
CA ALA A 10 14.14 -2.34 -4.48
C ALA A 10 13.46 -3.28 -3.49
N GLU A 11 14.12 -3.48 -2.35
CA GLU A 11 13.57 -4.35 -1.30
C GLU A 11 12.16 -3.94 -0.93
N GLU A 12 11.92 -2.63 -0.88
CA GLU A 12 10.61 -2.11 -0.52
C GLU A 12 9.58 -2.45 -1.59
N GLN A 13 9.97 -2.29 -2.85
CA GLN A 13 9.08 -2.59 -3.97
C GLN A 13 8.65 -4.06 -3.94
N GLN A 14 9.63 -4.96 -3.88
CA GLN A 14 9.36 -6.39 -3.86
C GLN A 14 8.56 -6.77 -2.62
N GLU A 15 8.87 -6.11 -1.50
CA GLU A 15 8.19 -6.39 -0.24
C GLU A 15 6.72 -5.95 -0.31
N TYR A 16 6.48 -4.88 -1.06
CA TYR A 16 5.12 -4.36 -1.21
C TYR A 16 4.28 -5.26 -2.11
N LYS A 17 4.79 -5.52 -3.30
CA LYS A 17 4.09 -6.37 -4.25
C LYS A 17 3.84 -7.75 -3.67
N GLU A 18 4.83 -8.28 -2.98
CA GLU A 18 4.72 -9.61 -2.36
C GLU A 18 3.76 -9.57 -1.17
N ALA A 19 3.73 -8.43 -0.48
CA ALA A 19 2.86 -8.28 0.68
C ALA A 19 1.39 -8.41 0.29
N PHE A 20 1.01 -7.73 -0.79
CA PHE A 20 -0.38 -7.78 -1.26
C PHE A 20 -0.68 -9.13 -1.90
N GLN A 21 0.32 -9.71 -2.56
CA GLN A 21 0.16 -10.99 -3.22
C GLN A 21 -0.02 -12.11 -2.20
N LEU A 22 0.77 -12.06 -1.13
CA LEU A 22 0.70 -13.07 -0.09
C LEU A 22 -0.64 -13.00 0.65
N PHE A 23 -1.18 -11.79 0.76
CA PHE A 23 -2.46 -11.58 1.44
C PHE A 23 -3.63 -11.87 0.50
N ASP A 24 -3.33 -11.92 -0.80
CA ASP A 24 -4.36 -12.18 -1.80
C ASP A 24 -4.13 -13.52 -2.49
N LYS A 25 -4.35 -14.60 -1.75
CA LYS A 25 -4.17 -15.95 -2.28
C LYS A 25 -4.94 -16.13 -3.59
N ASP A 26 -6.04 -15.39 -3.73
CA ASP A 26 -6.86 -15.47 -4.93
C ASP A 26 -6.06 -15.05 -6.17
N ASN A 27 -6.75 -14.87 -7.28
CA ASN A 27 -6.10 -14.48 -8.53
C ASN A 27 -6.45 -13.04 -8.89
N ASP A 28 -6.88 -12.27 -7.89
CA ASP A 28 -7.24 -10.88 -8.10
C ASP A 28 -6.01 -9.98 -8.06
N ASN A 29 -5.01 -10.39 -7.28
CA ASN A 29 -3.79 -9.62 -7.15
C ASN A 29 -4.06 -8.22 -6.61
N LYS A 30 -5.03 -8.12 -5.71
CA LYS A 30 -5.41 -6.85 -5.11
C LYS A 30 -5.81 -7.03 -3.66
N LEU A 31 -5.99 -5.91 -2.96
CA LEU A 31 -6.39 -5.94 -1.55
C LEU A 31 -7.52 -4.96 -1.28
N THR A 32 -8.55 -5.43 -0.59
CA THR A 32 -9.71 -4.59 -0.27
C THR A 32 -9.36 -3.60 0.84
N ALA A 33 -10.30 -2.71 1.14
CA ALA A 33 -10.10 -1.70 2.18
C ALA A 33 -9.59 -2.35 3.47
N GLU A 34 -10.25 -3.43 3.89
CA GLU A 34 -9.86 -4.14 5.10
C GLU A 34 -8.43 -4.66 4.99
N GLU A 35 -8.13 -5.32 3.89
CA GLU A 35 -6.80 -5.87 3.67
C GLU A 35 -5.74 -4.77 3.69
N LEU A 36 -6.05 -3.66 3.02
CA LEU A 36 -5.12 -2.52 2.95
C LEU A 36 -4.85 -1.98 4.35
N GLY A 37 -5.86 -2.01 5.21
CA GLY A 37 -5.70 -1.51 6.56
C GLY A 37 -4.67 -2.28 7.35
N THR A 38 -4.58 -3.58 7.09
CA THR A 38 -3.62 -4.44 7.78
C THR A 38 -2.19 -4.12 7.35
N VAL A 39 -1.99 -3.98 6.05
CA VAL A 39 -0.66 -3.68 5.52
C VAL A 39 -0.28 -2.23 5.80
N MET A 40 -1.25 -1.34 5.76
CA MET A 40 -1.02 0.07 6.01
C MET A 40 -0.74 0.32 7.49
N ARG A 41 -1.40 -0.46 8.35
CA ARG A 41 -1.23 -0.32 9.79
C ARG A 41 0.25 -0.46 10.17
N ALA A 42 0.97 -1.31 9.45
CA ALA A 42 2.38 -1.52 9.71
C ALA A 42 3.18 -0.23 9.53
N LEU A 43 2.58 0.73 8.84
CA LEU A 43 3.23 2.02 8.60
C LEU A 43 2.56 3.13 9.40
N GLY A 44 1.27 2.94 9.69
CA GLY A 44 0.55 3.94 10.45
C GLY A 44 -0.16 3.34 11.65
N ALA A 45 -1.43 2.95 11.46
CA ALA A 45 -2.21 2.37 12.54
C ALA A 45 -2.45 3.38 13.66
N ASN A 46 -2.20 4.65 13.36
CA ASN A 46 -2.38 5.70 14.36
C ASN A 46 -3.87 5.94 14.64
N PRO A 47 -4.61 6.31 13.60
CA PRO A 47 -6.06 6.56 13.71
C PRO A 47 -6.85 5.29 13.95
N THR A 48 -8.18 5.40 13.88
CA THR A 48 -9.05 4.26 14.08
C THR A 48 -9.42 3.59 12.77
N LYS A 49 -9.75 2.30 12.82
CA LYS A 49 -10.12 1.55 11.62
C LYS A 49 -11.25 2.26 10.87
N GLN A 50 -12.19 2.81 11.62
CA GLN A 50 -13.33 3.51 11.02
C GLN A 50 -12.86 4.78 10.31
N LYS A 51 -11.88 5.45 10.88
CA LYS A 51 -11.34 6.68 10.32
C LYS A 51 -10.56 6.39 9.03
N ILE A 52 -9.64 5.43 9.11
CA ILE A 52 -8.83 5.06 7.96
C ILE A 52 -9.69 4.48 6.85
N SER A 53 -10.75 3.76 7.23
CA SER A 53 -11.65 3.15 6.27
C SER A 53 -12.40 4.22 5.48
N GLU A 54 -12.70 5.34 6.13
CA GLU A 54 -13.42 6.43 5.50
C GLU A 54 -12.52 7.17 4.52
N ILE A 55 -11.23 7.22 4.82
CA ILE A 55 -10.27 7.89 3.96
C ILE A 55 -9.96 7.07 2.71
N VAL A 56 -9.80 5.76 2.89
CA VAL A 56 -9.51 4.86 1.79
C VAL A 56 -10.73 4.69 0.88
N LYS A 57 -11.91 4.62 1.50
CA LYS A 57 -13.15 4.47 0.75
C LYS A 57 -13.53 5.77 0.05
N ASP A 58 -13.01 6.88 0.57
CA ASP A 58 -13.30 8.19 -0.02
C ASP A 58 -12.23 8.59 -1.02
N TYR A 59 -11.03 8.05 -0.85
CA TYR A 59 -9.92 8.34 -1.74
C TYR A 59 -9.96 7.46 -2.99
N ASP A 60 -10.54 6.28 -2.84
CA ASP A 60 -10.65 5.34 -3.96
C ASP A 60 -12.10 5.24 -4.44
N LYS A 61 -12.60 6.34 -4.99
CA LYS A 61 -13.97 6.39 -5.50
C LYS A 61 -13.98 6.48 -7.02
N ASP A 62 -12.81 6.76 -7.60
CA ASP A 62 -12.69 6.88 -9.05
C ASP A 62 -12.39 5.53 -9.69
N ASN A 63 -12.47 4.47 -8.88
CA ASN A 63 -12.21 3.12 -9.36
C ASN A 63 -13.01 2.09 -8.57
N SER A 64 -12.63 1.90 -7.31
CA SER A 64 -13.31 0.94 -6.44
C SER A 64 -12.67 0.93 -5.05
N GLY A 65 -13.06 -0.05 -4.24
CA GLY A 65 -12.52 -0.16 -2.90
C GLY A 65 -11.43 -1.20 -2.79
N LYS A 66 -10.67 -1.37 -3.86
CA LYS A 66 -9.59 -2.35 -3.89
C LYS A 66 -8.24 -1.68 -4.13
N PHE A 67 -7.16 -2.41 -3.90
CA PHE A 67 -5.82 -1.88 -4.10
C PHE A 67 -5.02 -2.78 -5.04
N ASP A 68 -4.37 -2.17 -6.02
CA ASP A 68 -3.57 -2.90 -6.99
C ASP A 68 -2.08 -2.57 -6.83
N GLN A 69 -1.23 -3.59 -6.91
CA GLN A 69 0.20 -3.40 -6.78
C GLN A 69 0.69 -2.25 -7.65
N GLU A 70 0.22 -2.21 -8.90
CA GLU A 70 0.62 -1.16 -9.82
C GLU A 70 0.35 0.22 -9.22
N THR A 71 -0.75 0.34 -8.50
CA THR A 71 -1.12 1.61 -7.87
C THR A 71 -0.03 2.09 -6.93
N PHE A 72 0.48 1.18 -6.11
CA PHE A 72 1.54 1.51 -5.16
C PHE A 72 2.81 1.95 -5.88
N LEU A 73 3.23 1.14 -6.85
CA LEU A 73 4.43 1.43 -7.63
C LEU A 73 4.33 2.79 -8.29
N THR A 74 3.13 3.14 -8.74
CA THR A 74 2.89 4.42 -9.39
C THR A 74 2.98 5.58 -8.40
N ILE A 75 2.46 5.35 -7.20
CA ILE A 75 2.49 6.37 -6.15
C ILE A 75 3.92 6.65 -5.68
N MET A 76 4.65 5.57 -5.38
CA MET A 76 6.02 5.70 -4.93
C MET A 76 6.92 6.23 -6.04
N LEU A 77 6.51 5.99 -7.28
CA LEU A 77 7.29 6.44 -8.44
C LEU A 77 7.07 7.92 -8.69
N GLU A 78 5.83 8.37 -8.54
CA GLU A 78 5.49 9.77 -8.76
C GLU A 78 5.99 10.63 -7.61
N TYR A 79 6.09 10.03 -6.42
CA TYR A 79 6.55 10.76 -5.24
C TYR A 79 8.06 10.64 -5.09
N GLY A 80 8.60 9.49 -5.50
CA GLY A 80 10.04 9.27 -5.41
C GLY A 80 10.57 9.56 -4.02
N GLN A 81 9.72 9.41 -3.01
CA GLN A 81 10.12 9.66 -1.63
C GLN A 81 9.23 8.89 -0.65
N GLU A 82 8.60 7.83 -1.16
CA GLU A 82 7.71 7.02 -0.32
C GLU A 82 8.40 6.60 0.97
N VAL A 83 7.64 6.05 1.90
CA VAL A 83 8.17 5.61 3.18
C VAL A 83 7.52 4.30 3.62
N ASP A 84 8.19 3.58 4.51
CA ASP A 84 7.67 2.31 5.02
C ASP A 84 8.37 1.93 6.32
N SER A 85 8.14 0.70 6.78
CA SER A 85 8.74 0.21 8.01
C SER A 85 8.26 1.03 9.20
CA CA B . -8.69 -11.58 -2.68
CA CA C . -7.88 3.29 -7.36
N MET A 1 26.27 -9.27 8.37
CA MET A 1 26.96 -8.65 9.51
C MET A 1 26.93 -7.13 9.38
N SER A 2 25.73 -6.58 9.17
CA SER A 2 25.59 -5.14 9.04
C SER A 2 24.11 -4.77 8.86
N GLU A 3 23.77 -3.53 9.21
CA GLU A 3 22.41 -3.05 9.09
C GLU A 3 21.91 -3.15 7.65
N GLN A 4 20.65 -2.82 7.43
CA GLN A 4 20.05 -2.88 6.11
C GLN A 4 18.97 -1.81 5.94
N LYS A 5 18.86 -1.28 4.72
CA LYS A 5 17.87 -0.24 4.43
C LYS A 5 16.75 -0.80 3.55
N LYS A 6 15.56 -0.91 4.13
CA LYS A 6 14.41 -1.42 3.39
C LYS A 6 13.41 -0.31 3.09
N VAL A 7 13.91 0.79 2.53
CA VAL A 7 13.06 1.93 2.20
C VAL A 7 13.57 2.64 0.94
N LEU A 8 12.64 3.04 0.09
CA LEU A 8 12.98 3.73 -1.15
C LEU A 8 14.02 2.93 -1.95
N THR A 9 13.98 1.61 -1.80
CA THR A 9 14.90 0.73 -2.50
C THR A 9 14.18 -0.49 -3.08
N ALA A 10 14.88 -1.25 -3.90
CA ALA A 10 14.31 -2.44 -4.52
C ALA A 10 13.66 -3.33 -3.48
N GLU A 11 14.33 -3.48 -2.34
CA GLU A 11 13.81 -4.32 -1.25
C GLU A 11 12.40 -3.89 -0.86
N GLU A 12 12.17 -2.59 -0.84
CA GLU A 12 10.86 -2.04 -0.48
C GLU A 12 9.81 -2.43 -1.51
N GLN A 13 10.14 -2.27 -2.78
CA GLN A 13 9.22 -2.62 -3.86
C GLN A 13 8.81 -4.08 -3.79
N GLN A 14 9.81 -4.96 -3.74
CA GLN A 14 9.55 -6.39 -3.67
C GLN A 14 8.77 -6.75 -2.41
N GLU A 15 9.10 -6.08 -1.31
CA GLU A 15 8.43 -6.32 -0.04
C GLU A 15 6.96 -5.97 -0.13
N TYR A 16 6.65 -4.89 -0.83
CA TYR A 16 5.27 -4.45 -0.99
C TYR A 16 4.53 -5.31 -1.99
N LYS A 17 5.17 -5.60 -3.12
CA LYS A 17 4.57 -6.42 -4.16
C LYS A 17 4.17 -7.78 -3.61
N GLU A 18 5.07 -8.41 -2.87
CA GLU A 18 4.81 -9.72 -2.28
C GLU A 18 3.85 -9.60 -1.10
N ALA A 19 3.95 -8.48 -0.38
CA ALA A 19 3.08 -8.24 0.77
C ALA A 19 1.61 -8.37 0.39
N PHE A 20 1.23 -7.67 -0.68
CA PHE A 20 -0.16 -7.69 -1.14
C PHE A 20 -0.49 -9.02 -1.81
N GLN A 21 0.41 -9.47 -2.68
CA GLN A 21 0.22 -10.73 -3.39
C GLN A 21 -0.03 -11.88 -2.41
N LEU A 22 0.78 -11.94 -1.36
CA LEU A 22 0.65 -12.98 -0.35
C LEU A 22 -0.65 -12.83 0.43
N PHE A 23 -1.09 -11.59 0.59
CA PHE A 23 -2.33 -11.30 1.31
C PHE A 23 -3.54 -11.45 0.40
N ASP A 24 -3.29 -11.84 -0.84
CA ASP A 24 -4.36 -12.02 -1.82
C ASP A 24 -4.45 -13.47 -2.28
N LYS A 25 -4.98 -14.33 -1.41
CA LYS A 25 -5.11 -15.75 -1.72
C LYS A 25 -5.82 -15.94 -3.06
N ASP A 26 -6.70 -15.01 -3.40
CA ASP A 26 -7.45 -15.07 -4.66
C ASP A 26 -6.52 -14.84 -5.85
N ASN A 27 -7.11 -14.67 -7.02
CA ASN A 27 -6.35 -14.44 -8.24
C ASN A 27 -6.73 -13.11 -8.88
N ASP A 28 -7.09 -12.14 -8.05
CA ASP A 28 -7.48 -10.82 -8.53
C ASP A 28 -6.30 -9.86 -8.50
N ASN A 29 -5.29 -10.20 -7.71
CA ASN A 29 -4.10 -9.36 -7.59
C ASN A 29 -4.45 -7.99 -7.01
N LYS A 30 -5.39 -7.98 -6.07
CA LYS A 30 -5.81 -6.74 -5.44
C LYS A 30 -6.07 -6.96 -3.95
N LEU A 31 -6.28 -5.85 -3.22
CA LEU A 31 -6.53 -5.92 -1.79
C LEU A 31 -7.65 -4.97 -1.39
N THR A 32 -8.67 -5.49 -0.71
CA THR A 32 -9.80 -4.69 -0.27
C THR A 32 -9.41 -3.82 0.92
N ALA A 33 -10.33 -2.94 1.33
CA ALA A 33 -10.09 -2.06 2.46
C ALA A 33 -9.59 -2.84 3.67
N GLU A 34 -10.06 -4.07 3.81
CA GLU A 34 -9.66 -4.92 4.92
C GLU A 34 -8.19 -5.30 4.82
N GLU A 35 -7.77 -5.71 3.63
CA GLU A 35 -6.39 -6.09 3.41
C GLU A 35 -5.47 -4.87 3.38
N LEU A 36 -6.01 -3.76 2.88
CA LEU A 36 -5.24 -2.52 2.80
C LEU A 36 -5.07 -1.88 4.18
N GLY A 37 -6.06 -2.08 5.03
CA GLY A 37 -6.02 -1.53 6.37
C GLY A 37 -4.98 -2.22 7.24
N THR A 38 -4.84 -3.53 7.07
CA THR A 38 -3.89 -4.30 7.84
C THR A 38 -2.46 -4.07 7.37
N VAL A 39 -2.30 -3.97 6.06
CA VAL A 39 -0.98 -3.74 5.46
C VAL A 39 -0.53 -2.30 5.67
N MET A 40 -1.48 -1.37 5.64
CA MET A 40 -1.18 0.04 5.83
C MET A 40 -0.80 0.33 7.27
N ARG A 41 -1.43 -0.39 8.20
CA ARG A 41 -1.16 -0.21 9.62
C ARG A 41 0.33 -0.35 9.92
N ALA A 42 0.99 -1.24 9.18
CA ALA A 42 2.42 -1.46 9.37
C ALA A 42 3.21 -0.18 9.12
N LEU A 43 2.60 0.77 8.41
CA LEU A 43 3.25 2.04 8.11
C LEU A 43 2.84 3.11 9.11
N GLY A 44 1.59 3.05 9.55
CA GLY A 44 1.09 4.02 10.50
C GLY A 44 0.36 3.37 11.67
N ALA A 45 -0.84 2.87 11.41
CA ALA A 45 -1.63 2.22 12.45
C ALA A 45 -1.99 3.20 13.56
N ASN A 46 -1.85 4.49 13.27
CA ASN A 46 -2.16 5.53 14.26
C ASN A 46 -3.66 5.61 14.49
N PRO A 47 -4.41 5.91 13.43
CA PRO A 47 -5.88 6.04 13.51
C PRO A 47 -6.55 4.69 13.74
N THR A 48 -7.88 4.68 13.63
CA THR A 48 -8.65 3.45 13.83
C THR A 48 -8.96 2.78 12.49
N LYS A 49 -9.27 1.49 12.54
CA LYS A 49 -9.59 0.73 11.34
C LYS A 49 -10.84 1.29 10.67
N GLN A 50 -11.80 1.71 11.47
CA GLN A 50 -13.05 2.27 10.94
C GLN A 50 -12.81 3.63 10.29
N LYS A 51 -11.85 4.38 10.84
CA LYS A 51 -11.52 5.69 10.31
C LYS A 51 -10.78 5.58 8.99
N ILE A 52 -9.81 4.66 8.94
CA ILE A 52 -9.03 4.45 7.73
C ILE A 52 -9.86 3.79 6.64
N SER A 53 -10.77 2.91 7.04
CA SER A 53 -11.63 2.21 6.11
C SER A 53 -12.59 3.18 5.41
N GLU A 54 -13.03 4.19 6.16
CA GLU A 54 -13.94 5.19 5.62
C GLU A 54 -13.24 6.12 4.65
N ILE A 55 -11.96 6.39 4.93
CA ILE A 55 -11.16 7.28 4.08
C ILE A 55 -10.79 6.58 2.77
N VAL A 56 -10.57 5.27 2.84
CA VAL A 56 -10.20 4.49 1.66
C VAL A 56 -11.40 4.34 0.72
N LYS A 57 -12.58 4.22 1.29
CA LYS A 57 -13.80 4.05 0.51
C LYS A 57 -14.19 5.38 -0.15
N ASP A 58 -13.83 6.49 0.49
CA ASP A 58 -14.14 7.81 -0.04
C ASP A 58 -13.03 8.31 -0.96
N TYR A 59 -11.82 7.80 -0.73
CA TYR A 59 -10.66 8.20 -1.53
C TYR A 59 -10.59 7.39 -2.81
N ASP A 60 -11.16 6.19 -2.79
CA ASP A 60 -11.16 5.31 -3.95
C ASP A 60 -12.58 5.12 -4.49
N LYS A 61 -13.13 6.17 -5.08
CA LYS A 61 -14.48 6.12 -5.63
C LYS A 61 -14.45 6.19 -7.15
N ASP A 62 -13.27 6.47 -7.70
CA ASP A 62 -13.11 6.56 -9.16
C ASP A 62 -12.77 5.20 -9.75
N ASN A 63 -12.86 4.15 -8.92
CA ASN A 63 -12.56 2.80 -9.37
C ASN A 63 -13.27 1.77 -8.50
N SER A 64 -12.79 1.61 -7.27
CA SER A 64 -13.38 0.66 -6.34
C SER A 64 -12.70 0.74 -4.97
N GLY A 65 -13.00 -0.22 -4.11
CA GLY A 65 -12.41 -0.23 -2.78
C GLY A 65 -11.28 -1.25 -2.66
N LYS A 66 -10.53 -1.43 -3.74
CA LYS A 66 -9.43 -2.37 -3.74
C LYS A 66 -8.11 -1.65 -4.05
N PHE A 67 -7.00 -2.35 -3.81
CA PHE A 67 -5.67 -1.78 -4.06
C PHE A 67 -4.86 -2.69 -4.97
N ASP A 68 -4.24 -2.09 -5.98
CA ASP A 68 -3.42 -2.84 -6.93
C ASP A 68 -1.95 -2.48 -6.78
N GLN A 69 -1.09 -3.50 -6.85
CA GLN A 69 0.34 -3.29 -6.73
C GLN A 69 0.81 -2.14 -7.61
N GLU A 70 0.27 -2.06 -8.83
CA GLU A 70 0.63 -1.01 -9.76
C GLU A 70 0.44 0.37 -9.13
N THR A 71 -0.61 0.51 -8.34
CA THR A 71 -0.90 1.77 -7.67
C THR A 71 0.23 2.16 -6.72
N PHE A 72 0.67 1.20 -5.92
CA PHE A 72 1.75 1.44 -4.96
C PHE A 72 3.03 1.86 -5.67
N LEU A 73 3.37 1.16 -6.74
CA LEU A 73 4.57 1.46 -7.51
C LEU A 73 4.45 2.83 -8.18
N THR A 74 3.24 3.19 -8.57
CA THR A 74 2.99 4.46 -9.22
C THR A 74 3.08 5.63 -8.23
N ILE A 75 2.57 5.40 -7.03
CA ILE A 75 2.59 6.42 -5.99
C ILE A 75 4.02 6.69 -5.52
N MET A 76 4.76 5.62 -5.24
CA MET A 76 6.14 5.74 -4.79
C MET A 76 7.03 6.28 -5.90
N LEU A 77 6.65 5.99 -7.15
CA LEU A 77 7.42 6.45 -8.29
C LEU A 77 7.16 7.93 -8.58
N GLU A 78 5.92 8.35 -8.37
CA GLU A 78 5.55 9.74 -8.60
C GLU A 78 6.10 10.64 -7.49
N TYR A 79 6.24 10.08 -6.30
CA TYR A 79 6.75 10.83 -5.16
C TYR A 79 8.27 10.72 -5.07
N GLY A 80 8.81 9.60 -5.55
CA GLY A 80 10.24 9.39 -5.51
C GLY A 80 11.01 10.52 -6.19
N GLN A 81 10.35 11.20 -7.13
CA GLN A 81 10.97 12.30 -7.85
C GLN A 81 10.36 13.63 -7.45
N GLU A 82 9.80 13.68 -6.25
CA GLU A 82 9.17 14.89 -5.74
C GLU A 82 10.13 16.08 -5.82
N VAL A 83 11.43 15.79 -5.65
CA VAL A 83 12.45 16.83 -5.71
C VAL A 83 12.42 17.56 -7.05
N ASP A 84 13.13 18.68 -7.11
CA ASP A 84 13.18 19.47 -8.34
C ASP A 84 11.79 19.95 -8.76
N SER A 85 11.70 20.59 -9.91
CA SER A 85 10.43 21.10 -10.41
C SER A 85 10.59 21.65 -11.82
CA CA B . -8.86 -10.67 -3.59
CA CA C . -7.94 3.33 -7.23
N MET A 1 24.62 -3.29 11.94
CA MET A 1 25.92 -2.93 11.41
C MET A 1 25.88 -2.83 9.89
N SER A 2 24.95 -3.55 9.27
CA SER A 2 24.82 -3.55 7.82
C SER A 2 23.76 -2.54 7.38
N GLU A 3 24.11 -1.73 6.39
CA GLU A 3 23.19 -0.72 5.87
C GLU A 3 22.43 -1.24 4.65
N GLN A 4 21.14 -0.94 4.59
CA GLN A 4 20.30 -1.38 3.48
C GLN A 4 19.19 -0.38 3.20
N LYS A 5 18.80 -0.27 1.94
CA LYS A 5 17.74 0.65 1.54
C LYS A 5 16.51 -0.11 1.06
N LYS A 6 15.42 0.02 1.81
CA LYS A 6 14.18 -0.66 1.46
C LYS A 6 13.12 0.34 1.01
N VAL A 7 13.57 1.48 0.49
CA VAL A 7 12.68 2.52 0.01
C VAL A 7 13.12 3.06 -1.34
N LEU A 8 12.17 3.23 -2.25
CA LEU A 8 12.46 3.73 -3.59
C LEU A 8 13.50 2.87 -4.28
N THR A 9 13.58 1.61 -3.87
CA THR A 9 14.54 0.68 -4.45
C THR A 9 13.89 -0.68 -4.72
N ALA A 10 14.61 -1.55 -5.42
CA ALA A 10 14.10 -2.88 -5.75
C ALA A 10 13.59 -3.58 -4.50
N GLU A 11 14.29 -3.41 -3.38
CA GLU A 11 13.90 -4.04 -2.13
C GLU A 11 12.47 -3.65 -1.75
N GLU A 12 12.11 -2.40 -2.02
CA GLU A 12 10.78 -1.90 -1.70
C GLU A 12 9.72 -2.60 -2.56
N GLN A 13 10.00 -2.72 -3.86
CA GLN A 13 9.07 -3.36 -4.78
C GLN A 13 8.81 -4.80 -4.37
N GLN A 14 9.89 -5.56 -4.17
CA GLN A 14 9.78 -6.96 -3.78
C GLN A 14 9.07 -7.09 -2.44
N GLU A 15 9.40 -6.19 -1.51
CA GLU A 15 8.80 -6.21 -0.18
C GLU A 15 7.28 -6.07 -0.27
N TYR A 16 6.82 -5.11 -1.07
CA TYR A 16 5.39 -4.87 -1.24
C TYR A 16 4.75 -6.00 -2.04
N LYS A 17 5.37 -6.36 -3.15
CA LYS A 17 4.85 -7.43 -4.01
C LYS A 17 4.59 -8.69 -3.20
N GLU A 18 5.51 -9.01 -2.29
CA GLU A 18 5.38 -10.20 -1.45
C GLU A 18 4.35 -9.97 -0.35
N ALA A 19 4.25 -8.73 0.11
CA ALA A 19 3.30 -8.38 1.16
C ALA A 19 1.87 -8.65 0.73
N PHE A 20 1.50 -8.12 -0.44
CA PHE A 20 0.16 -8.30 -0.96
C PHE A 20 -0.02 -9.72 -1.51
N GLN A 21 1.06 -10.28 -2.04
CA GLN A 21 1.01 -11.63 -2.60
C GLN A 21 0.55 -12.64 -1.57
N LEU A 22 1.12 -12.54 -0.37
CA LEU A 22 0.77 -13.44 0.72
C LEU A 22 -0.61 -13.12 1.28
N PHE A 23 -0.96 -11.84 1.26
CA PHE A 23 -2.26 -11.39 1.76
C PHE A 23 -3.34 -11.54 0.69
N ASP A 24 -2.95 -12.08 -0.46
CA ASP A 24 -3.88 -12.27 -1.57
C ASP A 24 -3.86 -13.73 -2.03
N LYS A 25 -4.29 -14.63 -1.16
CA LYS A 25 -4.33 -16.05 -1.49
C LYS A 25 -5.24 -16.32 -2.68
N ASP A 26 -6.27 -15.49 -2.82
CA ASP A 26 -7.22 -15.64 -3.92
C ASP A 26 -6.51 -15.52 -5.27
N ASN A 27 -5.35 -14.90 -5.26
CA ASN A 27 -4.57 -14.71 -6.49
C ASN A 27 -5.33 -13.84 -7.48
N ASP A 28 -5.92 -12.77 -6.98
CA ASP A 28 -6.67 -11.84 -7.83
C ASP A 28 -5.79 -10.68 -8.28
N ASN A 29 -4.59 -10.61 -7.73
CA ASN A 29 -3.65 -9.55 -8.07
C ASN A 29 -4.20 -8.18 -7.66
N LYS A 30 -5.16 -8.19 -6.75
CA LYS A 30 -5.77 -6.96 -6.26
C LYS A 30 -6.19 -7.10 -4.81
N LEU A 31 -6.18 -5.98 -4.09
CA LEU A 31 -6.56 -5.98 -2.68
C LEU A 31 -7.86 -5.20 -2.47
N THR A 32 -8.52 -5.45 -1.33
CA THR A 32 -9.77 -4.78 -1.01
C THR A 32 -9.59 -3.80 0.15
N ALA A 33 -10.65 -3.06 0.45
CA ALA A 33 -10.61 -2.09 1.54
C ALA A 33 -10.07 -2.72 2.82
N GLU A 34 -10.58 -3.91 3.15
CA GLU A 34 -10.14 -4.62 4.35
C GLU A 34 -8.67 -4.98 4.26
N GLU A 35 -8.27 -5.53 3.12
CA GLU A 35 -6.88 -5.92 2.90
C GLU A 35 -5.95 -4.73 3.04
N LEU A 36 -6.31 -3.63 2.38
CA LEU A 36 -5.51 -2.41 2.44
C LEU A 36 -5.35 -1.92 3.87
N GLY A 37 -6.41 -2.04 4.65
CA GLY A 37 -6.37 -1.61 6.03
C GLY A 37 -5.33 -2.35 6.84
N THR A 38 -5.08 -3.61 6.49
CA THR A 38 -4.11 -4.43 7.19
C THR A 38 -2.68 -3.97 6.88
N VAL A 39 -2.41 -3.75 5.59
CA VAL A 39 -1.09 -3.31 5.16
C VAL A 39 -0.84 -1.86 5.53
N MET A 40 -1.89 -1.05 5.51
CA MET A 40 -1.79 0.35 5.86
C MET A 40 -1.50 0.53 7.34
N ARG A 41 -2.04 -0.37 8.16
CA ARG A 41 -1.84 -0.31 9.60
C ARG A 41 -0.35 -0.26 9.94
N ALA A 42 0.45 -0.99 9.17
CA ALA A 42 1.89 -1.03 9.40
C ALA A 42 2.53 0.31 9.06
N LEU A 43 1.90 1.06 8.17
CA LEU A 43 2.41 2.37 7.77
C LEU A 43 1.90 3.46 8.70
N GLY A 44 0.65 3.33 9.15
CA GLY A 44 0.07 4.31 10.04
C GLY A 44 -1.20 3.81 10.70
N ALA A 45 -1.05 3.08 11.80
CA ALA A 45 -2.20 2.54 12.52
C ALA A 45 -2.57 3.44 13.69
N ASN A 46 -2.37 4.75 13.51
CA ASN A 46 -2.69 5.72 14.56
C ASN A 46 -4.20 5.82 14.75
N PRO A 47 -4.91 6.22 13.69
CA PRO A 47 -6.36 6.37 13.72
C PRO A 47 -7.09 5.03 13.81
N THR A 48 -8.41 5.07 13.66
CA THR A 48 -9.21 3.85 13.73
C THR A 48 -9.48 3.28 12.34
N LYS A 49 -10.04 2.08 12.30
CA LYS A 49 -10.35 1.42 11.04
C LYS A 49 -11.35 2.24 10.23
N GLN A 50 -12.28 2.89 10.92
CA GLN A 50 -13.29 3.70 10.28
C GLN A 50 -12.67 4.90 9.57
N LYS A 51 -11.52 5.33 10.07
CA LYS A 51 -10.81 6.47 9.49
C LYS A 51 -10.11 6.07 8.19
N ILE A 52 -9.34 4.98 8.25
CA ILE A 52 -8.62 4.49 7.09
C ILE A 52 -9.58 4.05 5.99
N SER A 53 -10.70 3.47 6.39
CA SER A 53 -11.70 2.99 5.44
C SER A 53 -12.39 4.16 4.76
N GLU A 54 -12.54 5.26 5.49
CA GLU A 54 -13.19 6.45 4.96
C GLU A 54 -12.28 7.17 3.97
N ILE A 55 -10.97 7.09 4.22
CA ILE A 55 -9.99 7.74 3.35
C ILE A 55 -9.82 6.98 2.04
N VAL A 56 -9.64 5.66 2.15
CA VAL A 56 -9.47 4.81 0.98
C VAL A 56 -10.63 4.97 0.01
N LYS A 57 -11.83 5.01 0.56
CA LYS A 57 -13.04 5.16 -0.26
C LYS A 57 -13.18 6.59 -0.77
N ASP A 58 -12.51 7.53 -0.10
CA ASP A 58 -12.56 8.93 -0.49
C ASP A 58 -11.55 9.21 -1.61
N TYR A 59 -10.41 8.53 -1.55
CA TYR A 59 -9.36 8.71 -2.54
C TYR A 59 -9.57 7.77 -3.73
N ASP A 60 -10.11 6.60 -3.46
CA ASP A 60 -10.35 5.61 -4.50
C ASP A 60 -11.82 5.63 -4.92
N LYS A 61 -12.43 6.81 -4.84
CA LYS A 61 -13.84 6.97 -5.22
C LYS A 61 -13.99 7.03 -6.74
N ASP A 62 -12.88 7.29 -7.43
CA ASP A 62 -12.89 7.38 -8.89
C ASP A 62 -12.65 6.01 -9.51
N ASN A 63 -12.65 4.98 -8.68
CA ASN A 63 -12.43 3.61 -9.14
C ASN A 63 -13.25 2.62 -8.33
N SER A 64 -12.81 2.36 -7.10
CA SER A 64 -13.50 1.43 -6.22
C SER A 64 -12.80 1.33 -4.88
N GLY A 65 -13.20 0.34 -4.07
CA GLY A 65 -12.59 0.15 -2.77
C GLY A 65 -11.54 -0.92 -2.77
N LYS A 66 -10.78 -1.01 -3.87
CA LYS A 66 -9.73 -2.00 -4.00
C LYS A 66 -8.37 -1.34 -4.21
N PHE A 67 -7.32 -1.98 -3.72
CA PHE A 67 -5.97 -1.44 -3.85
C PHE A 67 -5.13 -2.31 -4.77
N ASP A 68 -4.44 -1.69 -5.72
CA ASP A 68 -3.60 -2.41 -6.67
C ASP A 68 -2.13 -2.08 -6.44
N GLN A 69 -1.28 -3.11 -6.49
CA GLN A 69 0.15 -2.92 -6.30
C GLN A 69 0.69 -1.78 -7.16
N GLU A 70 0.10 -1.63 -8.35
CA GLU A 70 0.51 -0.57 -9.27
C GLU A 70 0.33 0.80 -8.64
N THR A 71 -0.75 0.96 -7.88
CA THR A 71 -1.04 2.23 -7.22
C THR A 71 0.04 2.59 -6.21
N PHE A 72 0.43 1.61 -5.39
CA PHE A 72 1.46 1.83 -4.39
C PHE A 72 2.80 2.15 -5.03
N LEU A 73 3.10 1.45 -6.12
CA LEU A 73 4.35 1.67 -6.84
C LEU A 73 4.37 3.03 -7.51
N THR A 74 3.20 3.48 -7.96
CA THR A 74 3.08 4.78 -8.62
C THR A 74 3.20 5.92 -7.62
N ILE A 75 2.61 5.72 -6.43
CA ILE A 75 2.66 6.74 -5.39
C ILE A 75 4.06 6.89 -4.82
N MET A 76 4.69 5.77 -4.52
CA MET A 76 6.05 5.77 -3.97
C MET A 76 7.06 6.24 -5.01
N LEU A 77 6.75 5.99 -6.28
CA LEU A 77 7.63 6.39 -7.37
C LEU A 77 7.49 7.88 -7.67
N GLU A 78 6.26 8.39 -7.57
CA GLU A 78 5.99 9.79 -7.84
C GLU A 78 6.49 10.66 -6.69
N TYR A 79 6.54 10.08 -5.49
CA TYR A 79 7.00 10.80 -4.31
C TYR A 79 8.52 10.93 -4.31
N GLY A 80 9.20 9.90 -4.79
CA GLY A 80 10.66 9.92 -4.83
C GLY A 80 11.27 10.27 -3.49
N GLN A 81 10.56 9.94 -2.41
CA GLN A 81 11.04 10.23 -1.07
C GLN A 81 11.56 8.96 -0.39
N GLU A 82 10.63 8.10 0.03
CA GLU A 82 10.99 6.86 0.69
C GLU A 82 9.80 5.91 0.76
N VAL A 83 8.86 6.20 1.64
CA VAL A 83 7.66 5.38 1.79
C VAL A 83 8.02 3.98 2.31
N ASP A 84 7.08 3.36 3.02
CA ASP A 84 7.30 2.03 3.56
C ASP A 84 6.05 1.16 3.39
N SER A 85 6.06 0.00 4.03
CA SER A 85 4.94 -0.93 3.95
C SER A 85 4.62 -1.28 2.50
CA CA B . -8.49 -12.21 -3.11
CA CA C . -8.08 3.90 -7.26
N MET A 1 26.30 -2.23 8.58
CA MET A 1 26.81 -1.39 9.66
C MET A 1 27.18 -0.01 9.14
N SER A 2 26.39 0.50 8.20
CA SER A 2 26.63 1.81 7.62
C SER A 2 25.34 2.41 7.07
N GLU A 3 25.42 3.65 6.58
CA GLU A 3 24.26 4.33 6.03
C GLU A 3 23.60 3.49 4.93
N GLN A 4 22.29 3.33 5.04
CA GLN A 4 21.54 2.55 4.06
C GLN A 4 20.15 3.13 3.84
N LYS A 5 19.64 2.98 2.63
CA LYS A 5 18.31 3.50 2.29
C LYS A 5 17.31 2.36 2.09
N LYS A 6 16.35 2.26 3.01
CA LYS A 6 15.33 1.21 2.93
C LYS A 6 13.99 1.79 2.46
N VAL A 7 14.06 2.88 1.70
CA VAL A 7 12.86 3.52 1.17
C VAL A 7 13.01 3.82 -0.31
N LEU A 8 11.92 3.60 -1.06
CA LEU A 8 11.93 3.85 -2.50
C LEU A 8 13.02 3.04 -3.19
N THR A 9 13.44 1.95 -2.55
CA THR A 9 14.46 1.09 -3.10
C THR A 9 13.89 -0.25 -3.53
N ALA A 10 14.70 -1.05 -4.23
CA ALA A 10 14.27 -2.37 -4.69
C ALA A 10 13.65 -3.17 -3.56
N GLU A 11 14.24 -3.07 -2.38
CA GLU A 11 13.74 -3.79 -1.20
C GLU A 11 12.27 -3.47 -0.95
N GLU A 12 11.90 -2.21 -1.17
CA GLU A 12 10.53 -1.77 -0.95
C GLU A 12 9.59 -2.42 -1.98
N GLN A 13 10.01 -2.45 -3.23
CA GLN A 13 9.21 -3.03 -4.30
C GLN A 13 8.95 -4.51 -4.02
N GLN A 14 10.01 -5.26 -3.75
CA GLN A 14 9.88 -6.69 -3.46
C GLN A 14 9.04 -6.92 -2.22
N GLU A 15 9.26 -6.11 -1.18
CA GLU A 15 8.53 -6.23 0.07
C GLU A 15 7.02 -6.06 -0.17
N TYR A 16 6.67 -5.10 -1.00
CA TYR A 16 5.27 -4.82 -1.31
C TYR A 16 4.71 -5.88 -2.27
N LYS A 17 5.53 -6.27 -3.24
CA LYS A 17 5.12 -7.27 -4.23
C LYS A 17 4.67 -8.55 -3.53
N GLU A 18 5.50 -9.04 -2.61
CA GLU A 18 5.19 -10.26 -1.88
C GLU A 18 4.10 -10.02 -0.84
N ALA A 19 4.07 -8.80 -0.29
CA ALA A 19 3.08 -8.44 0.71
C ALA A 19 1.66 -8.52 0.14
N PHE A 20 1.46 -7.87 -1.00
CA PHE A 20 0.16 -7.87 -1.65
C PHE A 20 -0.13 -9.22 -2.31
N GLN A 21 0.92 -9.87 -2.80
CA GLN A 21 0.79 -11.16 -3.45
C GLN A 21 0.37 -12.23 -2.47
N LEU A 22 1.03 -12.25 -1.30
CA LEU A 22 0.72 -13.22 -0.26
C LEU A 22 -0.67 -13.01 0.29
N PHE A 23 -1.12 -11.76 0.32
CA PHE A 23 -2.43 -11.42 0.83
C PHE A 23 -3.50 -11.60 -0.25
N ASP A 24 -3.06 -12.07 -1.41
CA ASP A 24 -3.98 -12.30 -2.54
C ASP A 24 -4.24 -13.79 -2.74
N LYS A 25 -4.93 -14.39 -1.79
CA LYS A 25 -5.25 -15.82 -1.87
C LYS A 25 -6.45 -16.06 -2.77
N ASP A 26 -7.21 -15.00 -3.03
CA ASP A 26 -8.38 -15.11 -3.90
C ASP A 26 -8.02 -14.78 -5.35
N ASN A 27 -6.72 -14.77 -5.64
CA ASN A 27 -6.24 -14.46 -6.98
C ASN A 27 -6.85 -13.16 -7.49
N ASP A 28 -7.15 -12.25 -6.58
CA ASP A 28 -7.73 -10.96 -6.94
C ASP A 28 -6.65 -10.01 -7.46
N ASN A 29 -5.40 -10.26 -7.08
CA ASN A 29 -4.29 -9.43 -7.51
C ASN A 29 -4.42 -8.01 -6.96
N LYS A 30 -5.29 -7.86 -5.95
CA LYS A 30 -5.51 -6.56 -5.32
C LYS A 30 -5.86 -6.71 -3.86
N LEU A 31 -5.77 -5.62 -3.11
CA LEU A 31 -6.08 -5.64 -1.68
C LEU A 31 -7.23 -4.70 -1.36
N THR A 32 -8.27 -5.23 -0.71
CA THR A 32 -9.43 -4.44 -0.36
C THR A 32 -9.13 -3.52 0.82
N ALA A 33 -10.09 -2.67 1.17
CA ALA A 33 -9.92 -1.75 2.28
C ALA A 33 -9.43 -2.48 3.54
N GLU A 34 -9.83 -3.73 3.67
CA GLU A 34 -9.44 -4.54 4.82
C GLU A 34 -7.96 -4.92 4.74
N GLU A 35 -7.52 -5.31 3.56
CA GLU A 35 -6.13 -5.69 3.35
C GLU A 35 -5.22 -4.47 3.35
N LEU A 36 -5.74 -3.36 2.85
CA LEU A 36 -4.98 -2.12 2.79
C LEU A 36 -4.80 -1.51 4.18
N GLY A 37 -5.80 -1.72 5.04
CA GLY A 37 -5.75 -1.19 6.38
C GLY A 37 -4.72 -1.90 7.24
N THR A 38 -4.59 -3.22 7.03
CA THR A 38 -3.64 -4.02 7.80
C THR A 38 -2.22 -3.82 7.29
N VAL A 39 -2.08 -3.71 5.98
CA VAL A 39 -0.77 -3.51 5.38
C VAL A 39 -0.26 -2.08 5.58
N MET A 40 -1.20 -1.14 5.63
CA MET A 40 -0.85 0.27 5.83
C MET A 40 -0.38 0.52 7.26
N ARG A 41 -1.11 -0.05 8.22
CA ARG A 41 -0.77 0.12 9.63
C ARG A 41 0.59 -0.50 9.93
N ALA A 42 0.92 -1.56 9.21
CA ALA A 42 2.19 -2.25 9.40
C ALA A 42 3.36 -1.34 9.05
N LEU A 43 3.07 -0.24 8.37
CA LEU A 43 4.10 0.72 7.97
C LEU A 43 3.97 2.01 8.76
N GLY A 44 2.96 2.82 8.40
CA GLY A 44 2.75 4.08 9.08
C GLY A 44 1.32 4.25 9.56
N ALA A 45 0.45 4.70 8.66
CA ALA A 45 -0.95 4.91 8.98
C ALA A 45 -1.11 5.99 10.05
N ASN A 46 -1.04 7.25 9.63
CA ASN A 46 -1.19 8.37 10.55
C ASN A 46 -2.62 8.46 11.08
N PRO A 47 -3.58 8.65 10.16
CA PRO A 47 -5.00 8.76 10.50
C PRO A 47 -5.58 7.44 10.99
N THR A 48 -6.91 7.40 11.12
CA THR A 48 -7.58 6.20 11.58
C THR A 48 -8.06 5.35 10.40
N LYS A 49 -8.52 4.14 10.68
CA LYS A 49 -9.01 3.24 9.65
C LYS A 49 -10.23 3.83 8.94
N GLN A 50 -11.05 4.56 9.69
CA GLN A 50 -12.24 5.17 9.13
C GLN A 50 -11.87 6.27 8.13
N LYS A 51 -10.76 6.95 8.39
CA LYS A 51 -10.30 8.01 7.51
C LYS A 51 -9.75 7.44 6.20
N ILE A 52 -8.86 6.47 6.31
CA ILE A 52 -8.27 5.84 5.14
C ILE A 52 -9.32 5.14 4.30
N SER A 53 -10.29 4.51 4.97
CA SER A 53 -11.36 3.81 4.28
C SER A 53 -12.19 4.78 3.44
N GLU A 54 -12.45 5.96 3.98
CA GLU A 54 -13.23 6.98 3.28
C GLU A 54 -12.43 7.59 2.15
N ILE A 55 -11.11 7.71 2.35
CA ILE A 55 -10.23 8.29 1.34
C ILE A 55 -10.04 7.33 0.18
N VAL A 56 -10.00 6.03 0.47
CA VAL A 56 -9.83 5.01 -0.56
C VAL A 56 -11.09 4.88 -1.42
N LYS A 57 -12.24 4.91 -0.77
CA LYS A 57 -13.51 4.79 -1.47
C LYS A 57 -13.84 6.07 -2.24
N ASP A 58 -13.24 7.18 -1.81
CA ASP A 58 -13.47 8.46 -2.47
C ASP A 58 -12.41 8.71 -3.54
N TYR A 59 -11.24 8.12 -3.37
CA TYR A 59 -10.15 8.28 -4.33
C TYR A 59 -10.22 7.22 -5.41
N ASP A 60 -10.67 6.03 -5.04
CA ASP A 60 -10.79 4.92 -5.98
C ASP A 60 -12.22 4.80 -6.49
N LYS A 61 -12.95 5.90 -6.46
CA LYS A 61 -14.33 5.92 -6.93
C LYS A 61 -14.40 5.73 -8.44
N ASP A 62 -13.30 6.01 -9.12
CA ASP A 62 -13.23 5.86 -10.56
C ASP A 62 -12.92 4.42 -10.95
N ASN A 63 -12.80 3.55 -9.96
CA ASN A 63 -12.51 2.14 -10.19
C ASN A 63 -13.34 1.25 -9.28
N SER A 64 -12.96 1.21 -8.00
CA SER A 64 -13.68 0.39 -7.03
C SER A 64 -13.05 0.53 -5.64
N GLY A 65 -13.47 -0.34 -4.73
CA GLY A 65 -12.95 -0.29 -3.37
C GLY A 65 -11.80 -1.26 -3.16
N LYS A 66 -10.96 -1.41 -4.18
CA LYS A 66 -9.81 -2.30 -4.11
C LYS A 66 -8.51 -1.54 -4.30
N PHE A 67 -7.39 -2.19 -3.98
CA PHE A 67 -6.08 -1.57 -4.11
C PHE A 67 -5.18 -2.41 -5.00
N ASP A 68 -4.46 -1.75 -5.90
CA ASP A 68 -3.55 -2.43 -6.81
C ASP A 68 -2.10 -2.08 -6.50
N GLN A 69 -1.23 -3.10 -6.51
CA GLN A 69 0.18 -2.88 -6.22
C GLN A 69 0.75 -1.75 -7.08
N GLU A 70 0.31 -1.67 -8.33
CA GLU A 70 0.77 -0.64 -9.24
C GLU A 70 0.46 0.74 -8.70
N THR A 71 -0.69 0.86 -8.02
CA THR A 71 -1.10 2.14 -7.45
C THR A 71 -0.12 2.62 -6.39
N PHE A 72 0.23 1.73 -5.47
CA PHE A 72 1.17 2.06 -4.40
C PHE A 72 2.56 2.35 -4.97
N LEU A 73 2.97 1.55 -5.94
CA LEU A 73 4.28 1.72 -6.57
C LEU A 73 4.35 3.04 -7.32
N THR A 74 3.23 3.45 -7.90
CA THR A 74 3.16 4.69 -8.66
C THR A 74 3.21 5.91 -7.73
N ILE A 75 2.52 5.80 -6.60
CA ILE A 75 2.49 6.88 -5.62
C ILE A 75 3.86 7.10 -4.99
N MET A 76 4.48 6.00 -4.56
CA MET A 76 5.80 6.06 -3.94
C MET A 76 6.86 6.46 -4.95
N LEU A 77 6.63 6.11 -6.22
CA LEU A 77 7.57 6.44 -7.28
C LEU A 77 7.44 7.90 -7.69
N GLU A 78 6.22 8.41 -7.68
CA GLU A 78 5.97 9.80 -8.05
C GLU A 78 6.42 10.75 -6.94
N TYR A 79 6.39 10.26 -5.71
CA TYR A 79 6.80 11.06 -4.56
C TYR A 79 8.31 11.19 -4.50
N GLY A 80 9.01 10.15 -4.93
CA GLY A 80 10.46 10.16 -4.91
C GLY A 80 11.03 9.58 -3.63
N GLN A 81 10.20 9.52 -2.59
CA GLN A 81 10.64 8.99 -1.30
C GLN A 81 9.43 8.72 -0.40
N GLU A 82 8.86 9.79 0.15
CA GLU A 82 7.71 9.67 1.03
C GLU A 82 7.24 11.05 1.51
N VAL A 83 8.20 11.95 1.71
CA VAL A 83 7.89 13.30 2.16
C VAL A 83 8.29 14.34 1.11
N ASP A 84 9.25 13.99 0.27
CA ASP A 84 9.72 14.89 -0.78
C ASP A 84 8.55 15.40 -1.61
N SER A 85 7.51 14.58 -1.73
CA SER A 85 6.33 14.96 -2.50
C SER A 85 5.08 14.28 -1.94
CA CA B . -7.12 -11.58 -2.92
CA CA C . -8.28 3.02 -8.05
N MET A 1 27.63 -0.59 6.04
CA MET A 1 26.56 -1.49 6.48
C MET A 1 25.95 -1.00 7.79
N SER A 2 25.86 0.32 7.95
CA SER A 2 25.30 0.91 9.16
C SER A 2 23.86 1.33 8.92
N GLU A 3 23.53 1.66 7.68
CA GLU A 3 22.17 2.09 7.33
C GLU A 3 21.63 1.24 6.19
N GLN A 4 20.32 1.31 5.98
CA GLN A 4 19.66 0.55 4.92
C GLN A 4 18.48 1.33 4.35
N LYS A 5 18.23 1.14 3.05
CA LYS A 5 17.13 1.83 2.38
C LYS A 5 16.02 0.85 2.03
N LYS A 6 14.89 0.97 2.71
CA LYS A 6 13.74 0.10 2.47
C LYS A 6 12.61 0.85 1.77
N VAL A 7 12.97 1.90 1.05
CA VAL A 7 11.99 2.71 0.34
C VAL A 7 12.54 3.18 -1.01
N LEU A 8 11.67 3.20 -2.01
CA LEU A 8 12.06 3.63 -3.35
C LEU A 8 13.26 2.83 -3.85
N THR A 9 13.39 1.60 -3.36
CA THR A 9 14.49 0.72 -3.76
C THR A 9 13.99 -0.69 -4.02
N ALA A 10 14.87 -1.52 -4.57
CA ALA A 10 14.51 -2.90 -4.88
C ALA A 10 13.91 -3.60 -3.67
N GLU A 11 14.40 -3.25 -2.48
CA GLU A 11 13.91 -3.84 -1.25
C GLU A 11 12.42 -3.54 -1.05
N GLU A 12 12.03 -2.31 -1.36
CA GLU A 12 10.64 -1.90 -1.22
C GLU A 12 9.76 -2.58 -2.26
N GLN A 13 10.29 -2.71 -3.47
CA GLN A 13 9.56 -3.34 -4.57
C GLN A 13 9.24 -4.80 -4.25
N GLN A 14 10.26 -5.56 -3.88
CA GLN A 14 10.08 -6.96 -3.53
C GLN A 14 9.26 -7.12 -2.26
N GLU A 15 9.52 -6.25 -1.28
CA GLU A 15 8.80 -6.30 -0.02
C GLU A 15 7.29 -6.15 -0.24
N TYR A 16 6.91 -5.18 -1.05
CA TYR A 16 5.51 -4.94 -1.35
C TYR A 16 4.92 -6.06 -2.21
N LYS A 17 5.70 -6.50 -3.19
CA LYS A 17 5.26 -7.58 -4.09
C LYS A 17 4.85 -8.81 -3.29
N GLU A 18 5.70 -9.22 -2.35
CA GLU A 18 5.41 -10.38 -1.52
C GLU A 18 4.29 -10.08 -0.53
N ALA A 19 4.23 -8.83 -0.08
CA ALA A 19 3.20 -8.42 0.88
C ALA A 19 1.81 -8.52 0.27
N PHE A 20 1.70 -8.15 -1.02
CA PHE A 20 0.43 -8.20 -1.72
C PHE A 20 0.03 -9.64 -2.04
N GLN A 21 1.00 -10.43 -2.47
CA GLN A 21 0.76 -11.83 -2.81
C GLN A 21 0.34 -12.63 -1.58
N LEU A 22 1.04 -12.40 -0.46
CA LEU A 22 0.72 -13.10 0.78
C LEU A 22 -0.66 -12.72 1.28
N PHE A 23 -1.06 -11.48 1.02
CA PHE A 23 -2.37 -11.00 1.45
C PHE A 23 -3.39 -11.11 0.32
N ASP A 24 -3.06 -11.91 -0.69
CA ASP A 24 -3.95 -12.10 -1.83
C ASP A 24 -4.21 -13.58 -2.08
N LYS A 25 -4.76 -14.25 -1.08
CA LYS A 25 -5.06 -15.67 -1.19
C LYS A 25 -6.09 -15.93 -2.28
N ASP A 26 -6.91 -14.92 -2.57
CA ASP A 26 -7.93 -15.04 -3.60
C ASP A 26 -7.31 -14.99 -4.99
N ASN A 27 -6.09 -14.47 -5.08
CA ASN A 27 -5.39 -14.37 -6.34
C ASN A 27 -6.12 -13.42 -7.30
N ASP A 28 -6.42 -12.22 -6.81
CA ASP A 28 -7.12 -11.23 -7.63
C ASP A 28 -6.16 -10.17 -8.14
N ASN A 29 -4.89 -10.29 -7.75
CA ASN A 29 -3.87 -9.34 -8.18
C ASN A 29 -4.13 -7.96 -7.58
N LYS A 30 -5.04 -7.90 -6.60
CA LYS A 30 -5.38 -6.65 -5.95
C LYS A 30 -5.78 -6.88 -4.50
N LEU A 31 -5.92 -5.79 -3.76
CA LEU A 31 -6.31 -5.88 -2.35
C LEU A 31 -7.55 -5.03 -2.08
N THR A 32 -8.45 -5.57 -1.25
CA THR A 32 -9.68 -4.88 -0.91
C THR A 32 -9.44 -3.86 0.21
N ALA A 33 -10.48 -3.09 0.52
CA ALA A 33 -10.38 -2.08 1.57
C ALA A 33 -9.81 -2.67 2.85
N GLU A 34 -10.29 -3.85 3.21
CA GLU A 34 -9.83 -4.53 4.42
C GLU A 34 -8.36 -4.92 4.29
N GLU A 35 -8.01 -5.55 3.18
CA GLU A 35 -6.64 -5.98 2.93
C GLU A 35 -5.68 -4.79 2.95
N LEU A 36 -6.09 -3.69 2.33
CA LEU A 36 -5.28 -2.49 2.27
C LEU A 36 -5.06 -1.91 3.66
N GLY A 37 -6.10 -1.94 4.49
CA GLY A 37 -6.00 -1.43 5.84
C GLY A 37 -4.94 -2.14 6.65
N THR A 38 -4.72 -3.41 6.34
CA THR A 38 -3.72 -4.20 7.05
C THR A 38 -2.30 -3.78 6.67
N VAL A 39 -2.06 -3.64 5.37
CA VAL A 39 -0.76 -3.24 4.87
C VAL A 39 -0.48 -1.77 5.16
N MET A 40 -1.53 -0.97 5.13
CA MET A 40 -1.41 0.47 5.40
C MET A 40 -1.12 0.73 6.88
N ARG A 41 -1.68 -0.12 7.73
CA ARG A 41 -1.48 0.01 9.18
C ARG A 41 0.01 0.02 9.52
N ALA A 42 0.79 -0.78 8.80
CA ALA A 42 2.22 -0.86 9.03
C ALA A 42 2.89 0.49 8.80
N LEU A 43 2.24 1.35 8.03
CA LEU A 43 2.76 2.68 7.73
C LEU A 43 2.32 3.69 8.78
N GLY A 44 1.20 3.41 9.43
CA GLY A 44 0.67 4.30 10.44
C GLY A 44 -0.07 3.57 11.54
N ALA A 45 -1.28 3.12 11.23
CA ALA A 45 -2.09 2.40 12.20
C ALA A 45 -2.42 3.27 13.41
N ASN A 46 -2.35 4.59 13.21
CA ASN A 46 -2.64 5.54 14.28
C ASN A 46 -4.12 5.52 14.63
N PRO A 47 -4.97 5.86 13.64
CA PRO A 47 -6.42 5.90 13.82
C PRO A 47 -7.02 4.51 14.00
N THR A 48 -8.34 4.43 13.97
CA THR A 48 -9.04 3.16 14.13
C THR A 48 -9.37 2.54 12.77
N LYS A 49 -9.68 1.25 12.78
CA LYS A 49 -10.02 0.55 11.54
C LYS A 49 -11.22 1.19 10.85
N GLN A 50 -12.16 1.68 11.64
CA GLN A 50 -13.35 2.33 11.11
C GLN A 50 -13.00 3.67 10.46
N LYS A 51 -12.02 4.36 11.04
CA LYS A 51 -11.59 5.66 10.51
C LYS A 51 -10.86 5.49 9.19
N ILE A 52 -9.98 4.51 9.12
CA ILE A 52 -9.22 4.25 7.91
C ILE A 52 -10.10 3.65 6.82
N SER A 53 -11.07 2.83 7.23
CA SER A 53 -11.99 2.21 6.29
C SER A 53 -12.82 3.26 5.56
N GLU A 54 -13.19 4.31 6.28
CA GLU A 54 -14.00 5.39 5.71
C GLU A 54 -13.17 6.24 4.75
N ILE A 55 -11.88 6.39 5.08
CA ILE A 55 -10.98 7.19 4.25
C ILE A 55 -10.62 6.45 2.97
N VAL A 56 -10.53 5.13 3.06
CA VAL A 56 -10.20 4.30 1.90
C VAL A 56 -11.35 4.25 0.91
N LYS A 57 -12.58 4.26 1.44
CA LYS A 57 -13.76 4.22 0.60
C LYS A 57 -13.99 5.56 -0.10
N ASP A 58 -13.53 6.63 0.53
CA ASP A 58 -13.67 7.97 -0.04
C ASP A 58 -12.47 8.34 -0.90
N TYR A 59 -11.33 7.71 -0.60
CA TYR A 59 -10.10 7.97 -1.34
C TYR A 59 -10.05 7.14 -2.62
N ASP A 60 -10.74 6.01 -2.62
CA ASP A 60 -10.78 5.12 -3.77
C ASP A 60 -12.17 5.10 -4.39
N LYS A 61 -12.93 6.17 -4.18
CA LYS A 61 -14.28 6.25 -4.72
C LYS A 61 -14.26 6.54 -6.22
N ASP A 62 -13.07 6.86 -6.74
CA ASP A 62 -12.92 7.15 -8.16
C ASP A 62 -12.87 5.86 -8.97
N ASN A 63 -12.73 4.73 -8.27
CA ASN A 63 -12.66 3.43 -8.93
C ASN A 63 -13.46 2.40 -8.16
N SER A 64 -12.95 2.01 -6.99
CA SER A 64 -13.63 1.02 -6.16
C SER A 64 -12.84 0.78 -4.87
N GLY A 65 -13.23 -0.26 -4.13
CA GLY A 65 -12.56 -0.57 -2.88
C GLY A 65 -11.45 -1.59 -3.07
N LYS A 66 -10.74 -1.48 -4.19
CA LYS A 66 -9.63 -2.39 -4.49
C LYS A 66 -8.32 -1.63 -4.65
N PHE A 67 -7.22 -2.36 -4.61
CA PHE A 67 -5.90 -1.75 -4.75
C PHE A 67 -5.02 -2.58 -5.69
N ASP A 68 -4.32 -1.89 -6.59
CA ASP A 68 -3.44 -2.56 -7.54
C ASP A 68 -1.97 -2.24 -7.25
N GLN A 69 -1.12 -3.25 -7.33
CA GLN A 69 0.31 -3.07 -7.07
C GLN A 69 0.85 -1.86 -7.83
N GLU A 70 0.51 -1.78 -9.12
CA GLU A 70 0.97 -0.69 -9.96
C GLU A 70 0.62 0.67 -9.34
N THR A 71 -0.57 0.74 -8.74
CA THR A 71 -1.03 1.97 -8.11
C THR A 71 -0.14 2.34 -6.92
N PHE A 72 0.20 1.35 -6.10
CA PHE A 72 1.05 1.56 -4.94
C PHE A 72 2.47 1.94 -5.36
N LEU A 73 2.97 1.27 -6.40
CA LEU A 73 4.31 1.54 -6.90
C LEU A 73 4.40 2.93 -7.51
N THR A 74 3.32 3.37 -8.14
CA THR A 74 3.28 4.69 -8.76
C THR A 74 3.21 5.79 -7.71
N ILE A 75 2.45 5.54 -6.66
CA ILE A 75 2.31 6.52 -5.58
C ILE A 75 3.61 6.68 -4.81
N MET A 76 4.22 5.56 -4.43
CA MET A 76 5.48 5.58 -3.70
C MET A 76 6.62 6.11 -4.57
N LEU A 77 6.49 5.91 -5.88
CA LEU A 77 7.51 6.37 -6.82
C LEU A 77 7.39 7.87 -7.06
N GLU A 78 6.16 8.36 -7.11
CA GLU A 78 5.92 9.78 -7.34
C GLU A 78 6.24 10.60 -6.09
N TYR A 79 6.10 9.97 -4.92
CA TYR A 79 6.39 10.64 -3.66
C TYR A 79 7.85 10.47 -3.27
N GLY A 80 8.45 9.36 -3.70
CA GLY A 80 9.85 9.10 -3.39
C GLY A 80 10.02 8.30 -2.12
N GLN A 81 8.99 8.29 -1.29
CA GLN A 81 9.03 7.55 -0.02
C GLN A 81 7.69 7.64 0.71
N GLU A 82 6.84 6.66 0.48
CA GLU A 82 5.53 6.63 1.12
C GLU A 82 5.65 6.80 2.63
N VAL A 83 6.75 6.30 3.19
CA VAL A 83 6.99 6.40 4.62
C VAL A 83 7.13 7.85 5.06
N ASP A 84 7.14 8.07 6.37
CA ASP A 84 7.28 9.42 6.91
C ASP A 84 6.11 10.30 6.47
N SER A 85 6.00 11.47 7.09
CA SER A 85 4.93 12.41 6.76
C SER A 85 5.37 13.85 7.03
CA CA B . -7.26 -10.97 -1.87
CA CA C . -7.84 3.01 -7.03
N MET A 1 12.58 6.41 15.85
CA MET A 1 11.25 5.99 15.42
C MET A 1 10.73 6.87 14.29
N SER A 2 10.09 6.25 13.30
CA SER A 2 9.56 6.98 12.16
C SER A 2 8.34 6.25 11.58
N GLU A 3 7.66 6.92 10.65
CA GLU A 3 6.48 6.33 10.01
C GLU A 3 6.17 7.06 8.70
N GLN A 4 7.13 7.09 7.80
CA GLN A 4 6.96 7.76 6.51
C GLN A 4 7.78 7.06 5.42
N LYS A 5 7.27 7.09 4.20
CA LYS A 5 7.95 6.47 3.07
C LYS A 5 8.62 7.52 2.19
N LYS A 6 9.94 7.56 2.22
CA LYS A 6 10.70 8.53 1.43
C LYS A 6 11.90 7.84 0.75
N VAL A 7 11.78 6.54 0.52
CA VAL A 7 12.84 5.78 -0.12
C VAL A 7 12.27 4.70 -1.02
N LEU A 8 12.85 4.56 -2.21
CA LEU A 8 12.40 3.56 -3.17
C LEU A 8 13.58 2.70 -3.64
N THR A 9 13.65 1.47 -3.14
CA THR A 9 14.70 0.54 -3.51
C THR A 9 14.16 -0.84 -3.79
N ALA A 10 15.01 -1.73 -4.32
CA ALA A 10 14.61 -3.09 -4.63
C ALA A 10 13.94 -3.75 -3.43
N GLU A 11 14.48 -3.49 -2.24
CA GLU A 11 13.95 -4.07 -1.01
C GLU A 11 12.46 -3.72 -0.86
N GLU A 12 12.12 -2.48 -1.15
CA GLU A 12 10.74 -2.02 -1.04
C GLU A 12 9.85 -2.70 -2.08
N GLN A 13 10.39 -2.85 -3.29
CA GLN A 13 9.65 -3.48 -4.38
C GLN A 13 9.26 -4.91 -4.02
N GLN A 14 10.24 -5.70 -3.59
CA GLN A 14 10.00 -7.09 -3.22
C GLN A 14 9.11 -7.16 -1.99
N GLU A 15 9.36 -6.30 -1.02
CA GLU A 15 8.57 -6.26 0.21
C GLU A 15 7.09 -6.08 -0.09
N TYR A 16 6.80 -5.15 -1.00
CA TYR A 16 5.42 -4.88 -1.38
C TYR A 16 4.83 -6.02 -2.20
N LYS A 17 5.65 -6.56 -3.12
CA LYS A 17 5.21 -7.65 -3.98
C LYS A 17 4.73 -8.83 -3.14
N GLU A 18 5.49 -9.16 -2.09
CA GLU A 18 5.15 -10.27 -1.21
C GLU A 18 3.99 -9.89 -0.29
N ALA A 19 3.91 -8.62 0.07
CA ALA A 19 2.86 -8.13 0.95
C ALA A 19 1.48 -8.33 0.32
N PHE A 20 1.34 -7.87 -0.92
CA PHE A 20 0.07 -7.99 -1.64
C PHE A 20 -0.14 -9.43 -2.12
N GLN A 21 0.96 -10.11 -2.44
CA GLN A 21 0.89 -11.49 -2.92
C GLN A 21 0.41 -12.42 -1.81
N LEU A 22 0.99 -12.28 -0.62
CA LEU A 22 0.62 -13.10 0.52
C LEU A 22 -0.81 -12.82 0.96
N PHE A 23 -1.23 -11.57 0.80
CA PHE A 23 -2.59 -11.17 1.17
C PHE A 23 -3.56 -11.37 0.01
N ASP A 24 -3.09 -12.04 -1.03
CA ASP A 24 -3.91 -12.29 -2.22
C ASP A 24 -4.10 -13.79 -2.43
N LYS A 25 -4.80 -14.44 -1.50
CA LYS A 25 -5.05 -15.87 -1.59
C LYS A 25 -6.07 -16.18 -2.68
N ASP A 26 -6.96 -15.22 -2.95
CA ASP A 26 -7.98 -15.39 -3.97
C ASP A 26 -7.40 -15.12 -5.36
N ASN A 27 -6.18 -14.60 -5.40
CA ASN A 27 -5.53 -14.30 -6.66
C ASN A 27 -6.29 -13.22 -7.43
N ASP A 28 -6.53 -12.10 -6.77
CA ASP A 28 -7.25 -10.99 -7.40
C ASP A 28 -6.28 -9.90 -7.86
N ASN A 29 -5.02 -10.02 -7.44
CA ASN A 29 -4.00 -9.05 -7.80
C ASN A 29 -4.32 -7.67 -7.23
N LYS A 30 -5.21 -7.64 -6.25
CA LYS A 30 -5.61 -6.39 -5.61
C LYS A 30 -5.94 -6.61 -4.14
N LEU A 31 -5.92 -5.53 -3.37
CA LEU A 31 -6.23 -5.60 -1.95
C LEU A 31 -7.36 -4.64 -1.58
N THR A 32 -8.40 -5.18 -0.94
CA THR A 32 -9.54 -4.38 -0.53
C THR A 32 -9.20 -3.50 0.67
N ALA A 33 -10.14 -2.63 1.05
CA ALA A 33 -9.94 -1.74 2.19
C ALA A 33 -9.43 -2.51 3.40
N GLU A 34 -9.89 -3.74 3.56
CA GLU A 34 -9.48 -4.57 4.69
C GLU A 34 -8.04 -5.02 4.53
N GLU A 35 -7.69 -5.53 3.35
CA GLU A 35 -6.35 -5.99 3.08
C GLU A 35 -5.35 -4.84 3.13
N LEU A 36 -5.78 -3.67 2.66
CA LEU A 36 -4.93 -2.49 2.65
C LEU A 36 -4.68 -1.98 4.07
N GLY A 37 -5.70 -2.08 4.92
CA GLY A 37 -5.58 -1.64 6.29
C GLY A 37 -4.53 -2.43 7.06
N THR A 38 -4.36 -3.70 6.71
CA THR A 38 -3.39 -4.55 7.37
C THR A 38 -1.97 -4.19 6.96
N VAL A 39 -1.76 -4.00 5.66
CA VAL A 39 -0.46 -3.65 5.13
C VAL A 39 -0.09 -2.21 5.47
N MET A 40 -1.10 -1.34 5.49
CA MET A 40 -0.90 0.07 5.80
C MET A 40 -0.56 0.25 7.28
N ARG A 41 -1.14 -0.59 8.12
CA ARG A 41 -0.90 -0.52 9.56
C ARG A 41 0.59 -0.57 9.87
N ALA A 42 1.33 -1.32 9.07
CA ALA A 42 2.77 -1.45 9.25
C ALA A 42 3.45 -0.09 9.18
N LEU A 43 2.81 0.86 8.54
CA LEU A 43 3.35 2.21 8.40
C LEU A 43 2.55 3.21 9.23
N GLY A 44 1.28 2.89 9.48
CA GLY A 44 0.43 3.76 10.25
C GLY A 44 0.48 3.46 11.73
N ALA A 45 -0.36 2.54 12.18
CA ALA A 45 -0.42 2.15 13.58
C ALA A 45 -0.80 3.33 14.45
N ASN A 46 -2.07 3.74 14.37
CA ASN A 46 -2.56 4.86 15.17
C ASN A 46 -4.04 5.10 14.87
N PRO A 47 -4.35 5.42 13.61
CA PRO A 47 -5.73 5.69 13.17
C PRO A 47 -6.59 4.44 13.17
N THR A 48 -7.88 4.62 12.91
CA THR A 48 -8.81 3.50 12.88
C THR A 48 -8.99 2.98 11.46
N LYS A 49 -9.50 1.75 11.35
CA LYS A 49 -9.72 1.13 10.05
C LYS A 49 -10.73 1.92 9.24
N GLN A 50 -11.72 2.50 9.92
CA GLN A 50 -12.75 3.29 9.25
C GLN A 50 -12.15 4.55 8.63
N LYS A 51 -11.13 5.10 9.27
CA LYS A 51 -10.47 6.31 8.79
C LYS A 51 -9.69 6.01 7.51
N ILE A 52 -8.91 4.95 7.53
CA ILE A 52 -8.11 4.56 6.36
C ILE A 52 -9.00 4.08 5.22
N SER A 53 -10.12 3.45 5.58
CA SER A 53 -11.06 2.94 4.60
C SER A 53 -11.82 4.08 3.93
N GLU A 54 -12.08 5.13 4.69
CA GLU A 54 -12.81 6.29 4.16
C GLU A 54 -11.92 7.12 3.25
N ILE A 55 -10.73 7.48 3.74
CA ILE A 55 -9.79 8.27 2.97
C ILE A 55 -9.37 7.54 1.69
N VAL A 56 -9.23 6.22 1.80
CA VAL A 56 -8.83 5.40 0.65
C VAL A 56 -9.98 5.27 -0.34
N LYS A 57 -11.21 5.21 0.17
CA LYS A 57 -12.38 5.09 -0.67
C LYS A 57 -12.68 6.40 -1.39
N ASP A 58 -12.37 7.51 -0.74
CA ASP A 58 -12.61 8.83 -1.32
C ASP A 58 -11.50 9.20 -2.31
N TYR A 59 -10.36 8.52 -2.19
CA TYR A 59 -9.22 8.76 -3.08
C TYR A 59 -9.37 7.99 -4.38
N ASP A 60 -9.96 6.80 -4.30
CA ASP A 60 -10.17 5.97 -5.47
C ASP A 60 -11.60 5.46 -5.54
N LYS A 61 -12.51 6.33 -5.98
CA LYS A 61 -13.92 5.97 -6.08
C LYS A 61 -14.35 5.91 -7.54
N ASP A 62 -13.46 6.34 -8.44
CA ASP A 62 -13.75 6.32 -9.87
C ASP A 62 -13.57 4.91 -10.44
N ASN A 63 -12.93 4.05 -9.67
CA ASN A 63 -12.68 2.67 -10.10
C ASN A 63 -13.46 1.69 -9.23
N SER A 64 -13.07 1.62 -7.96
CA SER A 64 -13.72 0.71 -7.01
C SER A 64 -13.10 0.82 -5.63
N GLY A 65 -13.46 -0.10 -4.74
CA GLY A 65 -12.93 -0.08 -3.39
C GLY A 65 -11.78 -1.07 -3.21
N LYS A 66 -10.97 -1.23 -4.24
CA LYS A 66 -9.85 -2.15 -4.20
C LYS A 66 -8.53 -1.41 -4.43
N PHE A 67 -7.42 -2.07 -4.13
CA PHE A 67 -6.10 -1.48 -4.30
C PHE A 67 -5.27 -2.28 -5.31
N ASP A 68 -4.64 -1.58 -6.24
CA ASP A 68 -3.81 -2.22 -7.26
C ASP A 68 -2.34 -1.89 -7.04
N GLN A 69 -1.49 -2.89 -7.18
CA GLN A 69 -0.05 -2.71 -7.01
C GLN A 69 0.45 -1.51 -7.80
N GLU A 70 -0.05 -1.38 -9.02
CA GLU A 70 0.35 -0.26 -9.89
C GLU A 70 0.09 1.07 -9.21
N THR A 71 -1.03 1.17 -8.49
CA THR A 71 -1.39 2.39 -7.79
C THR A 71 -0.38 2.71 -6.70
N PHE A 72 0.00 1.71 -5.92
CA PHE A 72 0.95 1.89 -4.84
C PHE A 72 2.34 2.23 -5.39
N LEU A 73 2.72 1.56 -6.48
CA LEU A 73 4.02 1.80 -7.09
C LEU A 73 4.09 3.21 -7.70
N THR A 74 2.96 3.68 -8.22
CA THR A 74 2.89 5.01 -8.82
C THR A 74 2.98 6.09 -7.75
N ILE A 75 2.33 5.85 -6.62
CA ILE A 75 2.32 6.81 -5.52
C ILE A 75 3.71 6.93 -4.89
N MET A 76 4.31 5.78 -4.60
CA MET A 76 5.64 5.75 -4.00
C MET A 76 6.70 6.25 -4.98
N LEU A 77 6.41 6.11 -6.27
CA LEU A 77 7.33 6.54 -7.31
C LEU A 77 7.27 8.06 -7.51
N GLU A 78 6.05 8.60 -7.47
CA GLU A 78 5.86 10.03 -7.64
C GLU A 78 6.30 10.79 -6.39
N TYR A 79 6.24 10.11 -5.24
CA TYR A 79 6.63 10.72 -3.98
C TYR A 79 8.09 10.45 -3.66
N GLY A 80 8.59 9.32 -4.15
CA GLY A 80 9.98 8.95 -3.91
C GLY A 80 10.92 9.54 -4.95
N GLN A 81 10.43 9.71 -6.17
CA GLN A 81 11.23 10.26 -7.26
C GLN A 81 10.79 11.69 -7.58
N GLU A 82 10.19 12.36 -6.61
CA GLU A 82 9.73 13.73 -6.79
C GLU A 82 10.86 14.62 -7.30
N VAL A 83 12.09 14.28 -6.94
CA VAL A 83 13.26 15.04 -7.36
C VAL A 83 13.59 14.77 -8.82
N ASP A 84 14.13 15.77 -9.50
CA ASP A 84 14.51 15.63 -10.90
C ASP A 84 16.03 15.55 -11.05
N SER A 85 16.47 15.11 -12.22
CA SER A 85 17.89 14.98 -12.50
C SER A 85 18.19 15.16 -13.99
CA CA B . -7.82 -10.36 -3.07
CA CA C . -8.56 3.52 -8.14
N MET A 1 11.86 -2.87 16.56
CA MET A 1 12.56 -1.60 16.75
C MET A 1 11.93 -0.50 15.89
N SER A 2 12.14 -0.59 14.59
CA SER A 2 11.59 0.41 13.66
C SER A 2 11.10 -0.26 12.39
N GLU A 3 10.02 0.29 11.82
CA GLU A 3 9.44 -0.26 10.59
C GLU A 3 8.86 0.86 9.72
N GLN A 4 9.74 1.62 9.08
CA GLN A 4 9.32 2.72 8.23
C GLN A 4 10.30 2.93 7.09
N LYS A 5 9.79 3.39 5.94
CA LYS A 5 10.62 3.62 4.77
C LYS A 5 10.66 5.12 4.43
N LYS A 6 11.82 5.72 4.59
CA LYS A 6 11.99 7.15 4.30
C LYS A 6 12.13 7.37 2.80
N VAL A 7 12.67 6.38 2.10
CA VAL A 7 12.85 6.46 0.66
C VAL A 7 12.47 5.16 -0.03
N LEU A 8 11.93 5.28 -1.23
CA LEU A 8 11.51 4.11 -2.00
C LEU A 8 12.71 3.22 -2.33
N THR A 9 12.95 2.22 -1.49
CA THR A 9 14.07 1.30 -1.69
C THR A 9 13.56 -0.10 -2.03
N ALA A 10 14.48 -0.97 -2.41
CA ALA A 10 14.14 -2.34 -2.77
C ALA A 10 13.30 -3.00 -1.68
N GLU A 11 13.66 -2.72 -0.42
CA GLU A 11 12.94 -3.29 0.72
C GLU A 11 11.44 -2.98 0.63
N GLU A 12 11.12 -1.72 0.35
CA GLU A 12 9.73 -1.29 0.24
C GLU A 12 9.03 -2.04 -0.89
N GLN A 13 9.65 -2.07 -2.06
CA GLN A 13 9.08 -2.75 -3.21
C GLN A 13 8.69 -4.18 -2.87
N GLN A 14 9.64 -4.93 -2.30
CA GLN A 14 9.39 -6.31 -1.93
C GLN A 14 8.29 -6.40 -0.88
N GLU A 15 8.28 -5.45 0.05
CA GLU A 15 7.29 -5.42 1.11
C GLU A 15 5.88 -5.30 0.53
N TYR A 16 5.74 -4.47 -0.49
CA TYR A 16 4.45 -4.27 -1.14
C TYR A 16 4.04 -5.49 -1.96
N LYS A 17 5.00 -6.03 -2.70
CA LYS A 17 4.75 -7.20 -3.53
C LYS A 17 4.40 -8.41 -2.67
N GLU A 18 5.12 -8.58 -1.56
CA GLU A 18 4.88 -9.70 -0.66
C GLU A 18 3.61 -9.47 0.17
N ALA A 19 3.32 -8.20 0.46
CA ALA A 19 2.14 -7.85 1.24
C ALA A 19 0.87 -8.26 0.52
N PHE A 20 0.76 -7.87 -0.75
CA PHE A 20 -0.41 -8.19 -1.55
C PHE A 20 -0.41 -9.66 -1.96
N GLN A 21 0.79 -10.20 -2.17
CA GLN A 21 0.94 -11.60 -2.57
C GLN A 21 0.46 -12.53 -1.47
N LEU A 22 0.87 -12.25 -0.23
CA LEU A 22 0.48 -13.06 0.91
C LEU A 22 -1.01 -12.93 1.19
N PHE A 23 -1.56 -11.75 0.91
CA PHE A 23 -2.98 -11.51 1.13
C PHE A 23 -3.78 -11.80 -0.13
N ASP A 24 -3.18 -12.53 -1.05
CA ASP A 24 -3.84 -12.89 -2.31
C ASP A 24 -3.61 -14.35 -2.66
N LYS A 25 -4.18 -15.24 -1.86
CA LYS A 25 -4.03 -16.68 -2.08
C LYS A 25 -4.86 -17.13 -3.28
N ASP A 26 -5.89 -16.35 -3.60
CA ASP A 26 -6.76 -16.67 -4.73
C ASP A 26 -6.15 -16.19 -6.05
N ASN A 27 -5.01 -15.51 -5.95
CA ASN A 27 -4.33 -14.99 -7.13
C ASN A 27 -5.18 -13.95 -7.84
N ASP A 28 -5.90 -13.15 -7.05
CA ASP A 28 -6.77 -12.11 -7.61
C ASP A 28 -5.93 -10.97 -8.17
N ASN A 29 -4.68 -10.87 -7.72
CA ASN A 29 -3.79 -9.81 -8.18
C ASN A 29 -4.31 -8.44 -7.78
N LYS A 30 -5.25 -8.41 -6.83
CA LYS A 30 -5.83 -7.17 -6.35
C LYS A 30 -6.23 -7.29 -4.88
N LEU A 31 -6.17 -6.17 -4.17
CA LEU A 31 -6.53 -6.14 -2.76
C LEU A 31 -7.75 -5.26 -2.51
N THR A 32 -8.41 -5.46 -1.37
CA THR A 32 -9.58 -4.68 -1.03
C THR A 32 -9.26 -3.65 0.06
N ALA A 33 -10.23 -2.80 0.36
CA ALA A 33 -10.06 -1.78 1.39
C ALA A 33 -9.50 -2.37 2.67
N GLU A 34 -10.09 -3.48 3.10
CA GLU A 34 -9.67 -4.15 4.32
C GLU A 34 -8.23 -4.63 4.20
N GLU A 35 -7.90 -5.21 3.05
CA GLU A 35 -6.56 -5.73 2.80
C GLU A 35 -5.53 -4.60 2.82
N LEU A 36 -5.83 -3.54 2.09
CA LEU A 36 -4.93 -2.38 2.03
C LEU A 36 -4.66 -1.81 3.41
N GLY A 37 -5.71 -1.73 4.22
CA GLY A 37 -5.57 -1.20 5.57
C GLY A 37 -4.60 -2.01 6.40
N THR A 38 -4.51 -3.30 6.11
CA THR A 38 -3.61 -4.18 6.84
C THR A 38 -2.15 -3.93 6.46
N VAL A 39 -1.89 -3.82 5.17
CA VAL A 39 -0.54 -3.57 4.67
C VAL A 39 -0.11 -2.14 4.95
N MET A 40 -1.07 -1.22 4.94
CA MET A 40 -0.79 0.18 5.20
C MET A 40 -0.40 0.41 6.66
N ARG A 41 -1.11 -0.26 7.56
CA ARG A 41 -0.86 -0.14 8.99
C ARG A 41 0.41 -0.90 9.37
N ALA A 42 0.68 -1.99 8.67
CA ALA A 42 1.86 -2.81 8.93
C ALA A 42 3.13 -2.11 8.44
N LEU A 43 2.95 -0.98 7.77
CA LEU A 43 4.08 -0.21 7.26
C LEU A 43 4.28 1.06 8.05
N GLY A 44 3.18 1.65 8.53
CA GLY A 44 3.27 2.87 9.30
C GLY A 44 3.35 2.60 10.80
N ALA A 45 2.60 1.62 11.26
CA ALA A 45 2.59 1.27 12.67
C ALA A 45 2.34 2.49 13.55
N ASN A 46 1.07 2.82 13.75
CA ASN A 46 0.70 3.97 14.56
C ASN A 46 -0.81 4.13 14.63
N PRO A 47 -1.44 4.32 13.46
CA PRO A 47 -2.90 4.49 13.36
C PRO A 47 -3.65 3.19 13.65
N THR A 48 -4.95 3.32 13.91
CA THR A 48 -5.78 2.16 14.21
C THR A 48 -6.47 1.64 12.95
N LYS A 49 -6.88 0.37 12.99
CA LYS A 49 -7.56 -0.24 11.85
C LYS A 49 -8.87 0.47 11.55
N GLN A 50 -9.54 0.94 12.61
CA GLN A 50 -10.81 1.64 12.45
C GLN A 50 -10.60 3.01 11.82
N LYS A 51 -9.57 3.71 12.26
CA LYS A 51 -9.25 5.04 11.73
C LYS A 51 -8.90 4.96 10.25
N ILE A 52 -8.02 4.03 9.91
CA ILE A 52 -7.59 3.86 8.52
C ILE A 52 -8.73 3.31 7.67
N SER A 53 -9.54 2.44 8.26
CA SER A 53 -10.66 1.85 7.55
C SER A 53 -11.61 2.91 7.01
N GLU A 54 -11.83 3.95 7.82
CA GLU A 54 -12.71 5.05 7.42
C GLU A 54 -12.05 5.92 6.36
N ILE A 55 -10.74 6.07 6.47
CA ILE A 55 -9.98 6.89 5.52
C ILE A 55 -9.87 6.19 4.16
N VAL A 56 -9.74 4.87 4.19
CA VAL A 56 -9.63 4.08 2.96
C VAL A 56 -10.96 4.04 2.22
N LYS A 57 -12.06 4.03 2.97
CA LYS A 57 -13.39 3.99 2.37
C LYS A 57 -13.75 5.34 1.77
N ASP A 58 -13.20 6.41 2.34
CA ASP A 58 -13.46 7.76 1.85
C ASP A 58 -12.44 8.16 0.79
N TYR A 59 -11.28 7.54 0.84
CA TYR A 59 -10.21 7.84 -0.12
C TYR A 59 -10.40 7.04 -1.41
N ASP A 60 -11.07 5.90 -1.30
CA ASP A 60 -11.32 5.05 -2.45
C ASP A 60 -12.72 5.29 -3.01
N LYS A 61 -13.25 6.48 -2.76
CA LYS A 61 -14.59 6.83 -3.23
C LYS A 61 -14.53 7.37 -4.66
N ASP A 62 -13.33 7.66 -5.13
CA ASP A 62 -13.14 8.18 -6.48
C ASP A 62 -13.21 7.06 -7.51
N ASN A 63 -13.22 5.82 -7.02
CA ASN A 63 -13.27 4.65 -7.90
C ASN A 63 -13.90 3.46 -7.18
N SER A 64 -13.15 2.85 -6.28
CA SER A 64 -13.63 1.70 -5.52
C SER A 64 -12.61 1.28 -4.47
N GLY A 65 -13.10 0.65 -3.41
CA GLY A 65 -12.22 0.19 -2.34
C GLY A 65 -11.36 -0.98 -2.76
N LYS A 66 -10.26 -0.68 -3.44
CA LYS A 66 -9.34 -1.71 -3.91
C LYS A 66 -7.90 -1.20 -3.91
N PHE A 67 -6.96 -2.13 -4.05
CA PHE A 67 -5.54 -1.77 -4.06
C PHE A 67 -4.77 -2.63 -5.06
N ASP A 68 -4.15 -1.98 -6.04
CA ASP A 68 -3.39 -2.68 -7.06
C ASP A 68 -1.91 -2.30 -7.00
N GLN A 69 -1.04 -3.30 -7.13
CA GLN A 69 0.39 -3.06 -7.08
C GLN A 69 0.79 -1.91 -8.00
N GLU A 70 0.18 -1.85 -9.18
CA GLU A 70 0.47 -0.80 -10.14
C GLU A 70 0.32 0.57 -9.50
N THR A 71 -0.68 0.71 -8.63
CA THR A 71 -0.93 1.98 -7.95
C THR A 71 0.24 2.37 -7.07
N PHE A 72 0.75 1.42 -6.30
CA PHE A 72 1.87 1.67 -5.41
C PHE A 72 3.13 2.01 -6.20
N LEU A 73 3.35 1.29 -7.29
CA LEU A 73 4.52 1.51 -8.14
C LEU A 73 4.40 2.84 -8.88
N THR A 74 3.17 3.26 -9.14
CA THR A 74 2.92 4.51 -9.84
C THR A 74 3.10 5.71 -8.90
N ILE A 75 2.59 5.59 -7.69
CA ILE A 75 2.69 6.66 -6.71
C ILE A 75 4.12 6.79 -6.19
N MET A 76 4.80 5.65 -6.06
CA MET A 76 6.18 5.63 -5.58
C MET A 76 7.14 6.10 -6.66
N LEU A 77 6.78 5.85 -7.91
CA LEU A 77 7.61 6.24 -9.05
C LEU A 77 7.44 7.72 -9.36
N GLU A 78 6.21 8.21 -9.25
CA GLU A 78 5.93 9.61 -9.52
C GLU A 78 6.41 10.49 -8.37
N TYR A 79 6.43 9.92 -7.17
CA TYR A 79 6.87 10.67 -5.99
C TYR A 79 8.39 10.64 -5.86
N GLY A 80 8.99 9.54 -6.31
CA GLY A 80 10.43 9.41 -6.23
C GLY A 80 11.16 10.44 -7.07
N GLN A 81 10.48 10.95 -8.10
CA GLN A 81 11.06 11.95 -8.98
C GLN A 81 10.59 13.35 -8.60
N GLU A 82 10.20 13.52 -7.35
CA GLU A 82 9.73 14.80 -6.86
C GLU A 82 10.86 15.83 -6.81
N VAL A 83 12.08 15.33 -6.60
CA VAL A 83 13.25 16.20 -6.54
C VAL A 83 13.37 17.05 -7.79
N ASP A 84 12.82 16.56 -8.90
CA ASP A 84 12.87 17.28 -10.15
C ASP A 84 14.32 17.61 -10.54
N SER A 85 14.47 18.43 -11.58
CA SER A 85 15.80 18.82 -12.04
C SER A 85 16.64 19.34 -10.89
CA CA B . -7.85 -12.07 -3.23
CA CA C . -7.48 4.07 -6.36
N MET A 1 30.73 -1.49 5.62
CA MET A 1 29.35 -1.27 6.01
C MET A 1 29.24 -0.12 7.01
N SER A 2 28.54 0.94 6.61
CA SER A 2 28.37 2.11 7.47
C SER A 2 26.94 2.65 7.37
N GLU A 3 26.64 3.29 6.24
CA GLU A 3 25.32 3.86 6.03
C GLU A 3 24.45 2.91 5.20
N GLN A 4 23.15 2.97 5.43
CA GLN A 4 22.21 2.12 4.71
C GLN A 4 20.88 2.83 4.49
N LYS A 5 20.32 2.68 3.29
CA LYS A 5 19.05 3.31 2.94
C LYS A 5 17.97 2.26 2.74
N LYS A 6 16.96 2.27 3.61
CA LYS A 6 15.86 1.32 3.52
C LYS A 6 14.59 2.01 3.01
N VAL A 7 14.73 2.74 1.90
CA VAL A 7 13.60 3.44 1.31
C VAL A 7 13.77 3.58 -0.20
N LEU A 8 12.66 3.43 -0.93
CA LEU A 8 12.68 3.54 -2.38
C LEU A 8 13.74 2.62 -2.98
N THR A 9 13.86 1.42 -2.42
CA THR A 9 14.84 0.44 -2.89
C THR A 9 14.16 -0.83 -3.36
N ALA A 10 14.94 -1.72 -3.98
CA ALA A 10 14.40 -2.99 -4.47
C ALA A 10 13.72 -3.77 -3.35
N GLU A 11 14.35 -3.78 -2.18
CA GLU A 11 13.80 -4.48 -1.02
C GLU A 11 12.37 -4.04 -0.73
N GLU A 12 12.13 -2.74 -0.90
CA GLU A 12 10.80 -2.18 -0.66
C GLU A 12 9.78 -2.72 -1.66
N GLN A 13 10.15 -2.71 -2.93
CA GLN A 13 9.26 -3.20 -3.99
C GLN A 13 8.88 -4.65 -3.75
N GLN A 14 9.90 -5.50 -3.56
CA GLN A 14 9.67 -6.92 -3.32
C GLN A 14 8.83 -7.13 -2.07
N GLU A 15 9.12 -6.34 -1.03
CA GLU A 15 8.39 -6.44 0.23
C GLU A 15 6.91 -6.14 0.04
N TYR A 16 6.62 -5.14 -0.78
CA TYR A 16 5.24 -4.74 -1.06
C TYR A 16 4.55 -5.76 -1.95
N LYS A 17 5.20 -6.12 -3.04
CA LYS A 17 4.64 -7.09 -3.98
C LYS A 17 4.28 -8.39 -3.26
N GLU A 18 5.13 -8.81 -2.34
CA GLU A 18 4.89 -10.03 -1.58
C GLU A 18 3.82 -9.81 -0.52
N ALA A 19 3.74 -8.60 -0.01
CA ALA A 19 2.76 -8.25 1.02
C ALA A 19 1.34 -8.48 0.51
N PHE A 20 1.03 -7.91 -0.65
CA PHE A 20 -0.28 -8.04 -1.24
C PHE A 20 -0.47 -9.44 -1.86
N GLN A 21 0.62 -10.00 -2.37
CA GLN A 21 0.59 -11.31 -2.99
C GLN A 21 0.26 -12.39 -1.95
N LEU A 22 0.93 -12.32 -0.80
CA LEU A 22 0.71 -13.28 0.26
C LEU A 22 -0.67 -13.11 0.89
N PHE A 23 -1.13 -11.86 0.92
CA PHE A 23 -2.44 -11.55 1.50
C PHE A 23 -3.55 -11.78 0.48
N ASP A 24 -3.16 -11.98 -0.78
CA ASP A 24 -4.13 -12.21 -1.84
C ASP A 24 -3.85 -13.54 -2.54
N LYS A 25 -4.27 -14.63 -1.90
CA LYS A 25 -4.07 -15.96 -2.46
C LYS A 25 -4.87 -16.14 -3.74
N ASP A 26 -5.93 -15.35 -3.89
CA ASP A 26 -6.78 -15.41 -5.08
C ASP A 26 -6.00 -14.97 -6.32
N ASN A 27 -6.72 -14.79 -7.42
CA ASN A 27 -6.11 -14.37 -8.67
C ASN A 27 -6.48 -12.93 -9.01
N ASP A 28 -6.89 -12.18 -8.00
CA ASP A 28 -7.27 -10.79 -8.19
C ASP A 28 -6.05 -9.88 -8.18
N ASN A 29 -5.01 -10.30 -7.47
CA ASN A 29 -3.78 -9.53 -7.38
C ASN A 29 -4.04 -8.14 -6.80
N LYS A 30 -5.03 -8.05 -5.91
CA LYS A 30 -5.39 -6.79 -5.29
C LYS A 30 -5.88 -7.01 -3.86
N LEU A 31 -5.89 -5.94 -3.08
CA LEU A 31 -6.34 -6.01 -1.69
C LEU A 31 -7.48 -5.02 -1.43
N THR A 32 -8.52 -5.50 -0.77
CA THR A 32 -9.68 -4.67 -0.46
C THR A 32 -9.36 -3.70 0.68
N ALA A 33 -10.31 -2.81 0.97
CA ALA A 33 -10.13 -1.83 2.04
C ALA A 33 -9.64 -2.50 3.32
N GLU A 34 -10.26 -3.64 3.66
CA GLU A 34 -9.89 -4.37 4.85
C GLU A 34 -8.43 -4.83 4.80
N GLU A 35 -8.05 -5.44 3.68
CA GLU A 35 -6.69 -5.92 3.49
C GLU A 35 -5.69 -4.77 3.55
N LEU A 36 -5.98 -3.71 2.81
CA LEU A 36 -5.11 -2.54 2.78
C LEU A 36 -4.88 -1.99 4.18
N GLY A 37 -5.92 -2.02 4.99
CA GLY A 37 -5.82 -1.53 6.36
C GLY A 37 -4.81 -2.30 7.18
N THR A 38 -4.69 -3.59 6.91
CA THR A 38 -3.75 -4.45 7.62
C THR A 38 -2.31 -4.13 7.24
N VAL A 39 -2.06 -3.98 5.94
CA VAL A 39 -0.73 -3.67 5.45
C VAL A 39 -0.35 -2.22 5.75
N MET A 40 -1.34 -1.34 5.68
CA MET A 40 -1.11 0.07 5.95
C MET A 40 -0.85 0.32 7.43
N ARG A 41 -1.49 -0.48 8.28
CA ARG A 41 -1.32 -0.35 9.72
C ARG A 41 0.15 -0.42 10.10
N ALA A 42 0.92 -1.23 9.38
CA ALA A 42 2.33 -1.38 9.64
C ALA A 42 3.06 -0.04 9.55
N LEU A 43 2.45 0.90 8.83
CA LEU A 43 3.04 2.22 8.65
C LEU A 43 2.26 3.27 9.45
N GLY A 44 0.99 3.00 9.68
CA GLY A 44 0.16 3.93 10.43
C GLY A 44 0.36 3.82 11.92
N ALA A 45 -0.34 2.87 12.54
CA ALA A 45 -0.23 2.66 13.98
C ALA A 45 -0.72 3.87 14.76
N ASN A 46 -2.03 4.08 14.74
CA ASN A 46 -2.63 5.22 15.44
C ASN A 46 -4.15 5.23 15.27
N PRO A 47 -4.60 5.33 14.01
CA PRO A 47 -6.02 5.35 13.67
C PRO A 47 -6.69 4.00 13.89
N THR A 48 -8.01 3.98 13.78
CA THR A 48 -8.77 2.75 13.96
C THR A 48 -9.02 2.05 12.63
N LYS A 49 -9.22 0.73 12.69
CA LYS A 49 -9.47 -0.06 11.49
C LYS A 49 -10.70 0.48 10.73
N GLN A 50 -11.74 0.82 11.48
CA GLN A 50 -12.96 1.34 10.88
C GLN A 50 -12.72 2.70 10.23
N LYS A 51 -11.76 3.45 10.77
CA LYS A 51 -11.42 4.77 10.25
C LYS A 51 -10.61 4.65 8.96
N ILE A 52 -9.54 3.85 9.02
CA ILE A 52 -8.67 3.65 7.87
C ILE A 52 -9.45 3.04 6.70
N SER A 53 -10.36 2.12 7.01
CA SER A 53 -11.16 1.47 6.00
C SER A 53 -12.25 2.41 5.46
N GLU A 54 -12.73 3.29 6.33
CA GLU A 54 -13.76 4.25 5.96
C GLU A 54 -13.18 5.37 5.09
N ILE A 55 -11.94 5.75 5.40
CA ILE A 55 -11.27 6.81 4.66
C ILE A 55 -10.82 6.32 3.28
N VAL A 56 -10.15 5.18 3.27
CA VAL A 56 -9.66 4.60 2.02
C VAL A 56 -10.80 4.44 1.01
N LYS A 57 -11.96 4.02 1.50
CA LYS A 57 -13.12 3.82 0.64
C LYS A 57 -13.72 5.17 0.23
N ASP A 58 -13.54 6.18 1.06
CA ASP A 58 -14.05 7.52 0.78
C ASP A 58 -13.17 8.23 -0.25
N TYR A 59 -11.88 7.95 -0.22
CA TYR A 59 -10.94 8.57 -1.15
C TYR A 59 -10.83 7.75 -2.43
N ASP A 60 -11.10 6.46 -2.33
CA ASP A 60 -11.04 5.57 -3.49
C ASP A 60 -12.43 5.36 -4.09
N LYS A 61 -13.03 6.43 -4.59
CA LYS A 61 -14.36 6.36 -5.18
C LYS A 61 -14.29 6.58 -6.69
N ASP A 62 -13.15 7.09 -7.16
CA ASP A 62 -12.96 7.35 -8.58
C ASP A 62 -12.63 6.06 -9.32
N ASN A 63 -12.29 5.01 -8.57
CA ASN A 63 -11.95 3.72 -9.16
C ASN A 63 -12.79 2.60 -8.54
N SER A 64 -12.50 2.28 -7.28
CA SER A 64 -13.23 1.23 -6.58
C SER A 64 -12.71 1.08 -5.15
N GLY A 65 -13.14 0.02 -4.47
CA GLY A 65 -12.71 -0.22 -3.12
C GLY A 65 -11.63 -1.28 -3.02
N LYS A 66 -10.80 -1.37 -4.06
CA LYS A 66 -9.72 -2.35 -4.10
C LYS A 66 -8.37 -1.66 -4.24
N PHE A 67 -7.29 -2.40 -3.99
CA PHE A 67 -5.95 -1.87 -4.09
C PHE A 67 -5.06 -2.76 -4.95
N ASP A 68 -4.37 -2.15 -5.90
CA ASP A 68 -3.48 -2.88 -6.79
C ASP A 68 -2.03 -2.45 -6.61
N GLN A 69 -1.12 -3.40 -6.60
CA GLN A 69 0.31 -3.11 -6.43
C GLN A 69 0.74 -2.00 -7.38
N GLU A 70 0.21 -2.02 -8.60
CA GLU A 70 0.55 -1.00 -9.60
C GLU A 70 0.29 0.39 -9.06
N THR A 71 -0.78 0.54 -8.29
CA THR A 71 -1.14 1.83 -7.71
C THR A 71 -0.06 2.33 -6.77
N PHE A 72 0.44 1.44 -5.91
CA PHE A 72 1.47 1.78 -4.94
C PHE A 72 2.76 2.19 -5.66
N LEU A 73 3.12 1.43 -6.68
CA LEU A 73 4.34 1.71 -7.45
C LEU A 73 4.21 3.04 -8.18
N THR A 74 3.01 3.37 -8.63
CA THR A 74 2.77 4.61 -9.34
C THR A 74 2.83 5.81 -8.40
N ILE A 75 2.31 5.64 -7.20
CA ILE A 75 2.30 6.70 -6.20
C ILE A 75 3.72 7.00 -5.72
N MET A 76 4.46 5.96 -5.38
CA MET A 76 5.84 6.12 -4.92
C MET A 76 6.74 6.61 -6.05
N LEU A 77 6.38 6.27 -7.27
CA LEU A 77 7.16 6.68 -8.45
C LEU A 77 6.89 8.14 -8.79
N GLU A 78 5.64 8.57 -8.63
CA GLU A 78 5.25 9.94 -8.93
C GLU A 78 5.77 10.89 -7.87
N TYR A 79 5.91 10.39 -6.65
CA TYR A 79 6.39 11.20 -5.53
C TYR A 79 7.92 11.15 -5.45
N GLY A 80 8.49 10.03 -5.87
CA GLY A 80 9.94 9.88 -5.84
C GLY A 80 10.41 9.14 -4.60
N GLN A 81 9.59 9.13 -3.57
CA GLN A 81 9.93 8.46 -2.31
C GLN A 81 8.74 7.67 -1.78
N GLU A 82 7.77 8.39 -1.20
CA GLU A 82 6.58 7.77 -0.65
C GLU A 82 5.63 8.82 -0.09
N VAL A 83 4.54 8.36 0.52
CA VAL A 83 3.54 9.26 1.09
C VAL A 83 3.45 9.08 2.61
N ASP A 84 3.80 7.89 3.08
CA ASP A 84 3.76 7.59 4.50
C ASP A 84 2.34 7.69 5.03
N SER A 85 2.13 7.19 6.26
CA SER A 85 0.81 7.22 6.87
C SER A 85 0.90 6.90 8.36
CA CA B . -9.70 -11.36 -2.58
CA CA C . -7.99 3.63 -7.21
N MET A 1 27.48 -5.22 6.47
CA MET A 1 26.33 -5.27 7.36
C MET A 1 26.20 -3.99 8.16
N SER A 2 26.08 -2.86 7.45
CA SER A 2 25.95 -1.57 8.10
C SER A 2 25.01 -0.66 7.31
N GLU A 3 25.46 -0.18 6.16
CA GLU A 3 24.66 0.69 5.32
C GLU A 3 23.72 -0.13 4.42
N GLN A 4 22.44 0.21 4.46
CA GLN A 4 21.45 -0.48 3.67
C GLN A 4 20.30 0.45 3.28
N LYS A 5 19.74 0.22 2.09
CA LYS A 5 18.64 1.04 1.59
C LYS A 5 17.37 0.22 1.45
N LYS A 6 16.37 0.53 2.27
CA LYS A 6 15.10 -0.18 2.22
C LYS A 6 13.99 0.72 1.70
N VAL A 7 14.36 1.69 0.87
CA VAL A 7 13.40 2.63 0.30
C VAL A 7 13.77 2.99 -1.13
N LEU A 8 12.78 3.01 -2.02
CA LEU A 8 13.01 3.33 -3.42
C LEU A 8 14.10 2.45 -4.02
N THR A 9 14.18 1.21 -3.56
CA THR A 9 15.18 0.27 -4.04
C THR A 9 14.54 -1.07 -4.39
N ALA A 10 15.32 -1.95 -5.02
CA ALA A 10 14.84 -3.27 -5.40
C ALA A 10 14.20 -3.98 -4.22
N GLU A 11 14.79 -3.80 -3.04
CA GLU A 11 14.29 -4.43 -1.83
C GLU A 11 12.85 -4.01 -1.55
N GLU A 12 12.58 -2.71 -1.71
CA GLU A 12 11.24 -2.18 -1.48
C GLU A 12 10.24 -2.75 -2.48
N GLN A 13 10.66 -2.86 -3.74
CA GLN A 13 9.81 -3.38 -4.79
C GLN A 13 9.41 -4.83 -4.49
N GLN A 14 10.40 -5.67 -4.22
CA GLN A 14 10.15 -7.08 -3.92
C GLN A 14 9.34 -7.23 -2.64
N GLU A 15 9.61 -6.34 -1.68
CA GLU A 15 8.90 -6.36 -0.40
C GLU A 15 7.42 -6.03 -0.59
N TYR A 16 7.14 -5.09 -1.48
CA TYR A 16 5.77 -4.67 -1.74
C TYR A 16 5.03 -5.74 -2.55
N LYS A 17 5.72 -6.34 -3.51
CA LYS A 17 5.13 -7.37 -4.35
C LYS A 17 4.82 -8.62 -3.55
N GLU A 18 5.73 -8.98 -2.64
CA GLU A 18 5.54 -10.16 -1.79
C GLU A 18 4.48 -9.91 -0.73
N ALA A 19 4.39 -8.66 -0.27
CA ALA A 19 3.41 -8.29 0.75
C ALA A 19 1.99 -8.37 0.19
N PHE A 20 1.83 -7.97 -1.06
CA PHE A 20 0.52 -8.01 -1.71
C PHE A 20 0.11 -9.44 -2.05
N GLN A 21 1.07 -10.22 -2.51
CA GLN A 21 0.81 -11.61 -2.87
C GLN A 21 0.36 -12.42 -1.66
N LEU A 22 1.07 -12.25 -0.55
CA LEU A 22 0.75 -12.97 0.68
C LEU A 22 -0.61 -12.53 1.22
N PHE A 23 -0.96 -11.27 1.00
CA PHE A 23 -2.23 -10.73 1.46
C PHE A 23 -3.29 -10.82 0.36
N ASP A 24 -3.03 -11.66 -0.64
CA ASP A 24 -3.95 -11.85 -1.75
C ASP A 24 -4.37 -13.30 -1.86
N LYS A 25 -4.98 -13.83 -0.80
CA LYS A 25 -5.43 -15.21 -0.79
C LYS A 25 -6.40 -15.48 -1.93
N ASP A 26 -7.19 -14.47 -2.28
CA ASP A 26 -8.17 -14.59 -3.36
C ASP A 26 -7.47 -14.63 -4.72
N ASN A 27 -6.25 -14.10 -4.76
CA ASN A 27 -5.48 -14.06 -5.99
C ASN A 27 -6.17 -13.19 -7.04
N ASP A 28 -6.55 -11.98 -6.64
CA ASP A 28 -7.22 -11.04 -7.53
C ASP A 28 -6.24 -9.97 -8.03
N ASN A 29 -4.98 -10.11 -7.65
CA ASN A 29 -3.95 -9.16 -8.06
C ASN A 29 -4.22 -7.78 -7.47
N LYS A 30 -5.11 -7.72 -6.47
CA LYS A 30 -5.45 -6.47 -5.82
C LYS A 30 -5.82 -6.70 -4.36
N LEU A 31 -5.96 -5.61 -3.61
CA LEU A 31 -6.30 -5.69 -2.20
C LEU A 31 -7.56 -4.89 -1.89
N THR A 32 -8.46 -5.47 -1.10
CA THR A 32 -9.70 -4.82 -0.73
C THR A 32 -9.50 -3.91 0.47
N ALA A 33 -10.55 -3.16 0.82
CA ALA A 33 -10.50 -2.26 1.95
C ALA A 33 -9.95 -2.96 3.20
N GLU A 34 -10.22 -4.24 3.31
CA GLU A 34 -9.76 -5.02 4.45
C GLU A 34 -8.26 -5.28 4.37
N GLU A 35 -7.80 -5.72 3.20
CA GLU A 35 -6.39 -6.00 2.98
C GLU A 35 -5.56 -4.72 3.02
N LEU A 36 -6.16 -3.62 2.55
CA LEU A 36 -5.50 -2.33 2.53
C LEU A 36 -5.39 -1.75 3.93
N GLY A 37 -6.39 -2.04 4.77
CA GLY A 37 -6.39 -1.53 6.12
C GLY A 37 -5.35 -2.21 6.99
N THR A 38 -5.13 -3.49 6.75
CA THR A 38 -4.14 -4.25 7.52
C THR A 38 -2.71 -3.94 7.06
N VAL A 39 -2.54 -3.79 5.75
CA VAL A 39 -1.24 -3.49 5.19
C VAL A 39 -0.85 -2.04 5.45
N MET A 40 -1.85 -1.16 5.46
CA MET A 40 -1.60 0.26 5.70
C MET A 40 -1.22 0.51 7.15
N ARG A 41 -1.88 -0.20 8.06
CA ARG A 41 -1.60 -0.05 9.49
C ARG A 41 -0.12 -0.27 9.79
N ALA A 42 0.51 -1.15 9.01
CA ALA A 42 1.93 -1.43 9.19
C ALA A 42 2.76 -0.16 9.09
N LEU A 43 2.24 0.84 8.39
CA LEU A 43 2.93 2.11 8.20
C LEU A 43 2.25 3.21 9.00
N GLY A 44 0.94 3.09 9.18
CA GLY A 44 0.19 4.09 9.91
C GLY A 44 -1.13 3.56 10.44
N ALA A 45 -1.09 3.02 11.66
CA ALA A 45 -2.30 2.48 12.27
C ALA A 45 -2.82 3.40 13.38
N ASN A 46 -2.70 4.70 13.15
CA ASN A 46 -3.16 5.69 14.12
C ASN A 46 -4.69 5.70 14.22
N PRO A 47 -5.35 5.98 13.09
CA PRO A 47 -6.81 6.03 13.02
C PRO A 47 -7.44 4.65 13.14
N THR A 48 -8.75 4.57 12.91
CA THR A 48 -9.46 3.31 12.99
C THR A 48 -9.68 2.70 11.61
N LYS A 49 -9.86 1.39 11.56
CA LYS A 49 -10.08 0.68 10.31
C LYS A 49 -11.35 1.15 9.64
N GLN A 50 -12.36 1.48 10.45
CA GLN A 50 -13.64 1.95 9.93
C GLN A 50 -13.51 3.33 9.30
N LYS A 51 -12.63 4.15 9.87
CA LYS A 51 -12.40 5.49 9.37
C LYS A 51 -11.67 5.46 8.03
N ILE A 52 -10.60 4.68 7.96
CA ILE A 52 -9.83 4.55 6.74
C ILE A 52 -10.61 3.80 5.66
N SER A 53 -11.45 2.86 6.10
CA SER A 53 -12.25 2.07 5.17
C SER A 53 -13.25 2.95 4.43
N GLU A 54 -13.81 3.92 5.14
CA GLU A 54 -14.79 4.84 4.55
C GLU A 54 -14.10 5.83 3.62
N ILE A 55 -12.86 6.18 3.94
CA ILE A 55 -12.10 7.13 3.14
C ILE A 55 -11.65 6.49 1.84
N VAL A 56 -11.35 5.19 1.89
CA VAL A 56 -10.91 4.46 0.70
C VAL A 56 -12.05 4.25 -0.28
N LYS A 57 -13.21 3.89 0.25
CA LYS A 57 -14.39 3.65 -0.58
C LYS A 57 -14.97 4.97 -1.10
N ASP A 58 -14.65 6.06 -0.40
CA ASP A 58 -15.13 7.38 -0.79
C ASP A 58 -14.12 8.07 -1.71
N TYR A 59 -12.85 7.71 -1.57
CA TYR A 59 -11.80 8.31 -2.39
C TYR A 59 -11.57 7.49 -3.66
N ASP A 60 -11.82 6.19 -3.57
CA ASP A 60 -11.65 5.30 -4.71
C ASP A 60 -12.97 5.07 -5.43
N LYS A 61 -13.85 6.07 -5.38
CA LYS A 61 -15.15 5.98 -6.01
C LYS A 61 -15.02 6.00 -7.54
N ASP A 62 -13.82 6.34 -8.00
CA ASP A 62 -13.57 6.40 -9.44
C ASP A 62 -13.35 5.00 -10.01
N ASN A 63 -13.16 4.02 -9.13
CA ASN A 63 -12.94 2.65 -9.55
C ASN A 63 -13.70 1.68 -8.64
N SER A 64 -13.19 1.48 -7.42
CA SER A 64 -13.82 0.58 -6.48
C SER A 64 -13.04 0.54 -5.17
N GLY A 65 -13.39 -0.40 -4.30
CA GLY A 65 -12.72 -0.53 -3.01
C GLY A 65 -11.55 -1.50 -3.07
N LYS A 66 -10.81 -1.47 -4.18
CA LYS A 66 -9.67 -2.36 -4.34
C LYS A 66 -8.38 -1.56 -4.53
N PHE A 67 -7.25 -2.24 -4.42
CA PHE A 67 -5.95 -1.58 -4.58
C PHE A 67 -5.04 -2.39 -5.50
N ASP A 68 -4.35 -1.71 -6.40
CA ASP A 68 -3.44 -2.37 -7.34
C ASP A 68 -1.99 -2.02 -7.03
N GLN A 69 -1.12 -3.02 -7.08
CA GLN A 69 0.29 -2.83 -6.80
C GLN A 69 0.83 -1.63 -7.57
N GLU A 70 0.48 -1.54 -8.85
CA GLU A 70 0.94 -0.44 -9.69
C GLU A 70 0.61 0.90 -9.05
N THR A 71 -0.57 0.99 -8.44
CA THR A 71 -1.01 2.21 -7.78
C THR A 71 -0.09 2.59 -6.63
N PHE A 72 0.25 1.60 -5.81
CA PHE A 72 1.12 1.83 -4.66
C PHE A 72 2.54 2.18 -5.12
N LEU A 73 3.01 1.49 -6.14
CA LEU A 73 4.34 1.74 -6.67
C LEU A 73 4.44 3.12 -7.30
N THR A 74 3.35 3.57 -7.90
CA THR A 74 3.31 4.88 -8.54
C THR A 74 3.28 6.00 -7.49
N ILE A 75 2.54 5.77 -6.42
CA ILE A 75 2.44 6.76 -5.35
C ILE A 75 3.76 6.91 -4.62
N MET A 76 4.37 5.79 -4.26
CA MET A 76 5.65 5.80 -3.56
C MET A 76 6.76 6.31 -4.46
N LEU A 77 6.61 6.09 -5.77
CA LEU A 77 7.60 6.52 -6.73
C LEU A 77 7.49 8.02 -6.99
N GLU A 78 6.26 8.53 -7.02
CA GLU A 78 6.02 9.95 -7.24
C GLU A 78 6.41 10.78 -6.02
N TYR A 79 6.30 10.17 -4.84
CA TYR A 79 6.62 10.84 -3.60
C TYR A 79 8.13 10.88 -3.39
N GLY A 80 8.82 9.87 -3.90
CA GLY A 80 10.26 9.81 -3.75
C GLY A 80 10.95 11.09 -4.21
N GLN A 81 10.34 11.78 -5.14
CA GLN A 81 10.90 13.02 -5.68
C GLN A 81 10.49 14.20 -4.81
N GLU A 82 9.33 14.09 -4.16
CA GLU A 82 8.82 15.16 -3.31
C GLU A 82 8.56 16.43 -4.11
N VAL A 83 7.90 17.39 -3.48
CA VAL A 83 7.58 18.66 -4.13
C VAL A 83 8.84 19.50 -4.34
N ASP A 84 9.83 19.27 -3.48
CA ASP A 84 11.09 20.01 -3.56
C ASP A 84 11.73 19.86 -4.94
N SER A 85 12.18 20.98 -5.50
CA SER A 85 12.81 20.97 -6.82
C SER A 85 13.35 22.35 -7.17
CA CA B . -7.90 -11.07 -3.05
CA CA C . -8.16 2.92 -7.52
N MET A 1 29.37 0.45 7.55
CA MET A 1 28.04 0.59 6.97
C MET A 1 27.00 0.84 8.06
N SER A 2 26.28 1.94 7.94
CA SER A 2 25.25 2.29 8.92
C SER A 2 24.13 3.10 8.26
N GLU A 3 23.86 2.82 6.99
CA GLU A 3 22.82 3.51 6.26
C GLU A 3 22.19 2.60 5.20
N GLN A 4 20.87 2.56 5.15
CA GLN A 4 20.16 1.74 4.19
C GLN A 4 18.86 2.41 3.77
N LYS A 5 18.46 2.18 2.51
CA LYS A 5 17.23 2.75 1.98
C LYS A 5 16.18 1.68 1.77
N LYS A 6 15.14 1.70 2.59
CA LYS A 6 14.05 0.73 2.49
C LYS A 6 12.88 1.30 1.71
N VAL A 7 13.18 2.23 0.80
CA VAL A 7 12.14 2.85 -0.02
C VAL A 7 12.66 3.12 -1.43
N LEU A 8 11.78 2.92 -2.42
CA LEU A 8 12.15 3.13 -3.81
C LEU A 8 13.34 2.26 -4.21
N THR A 9 13.50 1.15 -3.52
CA THR A 9 14.59 0.22 -3.79
C THR A 9 14.08 -1.20 -3.98
N ALA A 10 14.96 -2.09 -4.43
CA ALA A 10 14.59 -3.48 -4.66
C ALA A 10 13.94 -4.08 -3.42
N GLU A 11 14.42 -3.69 -2.25
CA GLU A 11 13.89 -4.19 -0.99
C GLU A 11 12.40 -3.85 -0.86
N GLU A 12 12.04 -2.63 -1.25
CA GLU A 12 10.65 -2.19 -1.19
C GLU A 12 9.80 -2.89 -2.23
N GLN A 13 10.35 -3.04 -3.43
CA GLN A 13 9.63 -3.71 -4.52
C GLN A 13 9.23 -5.12 -4.12
N GLN A 14 10.19 -5.91 -3.67
CA GLN A 14 9.94 -7.28 -3.26
C GLN A 14 9.09 -7.32 -2.00
N GLU A 15 9.33 -6.39 -1.09
CA GLU A 15 8.58 -6.32 0.16
C GLU A 15 7.09 -6.18 -0.11
N TYR A 16 6.74 -5.34 -1.09
CA TYR A 16 5.35 -5.12 -1.44
C TYR A 16 4.79 -6.29 -2.24
N LYS A 17 5.55 -6.76 -3.23
CA LYS A 17 5.15 -7.87 -4.06
C LYS A 17 4.71 -9.06 -3.20
N GLU A 18 5.53 -9.41 -2.22
CA GLU A 18 5.24 -10.52 -1.33
C GLU A 18 4.16 -10.14 -0.32
N ALA A 19 4.13 -8.86 0.05
CA ALA A 19 3.15 -8.36 1.01
C ALA A 19 1.74 -8.51 0.47
N PHE A 20 1.52 -8.04 -0.75
CA PHE A 20 0.20 -8.11 -1.38
C PHE A 20 -0.10 -9.53 -1.84
N GLN A 21 0.95 -10.25 -2.25
CA GLN A 21 0.79 -11.63 -2.72
C GLN A 21 0.41 -12.55 -1.56
N LEU A 22 1.12 -12.43 -0.44
CA LEU A 22 0.86 -13.24 0.73
C LEU A 22 -0.50 -12.92 1.33
N PHE A 23 -0.90 -11.66 1.24
CA PHE A 23 -2.18 -11.21 1.77
C PHE A 23 -3.30 -11.46 0.76
N ASP A 24 -2.93 -11.91 -0.43
CA ASP A 24 -3.89 -12.18 -1.48
C ASP A 24 -3.70 -13.59 -2.05
N LYS A 25 -4.10 -14.59 -1.28
CA LYS A 25 -3.97 -15.98 -1.70
C LYS A 25 -4.57 -16.18 -3.09
N ASP A 26 -5.58 -15.39 -3.41
CA ASP A 26 -6.24 -15.48 -4.72
C ASP A 26 -5.32 -14.98 -5.82
N ASN A 27 -5.88 -14.81 -7.02
CA ASN A 27 -5.11 -14.34 -8.17
C ASN A 27 -5.65 -13.02 -8.68
N ASP A 28 -6.39 -12.31 -7.82
CA ASP A 28 -6.97 -11.02 -8.19
C ASP A 28 -5.88 -9.96 -8.36
N ASN A 29 -4.82 -10.10 -7.59
CA ASN A 29 -3.71 -9.15 -7.64
C ASN A 29 -4.13 -7.78 -7.13
N LYS A 30 -5.12 -7.77 -6.22
CA LYS A 30 -5.62 -6.54 -5.65
C LYS A 30 -5.99 -6.72 -4.19
N LEU A 31 -6.12 -5.62 -3.47
CA LEU A 31 -6.47 -5.66 -2.05
C LEU A 31 -7.70 -4.79 -1.76
N THR A 32 -8.63 -5.33 -0.99
CA THR A 32 -9.85 -4.61 -0.65
C THR A 32 -9.59 -3.60 0.46
N ALA A 33 -10.61 -2.80 0.78
CA ALA A 33 -10.49 -1.79 1.82
C ALA A 33 -9.88 -2.38 3.09
N GLU A 34 -10.39 -3.53 3.50
CA GLU A 34 -9.91 -4.20 4.70
C GLU A 34 -8.45 -4.62 4.54
N GLU A 35 -8.16 -5.28 3.41
CA GLU A 35 -6.80 -5.74 3.13
C GLU A 35 -5.81 -4.57 3.13
N LEU A 36 -6.22 -3.46 2.52
CA LEU A 36 -5.37 -2.28 2.45
C LEU A 36 -5.08 -1.73 3.85
N GLY A 37 -6.10 -1.73 4.70
CA GLY A 37 -5.94 -1.24 6.06
C GLY A 37 -4.87 -1.99 6.83
N THR A 38 -4.68 -3.27 6.48
CA THR A 38 -3.69 -4.09 7.15
C THR A 38 -2.28 -3.71 6.73
N VAL A 39 -2.08 -3.56 5.42
CA VAL A 39 -0.77 -3.19 4.88
C VAL A 39 -0.46 -1.73 5.17
N MET A 40 -1.49 -0.89 5.21
CA MET A 40 -1.32 0.53 5.49
C MET A 40 -0.92 0.76 6.94
N ARG A 41 -1.43 -0.09 7.83
CA ARG A 41 -1.13 0.03 9.25
C ARG A 41 0.38 0.01 9.50
N ALA A 42 1.09 -0.75 8.67
CA ALA A 42 2.54 -0.84 8.79
C ALA A 42 3.20 0.52 8.70
N LEU A 43 2.51 1.46 8.07
CA LEU A 43 3.03 2.82 7.93
C LEU A 43 2.43 3.75 8.98
N GLY A 44 1.24 3.39 9.47
CA GLY A 44 0.58 4.21 10.47
C GLY A 44 -0.66 3.54 11.04
N ALA A 45 -0.47 2.73 12.07
CA ALA A 45 -1.58 2.02 12.70
C ALA A 45 -2.02 2.73 13.97
N ASN A 46 -2.01 4.07 13.94
CA ASN A 46 -2.42 4.87 15.08
C ASN A 46 -3.92 4.75 15.33
N PRO A 47 -4.72 5.15 14.33
CA PRO A 47 -6.18 5.10 14.42
C PRO A 47 -6.71 3.67 14.39
N THR A 48 -8.02 3.53 14.28
CA THR A 48 -8.65 2.21 14.24
C THR A 48 -8.87 1.75 12.80
N LYS A 49 -8.94 0.44 12.62
CA LYS A 49 -9.13 -0.14 11.30
C LYS A 49 -10.44 0.36 10.67
N GLN A 50 -11.45 0.56 11.51
CA GLN A 50 -12.74 1.03 11.04
C GLN A 50 -12.64 2.46 10.52
N LYS A 51 -11.77 3.26 11.15
CA LYS A 51 -11.58 4.64 10.74
C LYS A 51 -10.85 4.73 9.41
N ILE A 52 -9.73 4.02 9.31
CA ILE A 52 -8.94 4.00 8.09
C ILE A 52 -9.72 3.39 6.93
N SER A 53 -10.53 2.39 7.25
CA SER A 53 -11.34 1.71 6.23
C SER A 53 -12.40 2.65 5.66
N GLU A 54 -12.88 3.57 6.49
CA GLU A 54 -13.89 4.53 6.07
C GLU A 54 -13.29 5.59 5.15
N ILE A 55 -12.02 5.93 5.40
CA ILE A 55 -11.33 6.93 4.60
C ILE A 55 -10.95 6.37 3.23
N VAL A 56 -10.38 5.18 3.22
CA VAL A 56 -9.96 4.53 1.98
C VAL A 56 -11.14 4.35 1.04
N LYS A 57 -12.29 4.00 1.60
CA LYS A 57 -13.51 3.79 0.81
C LYS A 57 -14.08 5.13 0.35
N ASP A 58 -13.88 6.17 1.16
CA ASP A 58 -14.38 7.49 0.82
C ASP A 58 -13.48 8.18 -0.21
N TYR A 59 -12.21 7.77 -0.23
CA TYR A 59 -11.25 8.35 -1.16
C TYR A 59 -11.23 7.56 -2.47
N ASP A 60 -11.49 6.27 -2.38
CA ASP A 60 -11.51 5.40 -3.55
C ASP A 60 -12.92 5.25 -4.11
N LYS A 61 -13.46 6.36 -4.62
CA LYS A 61 -14.80 6.37 -5.19
C LYS A 61 -14.75 6.55 -6.70
N ASP A 62 -13.58 6.93 -7.21
CA ASP A 62 -13.40 7.14 -8.64
C ASP A 62 -13.23 5.81 -9.37
N ASN A 63 -12.98 4.75 -8.60
CA ASN A 63 -12.79 3.42 -9.17
C ASN A 63 -13.62 2.39 -8.42
N SER A 64 -13.18 2.06 -7.21
CA SER A 64 -13.88 1.08 -6.37
C SER A 64 -13.19 0.93 -5.02
N GLY A 65 -13.59 -0.08 -4.27
CA GLY A 65 -13.01 -0.32 -2.96
C GLY A 65 -11.88 -1.32 -3.00
N LYS A 66 -11.13 -1.33 -4.10
CA LYS A 66 -10.01 -2.24 -4.26
C LYS A 66 -8.72 -1.47 -4.48
N PHE A 67 -7.59 -2.18 -4.37
CA PHE A 67 -6.29 -1.55 -4.55
C PHE A 67 -5.41 -2.40 -5.48
N ASP A 68 -4.73 -1.73 -6.40
CA ASP A 68 -3.86 -2.42 -7.36
C ASP A 68 -2.39 -2.08 -7.09
N GLN A 69 -1.54 -3.10 -7.16
CA GLN A 69 -0.11 -2.91 -6.91
C GLN A 69 0.43 -1.72 -7.70
N GLU A 70 0.03 -1.63 -8.98
CA GLU A 70 0.47 -0.55 -9.83
C GLU A 70 0.18 0.81 -9.19
N THR A 71 -0.97 0.92 -8.54
CA THR A 71 -1.36 2.16 -7.88
C THR A 71 -0.40 2.50 -6.75
N PHE A 72 -0.07 1.52 -5.93
CA PHE A 72 0.84 1.72 -4.81
C PHE A 72 2.25 2.03 -5.30
N LEU A 73 2.67 1.32 -6.35
CA LEU A 73 4.00 1.52 -6.91
C LEU A 73 4.12 2.91 -7.53
N THR A 74 3.04 3.40 -8.10
CA THR A 74 3.02 4.71 -8.73
C THR A 74 3.06 5.82 -7.68
N ILE A 75 2.35 5.62 -6.58
CA ILE A 75 2.32 6.60 -5.50
C ILE A 75 3.68 6.71 -4.81
N MET A 76 4.26 5.57 -4.47
CA MET A 76 5.56 5.54 -3.81
C MET A 76 6.66 6.02 -4.76
N LEU A 77 6.44 5.83 -6.06
CA LEU A 77 7.41 6.25 -7.07
C LEU A 77 7.36 7.76 -7.28
N GLU A 78 6.16 8.32 -7.26
CA GLU A 78 5.98 9.75 -7.45
C GLU A 78 6.42 10.52 -6.21
N TYR A 79 6.31 9.87 -5.05
CA TYR A 79 6.68 10.50 -3.79
C TYR A 79 8.20 10.47 -3.60
N GLY A 80 8.84 9.43 -4.11
CA GLY A 80 10.28 9.29 -3.99
C GLY A 80 10.69 8.40 -2.83
N GLN A 81 9.88 8.38 -1.78
CA GLN A 81 10.16 7.56 -0.61
C GLN A 81 8.92 6.82 -0.15
N GLU A 82 8.00 7.54 0.47
CA GLU A 82 6.76 6.95 0.97
C GLU A 82 5.87 8.00 1.62
N VAL A 83 4.81 7.54 2.29
CA VAL A 83 3.88 8.45 2.95
C VAL A 83 4.29 8.69 4.39
N ASP A 84 4.90 7.68 5.01
CA ASP A 84 5.35 7.79 6.39
C ASP A 84 6.84 7.50 6.51
N SER A 85 7.33 7.40 7.73
CA SER A 85 8.74 7.14 7.98
C SER A 85 9.14 5.77 7.42
CA CA B . -8.51 -11.37 -3.50
CA CA C . -8.21 3.43 -6.96
N MET A 1 19.65 -3.06 13.57
CA MET A 1 20.68 -2.20 14.17
C MET A 1 21.15 -1.15 13.16
N SER A 2 21.53 0.02 13.67
CA SER A 2 22.00 1.10 12.82
C SER A 2 20.90 1.54 11.85
N GLU A 3 21.23 2.52 11.00
CA GLU A 3 20.28 3.03 10.03
C GLU A 3 20.31 2.21 8.75
N GLN A 4 19.17 2.12 8.07
CA GLN A 4 19.06 1.36 6.84
C GLN A 4 18.03 1.97 5.90
N LYS A 5 18.30 1.90 4.61
CA LYS A 5 17.39 2.45 3.60
C LYS A 5 16.63 1.33 2.88
N LYS A 6 15.34 1.23 3.16
CA LYS A 6 14.51 0.20 2.53
C LYS A 6 13.30 0.83 1.83
N VAL A 7 13.56 1.90 1.09
CA VAL A 7 12.50 2.60 0.36
C VAL A 7 12.99 3.08 -0.99
N LEU A 8 12.10 3.08 -1.98
CA LEU A 8 12.45 3.53 -3.32
C LEU A 8 13.58 2.68 -3.90
N THR A 9 13.70 1.45 -3.42
CA THR A 9 14.74 0.54 -3.88
C THR A 9 14.17 -0.84 -4.17
N ALA A 10 14.99 -1.70 -4.78
CA ALA A 10 14.57 -3.05 -5.11
C ALA A 10 13.98 -3.75 -3.90
N GLU A 11 14.62 -3.57 -2.75
CA GLU A 11 14.16 -4.18 -1.51
C GLU A 11 12.68 -3.86 -1.25
N GLU A 12 12.32 -2.60 -1.46
CA GLU A 12 10.95 -2.16 -1.25
C GLU A 12 10.01 -2.80 -2.27
N GLN A 13 10.45 -2.86 -3.53
CA GLN A 13 9.65 -3.45 -4.59
C GLN A 13 9.26 -4.88 -4.26
N GLN A 14 10.25 -5.70 -3.92
CA GLN A 14 10.02 -7.10 -3.57
C GLN A 14 9.20 -7.21 -2.29
N GLU A 15 9.54 -6.39 -1.30
CA GLU A 15 8.83 -6.40 -0.02
C GLU A 15 7.32 -6.20 -0.23
N TYR A 16 6.97 -5.29 -1.12
CA TYR A 16 5.58 -5.00 -1.41
C TYR A 16 4.95 -6.12 -2.24
N LYS A 17 5.69 -6.59 -3.24
CA LYS A 17 5.21 -7.66 -4.10
C LYS A 17 4.73 -8.86 -3.28
N GLU A 18 5.56 -9.27 -2.32
CA GLU A 18 5.22 -10.40 -1.46
C GLU A 18 4.16 -10.01 -0.43
N ALA A 19 4.20 -8.75 -0.01
CA ALA A 19 3.24 -8.24 0.97
C ALA A 19 1.81 -8.31 0.44
N PHE A 20 1.61 -7.79 -0.76
CA PHE A 20 0.29 -7.79 -1.39
C PHE A 20 -0.06 -9.19 -1.90
N GLN A 21 0.96 -9.92 -2.34
CA GLN A 21 0.75 -11.27 -2.86
C GLN A 21 0.30 -12.22 -1.76
N LEU A 22 0.99 -12.16 -0.62
CA LEU A 22 0.66 -13.02 0.52
C LEU A 22 -0.71 -12.67 1.08
N PHE A 23 -1.07 -11.39 1.00
CA PHE A 23 -2.36 -10.92 1.51
C PHE A 23 -3.46 -11.14 0.46
N ASP A 24 -3.05 -11.39 -0.77
CA ASP A 24 -4.00 -11.60 -1.86
C ASP A 24 -4.43 -13.07 -1.92
N LYS A 25 -5.00 -13.56 -0.82
CA LYS A 25 -5.46 -14.94 -0.74
C LYS A 25 -6.51 -15.22 -1.81
N ASP A 26 -7.32 -14.22 -2.12
CA ASP A 26 -8.36 -14.37 -3.13
C ASP A 26 -7.76 -14.48 -4.53
N ASN A 27 -6.49 -14.08 -4.66
CA ASN A 27 -5.80 -14.16 -5.94
C ASN A 27 -6.47 -13.23 -6.96
N ASP A 28 -6.78 -12.02 -6.53
CA ASP A 28 -7.41 -11.04 -7.41
C ASP A 28 -6.40 -10.00 -7.90
N ASN A 29 -5.15 -10.17 -7.48
CA ASN A 29 -4.09 -9.26 -7.87
C ASN A 29 -4.35 -7.85 -7.32
N LYS A 30 -5.26 -7.75 -6.35
CA LYS A 30 -5.59 -6.48 -5.74
C LYS A 30 -5.96 -6.64 -4.28
N LEU A 31 -5.76 -5.60 -3.49
CA LEU A 31 -6.07 -5.63 -2.07
C LEU A 31 -7.24 -4.71 -1.74
N THR A 32 -8.24 -5.24 -1.04
CA THR A 32 -9.41 -4.47 -0.66
C THR A 32 -9.09 -3.49 0.47
N ALA A 33 -10.05 -2.64 0.80
CA ALA A 33 -9.87 -1.67 1.86
C ALA A 33 -9.34 -2.32 3.14
N GLU A 34 -9.83 -3.53 3.41
CA GLU A 34 -9.42 -4.27 4.60
C GLU A 34 -7.98 -4.77 4.45
N GLU A 35 -7.61 -5.17 3.24
CA GLU A 35 -6.28 -5.67 2.97
C GLU A 35 -5.26 -4.53 2.93
N LEU A 36 -5.71 -3.37 2.44
CA LEU A 36 -4.85 -2.20 2.36
C LEU A 36 -4.57 -1.62 3.74
N GLY A 37 -5.59 -1.60 4.58
CA GLY A 37 -5.43 -1.08 5.93
C GLY A 37 -4.46 -1.89 6.76
N THR A 38 -4.43 -3.20 6.52
CA THR A 38 -3.55 -4.09 7.27
C THR A 38 -2.11 -3.94 6.79
N VAL A 39 -1.91 -3.87 5.48
CA VAL A 39 -0.58 -3.72 4.90
C VAL A 39 -0.05 -2.31 5.10
N MET A 40 -0.95 -1.33 5.02
CA MET A 40 -0.57 0.07 5.19
C MET A 40 -0.15 0.34 6.64
N ARG A 41 -0.79 -0.34 7.58
CA ARG A 41 -0.50 -0.17 8.99
C ARG A 41 0.98 -0.42 9.27
N ALA A 42 1.56 -1.36 8.53
CA ALA A 42 2.97 -1.69 8.68
C ALA A 42 3.87 -0.59 8.15
N LEU A 43 3.33 0.22 7.24
CA LEU A 43 4.08 1.32 6.64
C LEU A 43 4.31 2.43 7.66
N GLY A 44 3.42 2.52 8.65
CA GLY A 44 3.54 3.54 9.67
C GLY A 44 2.51 3.39 10.77
N ALA A 45 1.32 2.94 10.40
CA ALA A 45 0.23 2.76 11.36
C ALA A 45 -0.14 4.07 12.03
N ASN A 46 0.14 5.18 11.34
CA ASN A 46 -0.16 6.50 11.86
C ASN A 46 -1.68 6.74 11.90
N PRO A 47 -2.32 6.67 10.72
CA PRO A 47 -3.77 6.87 10.59
C PRO A 47 -4.55 5.72 11.19
N THR A 48 -5.86 5.73 10.95
CA THR A 48 -6.75 4.68 11.47
C THR A 48 -7.43 3.93 10.34
N LYS A 49 -7.82 2.69 10.60
CA LYS A 49 -8.49 1.86 9.61
C LYS A 49 -9.69 2.61 9.01
N GLN A 50 -10.40 3.35 9.85
CA GLN A 50 -11.57 4.10 9.40
C GLN A 50 -11.15 5.27 8.51
N LYS A 51 -10.00 5.86 8.82
CA LYS A 51 -9.49 6.98 8.03
C LYS A 51 -8.93 6.51 6.69
N ILE A 52 -8.26 5.36 6.72
CA ILE A 52 -7.67 4.80 5.51
C ILE A 52 -8.75 4.27 4.57
N SER A 53 -9.77 3.65 5.14
CA SER A 53 -10.87 3.09 4.36
C SER A 53 -11.68 4.20 3.70
N GLU A 54 -11.76 5.35 4.37
CA GLU A 54 -12.52 6.48 3.85
C GLU A 54 -11.76 7.15 2.70
N ILE A 55 -10.43 7.16 2.79
CA ILE A 55 -9.60 7.75 1.76
C ILE A 55 -9.53 6.86 0.52
N VAL A 56 -9.54 5.55 0.74
CA VAL A 56 -9.48 4.60 -0.36
C VAL A 56 -10.80 4.55 -1.11
N LYS A 57 -11.90 4.63 -0.38
CA LYS A 57 -13.24 4.59 -0.98
C LYS A 57 -13.54 5.92 -1.68
N ASP A 58 -12.90 6.99 -1.22
CA ASP A 58 -13.11 8.31 -1.80
C ASP A 58 -12.14 8.54 -2.96
N TYR A 59 -10.94 7.98 -2.85
CA TYR A 59 -9.93 8.14 -3.88
C TYR A 59 -10.13 7.12 -5.01
N ASP A 60 -10.64 5.95 -4.64
CA ASP A 60 -10.89 4.89 -5.62
C ASP A 60 -12.37 4.80 -5.96
N LYS A 61 -12.92 5.89 -6.50
CA LYS A 61 -14.32 5.93 -6.87
C LYS A 61 -14.50 5.77 -8.37
N ASP A 62 -13.44 6.04 -9.12
CA ASP A 62 -13.46 5.93 -10.57
C ASP A 62 -13.10 4.51 -11.02
N ASN A 63 -12.99 3.61 -10.06
CA ASN A 63 -12.64 2.22 -10.34
C ASN A 63 -13.45 1.26 -9.47
N SER A 64 -13.08 1.17 -8.20
CA SER A 64 -13.77 0.29 -7.27
C SER A 64 -13.16 0.39 -5.88
N GLY A 65 -13.56 -0.53 -4.99
CA GLY A 65 -13.04 -0.53 -3.64
C GLY A 65 -11.85 -1.47 -3.47
N LYS A 66 -11.04 -1.58 -4.51
CA LYS A 66 -9.86 -2.44 -4.48
C LYS A 66 -8.59 -1.64 -4.69
N PHE A 67 -7.45 -2.27 -4.41
CA PHE A 67 -6.16 -1.61 -4.57
C PHE A 67 -5.28 -2.39 -5.55
N ASP A 68 -4.62 -1.66 -6.44
CA ASP A 68 -3.74 -2.28 -7.43
C ASP A 68 -2.27 -1.94 -7.16
N GLN A 69 -1.41 -2.93 -7.30
CA GLN A 69 0.02 -2.73 -7.06
C GLN A 69 0.52 -1.47 -7.76
N GLU A 70 0.12 -1.30 -9.02
CA GLU A 70 0.54 -0.14 -9.80
C GLU A 70 0.20 1.15 -9.05
N THR A 71 -0.97 1.19 -8.43
CA THR A 71 -1.42 2.36 -7.70
C THR A 71 -0.51 2.63 -6.50
N PHE A 72 -0.14 1.57 -5.80
CA PHE A 72 0.73 1.69 -4.62
C PHE A 72 2.14 2.08 -5.03
N LEU A 73 2.58 1.56 -6.17
CA LEU A 73 3.92 1.86 -6.67
C LEU A 73 4.00 3.29 -7.19
N THR A 74 2.90 3.80 -7.71
CA THR A 74 2.85 5.16 -8.22
C THR A 74 2.79 6.18 -7.09
N ILE A 75 1.99 5.88 -6.07
CA ILE A 75 1.85 6.77 -4.93
C ILE A 75 3.11 6.77 -4.07
N MET A 76 3.72 5.59 -3.94
CA MET A 76 4.93 5.46 -3.14
C MET A 76 6.14 6.06 -3.87
N LEU A 77 6.09 6.04 -5.20
CA LEU A 77 7.17 6.57 -6.01
C LEU A 77 7.08 8.10 -6.09
N GLU A 78 5.86 8.61 -6.21
CA GLU A 78 5.64 10.05 -6.28
C GLU A 78 5.84 10.71 -4.93
N TYR A 79 5.59 9.94 -3.86
CA TYR A 79 5.75 10.47 -2.51
C TYR A 79 7.22 10.49 -2.10
N GLY A 80 8.02 9.64 -2.73
CA GLY A 80 9.44 9.58 -2.42
C GLY A 80 10.26 10.45 -3.34
N GLN A 81 9.68 11.55 -3.81
CA GLN A 81 10.37 12.46 -4.71
C GLN A 81 10.56 13.83 -4.06
N GLU A 82 10.57 13.85 -2.72
CA GLU A 82 10.74 15.09 -1.99
C GLU A 82 12.00 15.82 -2.44
N VAL A 83 12.98 15.07 -2.92
CA VAL A 83 14.24 15.65 -3.38
C VAL A 83 14.02 16.44 -4.66
N ASP A 84 15.10 17.03 -5.18
CA ASP A 84 15.05 17.82 -6.39
C ASP A 84 15.54 17.02 -7.60
N SER A 85 15.47 17.62 -8.78
CA SER A 85 15.90 16.96 -10.00
C SER A 85 15.08 15.70 -10.26
CA CA B . -7.51 -11.93 -3.00
CA CA C . -8.63 3.14 -8.38
#